data_2E1B
# 
_entry.id   2E1B 
# 
_audit_conform.dict_name       mmcif_pdbx.dic 
_audit_conform.dict_version    5.388 
_audit_conform.dict_location   http://mmcif.pdb.org/dictionaries/ascii/mmcif_pdbx.dic 
# 
loop_
_database_2.database_id 
_database_2.database_code 
_database_2.pdbx_database_accession 
_database_2.pdbx_DOI 
PDB   2E1B         pdb_00002e1b 10.2210/pdb2e1b/pdb 
RCSB  RCSB026101   ?            ?                   
WWPDB D_1000026101 ?            ?                   
# 
loop_
_pdbx_audit_revision_history.ordinal 
_pdbx_audit_revision_history.data_content_type 
_pdbx_audit_revision_history.major_revision 
_pdbx_audit_revision_history.minor_revision 
_pdbx_audit_revision_history.revision_date 
1 'Structure model' 1 0 2007-03-06 
2 'Structure model' 1 1 2008-04-30 
3 'Structure model' 1 2 2011-07-13 
4 'Structure model' 1 3 2024-03-13 
# 
_pdbx_audit_revision_details.ordinal             1 
_pdbx_audit_revision_details.revision_ordinal    1 
_pdbx_audit_revision_details.data_content_type   'Structure model' 
_pdbx_audit_revision_details.provider            repository 
_pdbx_audit_revision_details.type                'Initial release' 
_pdbx_audit_revision_details.description         ? 
_pdbx_audit_revision_details.details             ? 
# 
loop_
_pdbx_audit_revision_group.ordinal 
_pdbx_audit_revision_group.revision_ordinal 
_pdbx_audit_revision_group.data_content_type 
_pdbx_audit_revision_group.group 
1 2 'Structure model' 'Version format compliance' 
2 3 'Structure model' 'Version format compliance' 
3 4 'Structure model' 'Data collection'           
4 4 'Structure model' 'Database references'       
5 4 'Structure model' 'Derived calculations'      
# 
loop_
_pdbx_audit_revision_category.ordinal 
_pdbx_audit_revision_category.revision_ordinal 
_pdbx_audit_revision_category.data_content_type 
_pdbx_audit_revision_category.category 
1 4 'Structure model' chem_comp_atom 
2 4 'Structure model' chem_comp_bond 
3 4 'Structure model' database_2     
4 4 'Structure model' struct_conn    
5 4 'Structure model' struct_site    
# 
loop_
_pdbx_audit_revision_item.ordinal 
_pdbx_audit_revision_item.revision_ordinal 
_pdbx_audit_revision_item.data_content_type 
_pdbx_audit_revision_item.item 
1  4 'Structure model' '_database_2.pdbx_DOI'                
2  4 'Structure model' '_database_2.pdbx_database_accession' 
3  4 'Structure model' '_struct_conn.ptnr1_auth_comp_id'     
4  4 'Structure model' '_struct_conn.ptnr1_auth_seq_id'      
5  4 'Structure model' '_struct_conn.ptnr1_label_asym_id'    
6  4 'Structure model' '_struct_conn.ptnr1_label_atom_id'    
7  4 'Structure model' '_struct_conn.ptnr1_label_comp_id'    
8  4 'Structure model' '_struct_conn.ptnr1_label_seq_id'     
9  4 'Structure model' '_struct_conn.ptnr2_auth_comp_id'     
10 4 'Structure model' '_struct_conn.ptnr2_auth_seq_id'      
11 4 'Structure model' '_struct_conn.ptnr2_label_asym_id'    
12 4 'Structure model' '_struct_conn.ptnr2_label_atom_id'    
13 4 'Structure model' '_struct_conn.ptnr2_label_comp_id'    
14 4 'Structure model' '_struct_conn.ptnr2_label_seq_id'     
15 4 'Structure model' '_struct_site.pdbx_auth_asym_id'      
16 4 'Structure model' '_struct_site.pdbx_auth_comp_id'      
17 4 'Structure model' '_struct_site.pdbx_auth_seq_id'       
# 
_pdbx_database_status.status_code                     REL 
_pdbx_database_status.entry_id                        2E1B 
_pdbx_database_status.recvd_initial_deposition_date   2006-10-20 
_pdbx_database_status.deposit_site                    PDBJ 
_pdbx_database_status.process_site                    PDBJ 
_pdbx_database_status.status_code_sf                  REL 
_pdbx_database_status.status_code_mr                  ? 
_pdbx_database_status.SG_entry                        Y 
_pdbx_database_status.pdb_format_compatible           Y 
_pdbx_database_status.status_code_cs                  ? 
_pdbx_database_status.status_code_nmr_data            ? 
_pdbx_database_status.methods_development_category    ? 
# 
_pdbx_database_related.db_name        TargetDB 
_pdbx_database_related.db_id          pho001000108.1 
_pdbx_database_related.details        . 
_pdbx_database_related.content_type   unspecified 
# 
loop_
_audit_author.name 
_audit_author.pdbx_ordinal 
'Fukunaga, R.'                                           1 
'Yokoyama, S.'                                           2 
'RIKEN Structural Genomics/Proteomics Initiative (RSGI)' 3 
# 
_citation.id                        primary 
_citation.title                     'Structure of the AlaX-M trans-editing enzyme from Pyrococcus horikoshii' 
_citation.journal_abbrev            'ACTA CRYSTALLOGR.,SECT.D' 
_citation.journal_volume            63 
_citation.page_first                390 
_citation.page_last                 400 
_citation.year                      2007 
_citation.journal_id_ASTM           ABCRE6 
_citation.country                   DK 
_citation.journal_id_ISSN           0907-4449 
_citation.journal_id_CSD            0766 
_citation.book_publisher            ? 
_citation.pdbx_database_id_PubMed   17327676 
_citation.pdbx_database_id_DOI      10.1107/S090744490605640X 
# 
loop_
_citation_author.citation_id 
_citation_author.name 
_citation_author.ordinal 
_citation_author.identifier_ORCID 
primary 'Fukunaga, R.' 1 ? 
primary 'Yokoyama, S.' 2 ? 
# 
loop_
_entity.id 
_entity.type 
_entity.src_method 
_entity.pdbx_description 
_entity.formula_weight 
_entity.pdbx_number_of_molecules 
_entity.pdbx_ec 
_entity.pdbx_mutation 
_entity.pdbx_fragment 
_entity.details 
1 polymer     man '216aa long hypothetical alanyl-tRNA synthetase' 25338.934 1 '6.1.1.7, 3.1.1.29' ? ? ? 
2 non-polymer syn 'ZINC ION'                                       65.409    1 ?                   ? ? ? 
# 
_entity_name_com.entity_id   1 
_entity_name_com.name        PH0108 
# 
_entity_poly.entity_id                      1 
_entity_poly.type                           'polypeptide(L)' 
_entity_poly.nstd_linkage                   no 
_entity_poly.nstd_monomer                   no 
_entity_poly.pdbx_seq_one_letter_code       
;MINMTRKLYYEDAYLKEAKGRVLEIRDNAILLDQTIFYPTGGGQPHDRGTINGVEVLDVYKDEEGNVWHVVKEPEKFKVG
DEVELKIDWDYRYKLMRIHTGLHLLEHVLNEVLGEGNWQLVGSGMSVEKGRYDIAYPENLNKYKEQIISLFNKYVDEGGE
VKIWWEGDRRYTQIRDFEVIPCGGTHVKDIKEIGHIKKLKRSSIGRGKQRLEMWLE
;
_entity_poly.pdbx_seq_one_letter_code_can   
;MINMTRKLYYEDAYLKEAKGRVLEIRDNAILLDQTIFYPTGGGQPHDRGTINGVEVLDVYKDEEGNVWHVVKEPEKFKVG
DEVELKIDWDYRYKLMRIHTGLHLLEHVLNEVLGEGNWQLVGSGMSVEKGRYDIAYPENLNKYKEQIISLFNKYVDEGGE
VKIWWEGDRRYTQIRDFEVIPCGGTHVKDIKEIGHIKKLKRSSIGRGKQRLEMWLE
;
_entity_poly.pdbx_strand_id                 A 
_entity_poly.pdbx_target_identifier         pho001000108.1 
# 
_pdbx_entity_nonpoly.entity_id   2 
_pdbx_entity_nonpoly.name        'ZINC ION' 
_pdbx_entity_nonpoly.comp_id     ZN 
# 
loop_
_entity_poly_seq.entity_id 
_entity_poly_seq.num 
_entity_poly_seq.mon_id 
_entity_poly_seq.hetero 
1 1   MET n 
1 2   ILE n 
1 3   ASN n 
1 4   MET n 
1 5   THR n 
1 6   ARG n 
1 7   LYS n 
1 8   LEU n 
1 9   TYR n 
1 10  TYR n 
1 11  GLU n 
1 12  ASP n 
1 13  ALA n 
1 14  TYR n 
1 15  LEU n 
1 16  LYS n 
1 17  GLU n 
1 18  ALA n 
1 19  LYS n 
1 20  GLY n 
1 21  ARG n 
1 22  VAL n 
1 23  LEU n 
1 24  GLU n 
1 25  ILE n 
1 26  ARG n 
1 27  ASP n 
1 28  ASN n 
1 29  ALA n 
1 30  ILE n 
1 31  LEU n 
1 32  LEU n 
1 33  ASP n 
1 34  GLN n 
1 35  THR n 
1 36  ILE n 
1 37  PHE n 
1 38  TYR n 
1 39  PRO n 
1 40  THR n 
1 41  GLY n 
1 42  GLY n 
1 43  GLY n 
1 44  GLN n 
1 45  PRO n 
1 46  HIS n 
1 47  ASP n 
1 48  ARG n 
1 49  GLY n 
1 50  THR n 
1 51  ILE n 
1 52  ASN n 
1 53  GLY n 
1 54  VAL n 
1 55  GLU n 
1 56  VAL n 
1 57  LEU n 
1 58  ASP n 
1 59  VAL n 
1 60  TYR n 
1 61  LYS n 
1 62  ASP n 
1 63  GLU n 
1 64  GLU n 
1 65  GLY n 
1 66  ASN n 
1 67  VAL n 
1 68  TRP n 
1 69  HIS n 
1 70  VAL n 
1 71  VAL n 
1 72  LYS n 
1 73  GLU n 
1 74  PRO n 
1 75  GLU n 
1 76  LYS n 
1 77  PHE n 
1 78  LYS n 
1 79  VAL n 
1 80  GLY n 
1 81  ASP n 
1 82  GLU n 
1 83  VAL n 
1 84  GLU n 
1 85  LEU n 
1 86  LYS n 
1 87  ILE n 
1 88  ASP n 
1 89  TRP n 
1 90  ASP n 
1 91  TYR n 
1 92  ARG n 
1 93  TYR n 
1 94  LYS n 
1 95  LEU n 
1 96  MET n 
1 97  ARG n 
1 98  ILE n 
1 99  HIS n 
1 100 THR n 
1 101 GLY n 
1 102 LEU n 
1 103 HIS n 
1 104 LEU n 
1 105 LEU n 
1 106 GLU n 
1 107 HIS n 
1 108 VAL n 
1 109 LEU n 
1 110 ASN n 
1 111 GLU n 
1 112 VAL n 
1 113 LEU n 
1 114 GLY n 
1 115 GLU n 
1 116 GLY n 
1 117 ASN n 
1 118 TRP n 
1 119 GLN n 
1 120 LEU n 
1 121 VAL n 
1 122 GLY n 
1 123 SER n 
1 124 GLY n 
1 125 MET n 
1 126 SER n 
1 127 VAL n 
1 128 GLU n 
1 129 LYS n 
1 130 GLY n 
1 131 ARG n 
1 132 TYR n 
1 133 ASP n 
1 134 ILE n 
1 135 ALA n 
1 136 TYR n 
1 137 PRO n 
1 138 GLU n 
1 139 ASN n 
1 140 LEU n 
1 141 ASN n 
1 142 LYS n 
1 143 TYR n 
1 144 LYS n 
1 145 GLU n 
1 146 GLN n 
1 147 ILE n 
1 148 ILE n 
1 149 SER n 
1 150 LEU n 
1 151 PHE n 
1 152 ASN n 
1 153 LYS n 
1 154 TYR n 
1 155 VAL n 
1 156 ASP n 
1 157 GLU n 
1 158 GLY n 
1 159 GLY n 
1 160 GLU n 
1 161 VAL n 
1 162 LYS n 
1 163 ILE n 
1 164 TRP n 
1 165 TRP n 
1 166 GLU n 
1 167 GLY n 
1 168 ASP n 
1 169 ARG n 
1 170 ARG n 
1 171 TYR n 
1 172 THR n 
1 173 GLN n 
1 174 ILE n 
1 175 ARG n 
1 176 ASP n 
1 177 PHE n 
1 178 GLU n 
1 179 VAL n 
1 180 ILE n 
1 181 PRO n 
1 182 CYS n 
1 183 GLY n 
1 184 GLY n 
1 185 THR n 
1 186 HIS n 
1 187 VAL n 
1 188 LYS n 
1 189 ASP n 
1 190 ILE n 
1 191 LYS n 
1 192 GLU n 
1 193 ILE n 
1 194 GLY n 
1 195 HIS n 
1 196 ILE n 
1 197 LYS n 
1 198 LYS n 
1 199 LEU n 
1 200 LYS n 
1 201 ARG n 
1 202 SER n 
1 203 SER n 
1 204 ILE n 
1 205 GLY n 
1 206 ARG n 
1 207 GLY n 
1 208 LYS n 
1 209 GLN n 
1 210 ARG n 
1 211 LEU n 
1 212 GLU n 
1 213 MET n 
1 214 TRP n 
1 215 LEU n 
1 216 GLU n 
# 
_entity_src_gen.entity_id                          1 
_entity_src_gen.pdbx_src_id                        1 
_entity_src_gen.pdbx_alt_source_flag               sample 
_entity_src_gen.pdbx_seq_type                      ? 
_entity_src_gen.pdbx_beg_seq_num                   ? 
_entity_src_gen.pdbx_end_seq_num                   ? 
_entity_src_gen.gene_src_common_name               ? 
_entity_src_gen.gene_src_genus                     Pyrococcus 
_entity_src_gen.pdbx_gene_src_gene                 ? 
_entity_src_gen.gene_src_species                   ? 
_entity_src_gen.gene_src_strain                    ? 
_entity_src_gen.gene_src_tissue                    ? 
_entity_src_gen.gene_src_tissue_fraction           ? 
_entity_src_gen.gene_src_details                   ? 
_entity_src_gen.pdbx_gene_src_fragment             ? 
_entity_src_gen.pdbx_gene_src_scientific_name      'Pyrococcus horikoshii' 
_entity_src_gen.pdbx_gene_src_ncbi_taxonomy_id     53953 
_entity_src_gen.pdbx_gene_src_variant              ? 
_entity_src_gen.pdbx_gene_src_cell_line            ? 
_entity_src_gen.pdbx_gene_src_atcc                 ? 
_entity_src_gen.pdbx_gene_src_organ                ? 
_entity_src_gen.pdbx_gene_src_organelle            ? 
_entity_src_gen.pdbx_gene_src_cell                 ? 
_entity_src_gen.pdbx_gene_src_cellular_location    ? 
_entity_src_gen.host_org_common_name               ? 
_entity_src_gen.pdbx_host_org_scientific_name      'Escherichia coli BL21(DE3)' 
_entity_src_gen.pdbx_host_org_ncbi_taxonomy_id     469008 
_entity_src_gen.host_org_genus                     Escherichia 
_entity_src_gen.pdbx_host_org_gene                 ? 
_entity_src_gen.pdbx_host_org_organ                ? 
_entity_src_gen.host_org_species                   'Escherichia coli' 
_entity_src_gen.pdbx_host_org_tissue               ? 
_entity_src_gen.pdbx_host_org_tissue_fraction      ? 
_entity_src_gen.pdbx_host_org_strain               'BL21(DE3)' 
_entity_src_gen.pdbx_host_org_variant              ? 
_entity_src_gen.pdbx_host_org_cell_line            ? 
_entity_src_gen.pdbx_host_org_atcc                 ? 
_entity_src_gen.pdbx_host_org_culture_collection   ? 
_entity_src_gen.pdbx_host_org_cell                 ? 
_entity_src_gen.pdbx_host_org_organelle            ? 
_entity_src_gen.pdbx_host_org_cellular_location    ? 
_entity_src_gen.pdbx_host_org_vector_type          plasmid 
_entity_src_gen.pdbx_host_org_vector               ? 
_entity_src_gen.host_org_details                   ? 
_entity_src_gen.expression_system_id               ? 
_entity_src_gen.plasmid_name                       pET26b 
_entity_src_gen.plasmid_details                    ? 
_entity_src_gen.pdbx_description                   ? 
# 
loop_
_chem_comp.id 
_chem_comp.type 
_chem_comp.mon_nstd_flag 
_chem_comp.name 
_chem_comp.pdbx_synonyms 
_chem_comp.formula 
_chem_comp.formula_weight 
ALA 'L-peptide linking' y ALANINE         ? 'C3 H7 N O2'     89.093  
ARG 'L-peptide linking' y ARGININE        ? 'C6 H15 N4 O2 1' 175.209 
ASN 'L-peptide linking' y ASPARAGINE      ? 'C4 H8 N2 O3'    132.118 
ASP 'L-peptide linking' y 'ASPARTIC ACID' ? 'C4 H7 N O4'     133.103 
CYS 'L-peptide linking' y CYSTEINE        ? 'C3 H7 N O2 S'   121.158 
GLN 'L-peptide linking' y GLUTAMINE       ? 'C5 H10 N2 O3'   146.144 
GLU 'L-peptide linking' y 'GLUTAMIC ACID' ? 'C5 H9 N O4'     147.129 
GLY 'peptide linking'   y GLYCINE         ? 'C2 H5 N O2'     75.067  
HIS 'L-peptide linking' y HISTIDINE       ? 'C6 H10 N3 O2 1' 156.162 
ILE 'L-peptide linking' y ISOLEUCINE      ? 'C6 H13 N O2'    131.173 
LEU 'L-peptide linking' y LEUCINE         ? 'C6 H13 N O2'    131.173 
LYS 'L-peptide linking' y LYSINE          ? 'C6 H15 N2 O2 1' 147.195 
MET 'L-peptide linking' y METHIONINE      ? 'C5 H11 N O2 S'  149.211 
PHE 'L-peptide linking' y PHENYLALANINE   ? 'C9 H11 N O2'    165.189 
PRO 'L-peptide linking' y PROLINE         ? 'C5 H9 N O2'     115.130 
SER 'L-peptide linking' y SERINE          ? 'C3 H7 N O3'     105.093 
THR 'L-peptide linking' y THREONINE       ? 'C4 H9 N O3'     119.119 
TRP 'L-peptide linking' y TRYPTOPHAN      ? 'C11 H12 N2 O2'  204.225 
TYR 'L-peptide linking' y TYROSINE        ? 'C9 H11 N O3'    181.189 
VAL 'L-peptide linking' y VALINE          ? 'C5 H11 N O2'    117.146 
ZN  non-polymer         . 'ZINC ION'      ? 'Zn 2'           65.409  
# 
loop_
_pdbx_poly_seq_scheme.asym_id 
_pdbx_poly_seq_scheme.entity_id 
_pdbx_poly_seq_scheme.seq_id 
_pdbx_poly_seq_scheme.mon_id 
_pdbx_poly_seq_scheme.ndb_seq_num 
_pdbx_poly_seq_scheme.pdb_seq_num 
_pdbx_poly_seq_scheme.auth_seq_num 
_pdbx_poly_seq_scheme.pdb_mon_id 
_pdbx_poly_seq_scheme.auth_mon_id 
_pdbx_poly_seq_scheme.pdb_strand_id 
_pdbx_poly_seq_scheme.pdb_ins_code 
_pdbx_poly_seq_scheme.hetero 
A 1 1   MET 1   1   1   MET MET A . n 
A 1 2   ILE 2   2   2   ILE ILE A . n 
A 1 3   ASN 3   3   3   ASN ASN A . n 
A 1 4   MET 4   4   4   MET MET A . n 
A 1 5   THR 5   5   5   THR THR A . n 
A 1 6   ARG 6   6   6   ARG ARG A . n 
A 1 7   LYS 7   7   7   LYS LYS A . n 
A 1 8   LEU 8   8   8   LEU LEU A . n 
A 1 9   TYR 9   9   9   TYR TYR A . n 
A 1 10  TYR 10  10  10  TYR TYR A . n 
A 1 11  GLU 11  11  11  GLU GLU A . n 
A 1 12  ASP 12  12  12  ASP ASP A . n 
A 1 13  ALA 13  13  13  ALA ALA A . n 
A 1 14  TYR 14  14  14  TYR TYR A . n 
A 1 15  LEU 15  15  15  LEU LEU A . n 
A 1 16  LYS 16  16  16  LYS LYS A . n 
A 1 17  GLU 17  17  17  GLU GLU A . n 
A 1 18  ALA 18  18  18  ALA ALA A . n 
A 1 19  LYS 19  19  19  LYS LYS A . n 
A 1 20  GLY 20  20  20  GLY GLY A . n 
A 1 21  ARG 21  21  21  ARG ARG A . n 
A 1 22  VAL 22  22  22  VAL VAL A . n 
A 1 23  LEU 23  23  23  LEU LEU A . n 
A 1 24  GLU 24  24  24  GLU GLU A . n 
A 1 25  ILE 25  25  25  ILE ILE A . n 
A 1 26  ARG 26  26  26  ARG ARG A . n 
A 1 27  ASP 27  27  27  ASP ASP A . n 
A 1 28  ASN 28  28  28  ASN ASN A . n 
A 1 29  ALA 29  29  29  ALA ALA A . n 
A 1 30  ILE 30  30  30  ILE ILE A . n 
A 1 31  LEU 31  31  31  LEU LEU A . n 
A 1 32  LEU 32  32  32  LEU LEU A . n 
A 1 33  ASP 33  33  33  ASP ASP A . n 
A 1 34  GLN 34  34  34  GLN GLN A . n 
A 1 35  THR 35  35  35  THR THR A . n 
A 1 36  ILE 36  36  36  ILE ILE A . n 
A 1 37  PHE 37  37  37  PHE PHE A . n 
A 1 38  TYR 38  38  38  TYR TYR A . n 
A 1 39  PRO 39  39  39  PRO PRO A . n 
A 1 40  THR 40  40  40  THR THR A . n 
A 1 41  GLY 41  41  41  GLY GLY A . n 
A 1 42  GLY 42  42  42  GLY GLY A . n 
A 1 43  GLY 43  43  43  GLY GLY A . n 
A 1 44  GLN 44  44  44  GLN GLN A . n 
A 1 45  PRO 45  45  45  PRO PRO A . n 
A 1 46  HIS 46  46  46  HIS HIS A . n 
A 1 47  ASP 47  47  47  ASP ASP A . n 
A 1 48  ARG 48  48  48  ARG ARG A . n 
A 1 49  GLY 49  49  49  GLY GLY A . n 
A 1 50  THR 50  50  50  THR THR A . n 
A 1 51  ILE 51  51  51  ILE ILE A . n 
A 1 52  ASN 52  52  52  ASN ASN A . n 
A 1 53  GLY 53  53  53  GLY GLY A . n 
A 1 54  VAL 54  54  54  VAL VAL A . n 
A 1 55  GLU 55  55  55  GLU GLU A . n 
A 1 56  VAL 56  56  56  VAL VAL A . n 
A 1 57  LEU 57  57  57  LEU LEU A . n 
A 1 58  ASP 58  58  58  ASP ASP A . n 
A 1 59  VAL 59  59  59  VAL VAL A . n 
A 1 60  TYR 60  60  60  TYR TYR A . n 
A 1 61  LYS 61  61  61  LYS LYS A . n 
A 1 62  ASP 62  62  62  ASP ASP A . n 
A 1 63  GLU 63  63  63  GLU GLU A . n 
A 1 64  GLU 64  64  64  GLU GLU A . n 
A 1 65  GLY 65  65  65  GLY GLY A . n 
A 1 66  ASN 66  66  66  ASN ASN A . n 
A 1 67  VAL 67  67  67  VAL VAL A . n 
A 1 68  TRP 68  68  68  TRP TRP A . n 
A 1 69  HIS 69  69  69  HIS HIS A . n 
A 1 70  VAL 70  70  70  VAL VAL A . n 
A 1 71  VAL 71  71  71  VAL VAL A . n 
A 1 72  LYS 72  72  72  LYS LYS A . n 
A 1 73  GLU 73  73  73  GLU GLU A . n 
A 1 74  PRO 74  74  74  PRO PRO A . n 
A 1 75  GLU 75  75  75  GLU GLU A . n 
A 1 76  LYS 76  76  76  LYS LYS A . n 
A 1 77  PHE 77  77  77  PHE PHE A . n 
A 1 78  LYS 78  78  78  LYS LYS A . n 
A 1 79  VAL 79  79  79  VAL VAL A . n 
A 1 80  GLY 80  80  80  GLY GLY A . n 
A 1 81  ASP 81  81  81  ASP ASP A . n 
A 1 82  GLU 82  82  82  GLU GLU A . n 
A 1 83  VAL 83  83  83  VAL VAL A . n 
A 1 84  GLU 84  84  84  GLU GLU A . n 
A 1 85  LEU 85  85  85  LEU LEU A . n 
A 1 86  LYS 86  86  86  LYS LYS A . n 
A 1 87  ILE 87  87  87  ILE ILE A . n 
A 1 88  ASP 88  88  88  ASP ASP A . n 
A 1 89  TRP 89  89  89  TRP TRP A . n 
A 1 90  ASP 90  90  90  ASP ASP A . n 
A 1 91  TYR 91  91  91  TYR TYR A . n 
A 1 92  ARG 92  92  92  ARG ARG A . n 
A 1 93  TYR 93  93  93  TYR TYR A . n 
A 1 94  LYS 94  94  94  LYS LYS A . n 
A 1 95  LEU 95  95  95  LEU LEU A . n 
A 1 96  MET 96  96  96  MET MET A . n 
A 1 97  ARG 97  97  97  ARG ARG A . n 
A 1 98  ILE 98  98  98  ILE ILE A . n 
A 1 99  HIS 99  99  99  HIS HIS A . n 
A 1 100 THR 100 100 100 THR THR A . n 
A 1 101 GLY 101 101 101 GLY GLY A . n 
A 1 102 LEU 102 102 102 LEU LEU A . n 
A 1 103 HIS 103 103 103 HIS HIS A . n 
A 1 104 LEU 104 104 104 LEU LEU A . n 
A 1 105 LEU 105 105 105 LEU LEU A . n 
A 1 106 GLU 106 106 106 GLU GLU A . n 
A 1 107 HIS 107 107 107 HIS HIS A . n 
A 1 108 VAL 108 108 108 VAL VAL A . n 
A 1 109 LEU 109 109 109 LEU LEU A . n 
A 1 110 ASN 110 110 110 ASN ASN A . n 
A 1 111 GLU 111 111 111 GLU GLU A . n 
A 1 112 VAL 112 112 112 VAL VAL A . n 
A 1 113 LEU 113 113 113 LEU LEU A . n 
A 1 114 GLY 114 114 114 GLY GLY A . n 
A 1 115 GLU 115 115 115 GLU GLU A . n 
A 1 116 GLY 116 116 116 GLY GLY A . n 
A 1 117 ASN 117 117 117 ASN ASN A . n 
A 1 118 TRP 118 118 118 TRP TRP A . n 
A 1 119 GLN 119 119 119 GLN GLN A . n 
A 1 120 LEU 120 120 120 LEU LEU A . n 
A 1 121 VAL 121 121 121 VAL VAL A . n 
A 1 122 GLY 122 122 122 GLY GLY A . n 
A 1 123 SER 123 123 123 SER SER A . n 
A 1 124 GLY 124 124 124 GLY GLY A . n 
A 1 125 MET 125 125 125 MET MET A . n 
A 1 126 SER 126 126 126 SER SER A . n 
A 1 127 VAL 127 127 127 VAL VAL A . n 
A 1 128 GLU 128 128 128 GLU GLU A . n 
A 1 129 LYS 129 129 129 LYS LYS A . n 
A 1 130 GLY 130 130 130 GLY GLY A . n 
A 1 131 ARG 131 131 131 ARG ARG A . n 
A 1 132 TYR 132 132 132 TYR TYR A . n 
A 1 133 ASP 133 133 133 ASP ASP A . n 
A 1 134 ILE 134 134 134 ILE ILE A . n 
A 1 135 ALA 135 135 135 ALA ALA A . n 
A 1 136 TYR 136 136 136 TYR TYR A . n 
A 1 137 PRO 137 137 137 PRO PRO A . n 
A 1 138 GLU 138 138 138 GLU GLU A . n 
A 1 139 ASN 139 139 139 ASN ASN A . n 
A 1 140 LEU 140 140 140 LEU LEU A . n 
A 1 141 ASN 141 141 141 ASN ASN A . n 
A 1 142 LYS 142 142 142 LYS LYS A . n 
A 1 143 TYR 143 143 143 TYR TYR A . n 
A 1 144 LYS 144 144 144 LYS LYS A . n 
A 1 145 GLU 145 145 145 GLU GLU A . n 
A 1 146 GLN 146 146 146 GLN GLN A . n 
A 1 147 ILE 147 147 147 ILE ILE A . n 
A 1 148 ILE 148 148 148 ILE ILE A . n 
A 1 149 SER 149 149 149 SER SER A . n 
A 1 150 LEU 150 150 150 LEU LEU A . n 
A 1 151 PHE 151 151 151 PHE PHE A . n 
A 1 152 ASN 152 152 152 ASN ASN A . n 
A 1 153 LYS 153 153 153 LYS LYS A . n 
A 1 154 TYR 154 154 154 TYR TYR A . n 
A 1 155 VAL 155 155 155 VAL VAL A . n 
A 1 156 ASP 156 156 156 ASP ASP A . n 
A 1 157 GLU 157 157 157 GLU GLU A . n 
A 1 158 GLY 158 158 158 GLY GLY A . n 
A 1 159 GLY 159 159 159 GLY GLY A . n 
A 1 160 GLU 160 160 160 GLU GLU A . n 
A 1 161 VAL 161 161 161 VAL VAL A . n 
A 1 162 LYS 162 162 162 LYS LYS A . n 
A 1 163 ILE 163 163 163 ILE ILE A . n 
A 1 164 TRP 164 164 164 TRP TRP A . n 
A 1 165 TRP 165 165 165 TRP TRP A . n 
A 1 166 GLU 166 166 166 GLU GLU A . n 
A 1 167 GLY 167 167 167 GLY GLY A . n 
A 1 168 ASP 168 168 168 ASP ASP A . n 
A 1 169 ARG 169 169 169 ARG ARG A . n 
A 1 170 ARG 170 170 170 ARG ARG A . n 
A 1 171 TYR 171 171 171 TYR TYR A . n 
A 1 172 THR 172 172 172 THR THR A . n 
A 1 173 GLN 173 173 173 GLN GLN A . n 
A 1 174 ILE 174 174 174 ILE ILE A . n 
A 1 175 ARG 175 175 175 ARG ARG A . n 
A 1 176 ASP 176 176 176 ASP ASP A . n 
A 1 177 PHE 177 177 177 PHE PHE A . n 
A 1 178 GLU 178 178 178 GLU GLU A . n 
A 1 179 VAL 179 179 179 VAL VAL A . n 
A 1 180 ILE 180 180 180 ILE ILE A . n 
A 1 181 PRO 181 181 181 PRO PRO A . n 
A 1 182 CYS 182 182 182 CYS CYS A . n 
A 1 183 GLY 183 183 183 GLY GLY A . n 
A 1 184 GLY 184 184 184 GLY GLY A . n 
A 1 185 THR 185 185 185 THR THR A . n 
A 1 186 HIS 186 186 186 HIS HIS A . n 
A 1 187 VAL 187 187 187 VAL VAL A . n 
A 1 188 LYS 188 188 188 LYS LYS A . n 
A 1 189 ASP 189 189 189 ASP ASP A . n 
A 1 190 ILE 190 190 190 ILE ILE A . n 
A 1 191 LYS 191 191 191 LYS LYS A . n 
A 1 192 GLU 192 192 192 GLU GLU A . n 
A 1 193 ILE 193 193 193 ILE ILE A . n 
A 1 194 GLY 194 194 194 GLY GLY A . n 
A 1 195 HIS 195 195 195 HIS HIS A . n 
A 1 196 ILE 196 196 196 ILE ILE A . n 
A 1 197 LYS 197 197 197 LYS LYS A . n 
A 1 198 LYS 198 198 198 LYS LYS A . n 
A 1 199 LEU 199 199 199 LEU LEU A . n 
A 1 200 LYS 200 200 200 LYS LYS A . n 
A 1 201 ARG 201 201 201 ARG ARG A . n 
A 1 202 SER 202 202 202 SER SER A . n 
A 1 203 SER 203 203 203 SER SER A . n 
A 1 204 ILE 204 204 204 ILE ILE A . n 
A 1 205 GLY 205 205 205 GLY GLY A . n 
A 1 206 ARG 206 206 206 ARG ARG A . n 
A 1 207 GLY 207 207 207 GLY GLY A . n 
A 1 208 LYS 208 208 208 LYS LYS A . n 
A 1 209 GLN 209 209 209 GLN GLN A . n 
A 1 210 ARG 210 210 210 ARG ARG A . n 
A 1 211 LEU 211 211 211 LEU LEU A . n 
A 1 212 GLU 212 212 212 GLU GLU A . n 
A 1 213 MET 213 213 213 MET MET A . n 
A 1 214 TRP 214 214 214 TRP TRP A . n 
A 1 215 LEU 215 215 215 LEU LEU A . n 
A 1 216 GLU 216 216 216 GLU GLU A . n 
# 
_pdbx_nonpoly_scheme.asym_id         B 
_pdbx_nonpoly_scheme.entity_id       2 
_pdbx_nonpoly_scheme.mon_id          ZN 
_pdbx_nonpoly_scheme.ndb_seq_num     1 
_pdbx_nonpoly_scheme.pdb_seq_num     300 
_pdbx_nonpoly_scheme.auth_seq_num    300 
_pdbx_nonpoly_scheme.pdb_mon_id      ZN 
_pdbx_nonpoly_scheme.auth_mon_id     ZN 
_pdbx_nonpoly_scheme.pdb_strand_id   A 
_pdbx_nonpoly_scheme.pdb_ins_code    . 
# 
loop_
_software.name 
_software.classification 
_software.version 
_software.citation_id 
_software.pdbx_ordinal 
CNS      refinement        1.1 ? 1 
HKL-2000 'data collection' .   ? 2 
HKL-2000 'data reduction'  .   ? 3 
HKL-2000 'data scaling'    .   ? 4 
MLPHARE  phasing           .   ? 5 
# 
_cell.entry_id           2E1B 
_cell.length_a           80.223 
_cell.length_b           80.223 
_cell.length_c           72.269 
_cell.angle_alpha        90.00 
_cell.angle_beta         90.00 
_cell.angle_gamma        120.00 
_cell.Z_PDB              6 
_cell.pdbx_unique_axis   ? 
_cell.length_a_esd       ? 
_cell.length_b_esd       ? 
_cell.length_c_esd       ? 
_cell.angle_alpha_esd    ? 
_cell.angle_beta_esd     ? 
_cell.angle_gamma_esd    ? 
# 
_symmetry.entry_id                         2E1B 
_symmetry.space_group_name_H-M             'P 62' 
_symmetry.pdbx_full_space_group_name_H-M   ? 
_symmetry.cell_setting                     ? 
_symmetry.Int_Tables_number                171 
_symmetry.space_group_name_Hall            ? 
# 
_exptl.entry_id          2E1B 
_exptl.method            'X-RAY DIFFRACTION' 
_exptl.crystals_number   2 
# 
_exptl_crystal.id                    1 
_exptl_crystal.density_meas          ? 
_exptl_crystal.density_Matthews      2.65 
_exptl_crystal.density_percent_sol   53.56 
_exptl_crystal.description           ? 
_exptl_crystal.F_000                 ? 
_exptl_crystal.preparation           ? 
# 
_exptl_crystal_grow.crystal_id      1 
_exptl_crystal_grow.method          'VAPOR DIFFUSION, HANGING DROP' 
_exptl_crystal_grow.temp            293 
_exptl_crystal_grow.temp_details    ? 
_exptl_crystal_grow.pH              9.0 
_exptl_crystal_grow.pdbx_details    
'100mM Bicine-NaOH buffer (pH 9.0), 22% PEG6000, 0.1M ammoniumacetate, VAPOR DIFFUSION, HANGING DROP, temperature 293K' 
_exptl_crystal_grow.pdbx_pH_range   . 
# 
loop_
_diffrn.id 
_diffrn.ambient_temp 
_diffrn.ambient_temp_details 
_diffrn.crystal_id 
1 100 ? 1 
2 ?   ? 1 
# 
loop_
_diffrn_detector.diffrn_id 
_diffrn_detector.detector 
_diffrn_detector.type 
_diffrn_detector.pdbx_collection_date 
_diffrn_detector.details 
1 CCD 'ADSC QUANTUM 315' 2006-03-27 ? 
2 CCD 'ADSC QUANTUM 315' 2005-11-10 ? 
# 
loop_
_diffrn_radiation.diffrn_id 
_diffrn_radiation.wavelength_id 
_diffrn_radiation.pdbx_monochromatic_or_laue_m_l 
_diffrn_radiation.monochromator 
_diffrn_radiation.pdbx_diffrn_protocol 
_diffrn_radiation.pdbx_scattering_type 
1 1 M ? 'SINGLE WAVELENGTH' x-ray 
2 2 M ? MAD                 x-ray 
# 
loop_
_diffrn_radiation_wavelength.id 
_diffrn_radiation_wavelength.wavelength 
_diffrn_radiation_wavelength.wt 
1 1.00   1.0 
2 0.9793 1.0 
3 0.9796 1.0 
4 0.9643 1.0 
5 0.9953 1.0 
# 
loop_
_diffrn_source.diffrn_id 
_diffrn_source.source 
_diffrn_source.type 
_diffrn_source.pdbx_synchrotron_site 
_diffrn_source.pdbx_synchrotron_beamline 
_diffrn_source.pdbx_wavelength 
_diffrn_source.pdbx_wavelength_list 
1 SYNCHROTRON 'SPRING-8 BEAMLINE BL41XU' SPring-8 BL41XU ? 1.00                             
2 SYNCHROTRON 'SPRING-8 BEAMLINE BL41XU' SPring-8 BL41XU ? '0.9793, 0.9796, 0.9643, 0.9953' 
# 
_reflns.entry_id                     2E1B 
_reflns.observed_criterion_sigma_I   ? 
_reflns.observed_criterion_sigma_F   ? 
_reflns.d_resolution_low             50 
_reflns.d_resolution_high            2.7 
_reflns.number_obs                   7167 
_reflns.number_all                   7338 
_reflns.percent_possible_obs         97.7 
_reflns.pdbx_Rmerge_I_obs            0.06 
_reflns.pdbx_Rsym_value              0.06 
_reflns.pdbx_netI_over_sigmaI        34.9 
_reflns.B_iso_Wilson_estimate        56.3 
_reflns.pdbx_redundancy              7.8 
_reflns.R_free_details               ? 
_reflns.limit_h_max                  ? 
_reflns.limit_h_min                  ? 
_reflns.limit_k_max                  ? 
_reflns.limit_k_min                  ? 
_reflns.limit_l_max                  ? 
_reflns.limit_l_min                  ? 
_reflns.observed_criterion_F_max     ? 
_reflns.observed_criterion_F_min     ? 
_reflns.pdbx_chi_squared             ? 
_reflns.pdbx_scaling_rejects         ? 
_reflns.pdbx_diffrn_id               1,2 
_reflns.pdbx_ordinal                 1 
# 
_reflns_shell.d_res_high             2.7 
_reflns_shell.d_res_low              2.8 
_reflns_shell.percent_possible_all   90.2 
_reflns_shell.Rmerge_I_obs           0.34 
_reflns_shell.pdbx_Rsym_value        0.34 
_reflns_shell.meanI_over_sigI_obs    2.0 
_reflns_shell.pdbx_redundancy        3.2 
_reflns_shell.percent_possible_obs   ? 
_reflns_shell.number_unique_all      647 
_reflns_shell.number_measured_all    ? 
_reflns_shell.number_measured_obs    ? 
_reflns_shell.number_unique_obs      ? 
_reflns_shell.pdbx_chi_squared       ? 
_reflns_shell.pdbx_diffrn_id         ? 
_reflns_shell.pdbx_ordinal           1 
# 
_refine.entry_id                                 2E1B 
_refine.ls_number_reflns_obs                     7167 
_refine.ls_number_reflns_all                     7338 
_refine.pdbx_ls_sigma_I                          ? 
_refine.pdbx_ls_sigma_F                          0.0 
_refine.pdbx_data_cutoff_high_absF               1170548.34 
_refine.pdbx_data_cutoff_low_absF                0.000000 
_refine.pdbx_data_cutoff_high_rms_absF           ? 
_refine.ls_d_res_low                             40.11 
_refine.ls_d_res_high                            2.70 
_refine.ls_percent_reflns_obs                    97.6 
_refine.ls_R_factor_obs                          0.227 
_refine.ls_R_factor_all                          ? 
_refine.ls_R_factor_R_work                       0.227 
_refine.ls_R_factor_R_free                       0.313 
_refine.ls_R_factor_R_free_error                 0.011 
_refine.ls_R_factor_R_free_error_details         ? 
_refine.ls_percent_reflns_R_free                 10.9 
_refine.ls_number_reflns_R_free                  781 
_refine.ls_number_parameters                     ? 
_refine.ls_number_restraints                     ? 
_refine.occupancy_min                            ? 
_refine.occupancy_max                            ? 
_refine.correlation_coeff_Fo_to_Fc               ? 
_refine.correlation_coeff_Fo_to_Fc_free          ? 
_refine.B_iso_mean                               82.7 
_refine.aniso_B[1][1]                            6.46 
_refine.aniso_B[2][2]                            6.46 
_refine.aniso_B[3][3]                            -12.92 
_refine.aniso_B[1][2]                            19.62 
_refine.aniso_B[1][3]                            0.00 
_refine.aniso_B[2][3]                            0.00 
_refine.solvent_model_details                    'FLAT MODEL' 
_refine.solvent_model_param_ksol                 0.265579 
_refine.solvent_model_param_bsol                 32.1543 
_refine.pdbx_solvent_vdw_probe_radii             ? 
_refine.pdbx_solvent_ion_probe_radii             ? 
_refine.pdbx_solvent_shrinkage_radii             ? 
_refine.pdbx_ls_cross_valid_method               THROUGHOUT 
_refine.details                                  ? 
_refine.pdbx_starting_model                      ? 
_refine.pdbx_method_to_determine_struct          MAD 
_refine.pdbx_isotropic_thermal_model             RESTRAINED 
_refine.pdbx_stereochemistry_target_values       ? 
_refine.pdbx_stereochem_target_val_spec_case     ? 
_refine.pdbx_R_Free_selection_details            RANDOM 
_refine.pdbx_overall_ESU_R                       ? 
_refine.pdbx_overall_ESU_R_Free                  ? 
_refine.overall_SU_ML                            ? 
_refine.overall_SU_B                             ? 
_refine.ls_redundancy_reflns_obs                 ? 
_refine.B_iso_min                                ? 
_refine.B_iso_max                                ? 
_refine.overall_SU_R_Cruickshank_DPI             ? 
_refine.overall_SU_R_free                        ? 
_refine.ls_wR_factor_R_free                      ? 
_refine.ls_wR_factor_R_work                      ? 
_refine.overall_FOM_free_R_set                   ? 
_refine.overall_FOM_work_R_set                   ? 
_refine.pdbx_refine_id                           'X-RAY DIFFRACTION' 
_refine.pdbx_diffrn_id                           1 
_refine.pdbx_TLS_residual_ADP_flag               ? 
_refine.pdbx_overall_phase_error                 ? 
_refine.pdbx_overall_SU_R_free_Cruickshank_DPI   ? 
_refine.pdbx_overall_SU_R_Blow_DPI               ? 
_refine.pdbx_overall_SU_R_free_Blow_DPI          ? 
# 
_refine_analyze.entry_id                        2E1B 
_refine_analyze.Luzzati_coordinate_error_obs    0.36 
_refine_analyze.Luzzati_sigma_a_obs             0.45 
_refine_analyze.Luzzati_d_res_low_obs           5.00 
_refine_analyze.Luzzati_coordinate_error_free   0.52 
_refine_analyze.Luzzati_sigma_a_free            0.57 
_refine_analyze.Luzzati_d_res_low_free          ? 
_refine_analyze.number_disordered_residues      ? 
_refine_analyze.occupancy_sum_hydrogen          ? 
_refine_analyze.occupancy_sum_non_hydrogen      ? 
_refine_analyze.pdbx_Luzzati_d_res_high_obs     ? 
_refine_analyze.pdbx_refine_id                  'X-RAY DIFFRACTION' 
# 
_refine_hist.pdbx_refine_id                   'X-RAY DIFFRACTION' 
_refine_hist.cycle_id                         LAST 
_refine_hist.pdbx_number_atoms_protein        1786 
_refine_hist.pdbx_number_atoms_nucleic_acid   0 
_refine_hist.pdbx_number_atoms_ligand         1 
_refine_hist.number_atoms_solvent             0 
_refine_hist.number_atoms_total               1787 
_refine_hist.d_res_high                       2.70 
_refine_hist.d_res_low                        40.11 
# 
loop_
_refine_ls_restr.type 
_refine_ls_restr.dev_ideal 
_refine_ls_restr.dev_ideal_target 
_refine_ls_restr.weight 
_refine_ls_restr.number 
_refine_ls_restr.pdbx_refine_id 
_refine_ls_restr.pdbx_restraint_function 
c_bond_d           0.006 ?    ? ? 'X-RAY DIFFRACTION' ? 
c_angle_deg        1.2   ?    ? ? 'X-RAY DIFFRACTION' ? 
c_dihedral_angle_d 23.0  ?    ? ? 'X-RAY DIFFRACTION' ? 
c_improper_angle_d 0.65  ?    ? ? 'X-RAY DIFFRACTION' ? 
c_mcbond_it        6.23  1.50 ? ? 'X-RAY DIFFRACTION' ? 
c_mcangle_it       9.00  2.00 ? ? 'X-RAY DIFFRACTION' ? 
c_scbond_it        8.52  2.00 ? ? 'X-RAY DIFFRACTION' ? 
c_scangle_it       10.96 2.50 ? ? 'X-RAY DIFFRACTION' ? 
# 
_refine_ls_shell.pdbx_total_number_of_bins_used   6 
_refine_ls_shell.d_res_high                       2.70 
_refine_ls_shell.d_res_low                        2.87 
_refine_ls_shell.number_reflns_R_work             993 
_refine_ls_shell.R_factor_R_work                  0.321 
_refine_ls_shell.percent_reflns_obs               92.1 
_refine_ls_shell.R_factor_R_free                  0.404 
_refine_ls_shell.R_factor_R_free_error            0.037 
_refine_ls_shell.percent_reflns_R_free            10.5 
_refine_ls_shell.number_reflns_R_free             117 
_refine_ls_shell.number_reflns_all                ? 
_refine_ls_shell.R_factor_all                     ? 
_refine_ls_shell.number_reflns_obs                ? 
_refine_ls_shell.redundancy_reflns_obs            ? 
_refine_ls_shell.pdbx_refine_id                   'X-RAY DIFFRACTION' 
# 
loop_
_pdbx_xplor_file.serial_no 
_pdbx_xplor_file.param_file 
_pdbx_xplor_file.topol_file 
_pdbx_xplor_file.pdbx_refine_id 
1 protein_rep.param protein.top 'X-RAY DIFFRACTION' 
2 ion.param         ion.top     'X-RAY DIFFRACTION' 
3 water_rep.param   water.top   'X-RAY DIFFRACTION' 
# 
_struct.entry_id                  2E1B 
_struct.title                     'Crystal structure of the AlaX-M trans-editing enzyme from Pyrococcus horikoshii' 
_struct.pdbx_model_details        ? 
_struct.pdbx_CASP_flag            N 
_struct.pdbx_model_type_details   ? 
# 
_struct_keywords.entry_id        2E1B 
_struct_keywords.pdbx_keywords   'LIGASE, HYDROLASE' 
_struct_keywords.text            
;zinc-binding motif, trans-editing enzyme, Structural Genomics, NPPSFA, National Project on Protein Structural and Functional Analyses, RIKEN Structural Genomics/Proteomics Initiative, RSGI, LIGASE, HYDROLASE
;
# 
loop_
_struct_asym.id 
_struct_asym.pdbx_blank_PDB_chainid_flag 
_struct_asym.pdbx_modified 
_struct_asym.entity_id 
_struct_asym.details 
A N N 1 ? 
B N N 2 ? 
# 
_struct_ref.id                         1 
_struct_ref.db_name                    UNP 
_struct_ref.db_code                    O57848_PYRHO 
_struct_ref.pdbx_db_accession          O57848 
_struct_ref.entity_id                  1 
_struct_ref.pdbx_seq_one_letter_code   
;MINMTRKLYYEDAYLKEAKGRVLEIRDNAILLDQTIFYPTGGGQPHDRGTINGVEVLDVYKDEEGNVWHVVKEPEKFKVG
DEVELKIDWDYRYKLMRIHTGLHLLEHVLNEVLGEGNWQLVGSGMSVEKGRYDIAYPENLNKYKEQIISLFNKYVDEGGE
VKIWWEGDRRYTQIRDFEVIPCGGTHVKDIKEIGHIKKLKRSSIGRGKQRLEMWLE
;
_struct_ref.pdbx_align_begin           1 
_struct_ref.pdbx_db_isoform            ? 
# 
_struct_ref_seq.align_id                      1 
_struct_ref_seq.ref_id                        1 
_struct_ref_seq.pdbx_PDB_id_code              2E1B 
_struct_ref_seq.pdbx_strand_id                A 
_struct_ref_seq.seq_align_beg                 1 
_struct_ref_seq.pdbx_seq_align_beg_ins_code   ? 
_struct_ref_seq.seq_align_end                 216 
_struct_ref_seq.pdbx_seq_align_end_ins_code   ? 
_struct_ref_seq.pdbx_db_accession             O57848 
_struct_ref_seq.db_align_beg                  1 
_struct_ref_seq.pdbx_db_align_beg_ins_code    ? 
_struct_ref_seq.db_align_end                  216 
_struct_ref_seq.pdbx_db_align_end_ins_code    ? 
_struct_ref_seq.pdbx_auth_seq_align_beg       1 
_struct_ref_seq.pdbx_auth_seq_align_end       216 
# 
_pdbx_struct_assembly.id                   1 
_pdbx_struct_assembly.details              author_defined_assembly 
_pdbx_struct_assembly.method_details       ? 
_pdbx_struct_assembly.oligomeric_details   monomeric 
_pdbx_struct_assembly.oligomeric_count     1 
# 
_pdbx_struct_assembly_gen.assembly_id       1 
_pdbx_struct_assembly_gen.oper_expression   1 
_pdbx_struct_assembly_gen.asym_id_list      A,B 
# 
_pdbx_struct_oper_list.id                   1 
_pdbx_struct_oper_list.type                 'identity operation' 
_pdbx_struct_oper_list.name                 1_555 
_pdbx_struct_oper_list.symmetry_operation   x,y,z 
_pdbx_struct_oper_list.matrix[1][1]         1.0000000000 
_pdbx_struct_oper_list.matrix[1][2]         0.0000000000 
_pdbx_struct_oper_list.matrix[1][3]         0.0000000000 
_pdbx_struct_oper_list.vector[1]            0.0000000000 
_pdbx_struct_oper_list.matrix[2][1]         0.0000000000 
_pdbx_struct_oper_list.matrix[2][2]         1.0000000000 
_pdbx_struct_oper_list.matrix[2][3]         0.0000000000 
_pdbx_struct_oper_list.vector[2]            0.0000000000 
_pdbx_struct_oper_list.matrix[3][1]         0.0000000000 
_pdbx_struct_oper_list.matrix[3][2]         0.0000000000 
_pdbx_struct_oper_list.matrix[3][3]         1.0000000000 
_pdbx_struct_oper_list.vector[3]            0.0000000000 
# 
loop_
_struct_conf.conf_type_id 
_struct_conf.id 
_struct_conf.pdbx_PDB_helix_id 
_struct_conf.beg_label_comp_id 
_struct_conf.beg_label_asym_id 
_struct_conf.beg_label_seq_id 
_struct_conf.pdbx_beg_PDB_ins_code 
_struct_conf.end_label_comp_id 
_struct_conf.end_label_asym_id 
_struct_conf.end_label_seq_id 
_struct_conf.pdbx_end_PDB_ins_code 
_struct_conf.beg_auth_comp_id 
_struct_conf.beg_auth_asym_id 
_struct_conf.beg_auth_seq_id 
_struct_conf.end_auth_comp_id 
_struct_conf.end_auth_asym_id 
_struct_conf.end_auth_seq_id 
_struct_conf.pdbx_PDB_helix_class 
_struct_conf.details 
_struct_conf.pdbx_PDB_helix_length 
HELX_P HELX_P1 1 GLU A 73  ? PHE A 77  ? GLU A 73  PHE A 77  5 ? 5  
HELX_P HELX_P2 2 ASP A 88  ? GLY A 114 ? ASP A 88  GLY A 114 1 ? 27 
HELX_P HELX_P3 3 ASN A 139 ? LYS A 142 ? ASN A 139 LYS A 142 5 ? 4  
HELX_P HELX_P4 4 TYR A 143 ? GLY A 158 ? TYR A 143 GLY A 158 1 ? 16 
HELX_P HELX_P5 5 ASP A 189 ? ILE A 193 ? ASP A 189 ILE A 193 5 ? 5  
# 
_struct_conf_type.id          HELX_P 
_struct_conf_type.criteria    ? 
_struct_conf_type.reference   ? 
# 
loop_
_struct_conn.id 
_struct_conn.conn_type_id 
_struct_conn.pdbx_leaving_atom_flag 
_struct_conn.pdbx_PDB_id 
_struct_conn.ptnr1_label_asym_id 
_struct_conn.ptnr1_label_comp_id 
_struct_conn.ptnr1_label_seq_id 
_struct_conn.ptnr1_label_atom_id 
_struct_conn.pdbx_ptnr1_label_alt_id 
_struct_conn.pdbx_ptnr1_PDB_ins_code 
_struct_conn.pdbx_ptnr1_standard_comp_id 
_struct_conn.ptnr1_symmetry 
_struct_conn.ptnr2_label_asym_id 
_struct_conn.ptnr2_label_comp_id 
_struct_conn.ptnr2_label_seq_id 
_struct_conn.ptnr2_label_atom_id 
_struct_conn.pdbx_ptnr2_label_alt_id 
_struct_conn.pdbx_ptnr2_PDB_ins_code 
_struct_conn.ptnr1_auth_asym_id 
_struct_conn.ptnr1_auth_comp_id 
_struct_conn.ptnr1_auth_seq_id 
_struct_conn.ptnr2_auth_asym_id 
_struct_conn.ptnr2_auth_comp_id 
_struct_conn.ptnr2_auth_seq_id 
_struct_conn.ptnr2_symmetry 
_struct_conn.pdbx_ptnr3_label_atom_id 
_struct_conn.pdbx_ptnr3_label_seq_id 
_struct_conn.pdbx_ptnr3_label_comp_id 
_struct_conn.pdbx_ptnr3_label_asym_id 
_struct_conn.pdbx_ptnr3_label_alt_id 
_struct_conn.pdbx_ptnr3_PDB_ins_code 
_struct_conn.details 
_struct_conn.pdbx_dist_value 
_struct_conn.pdbx_value_order 
_struct_conn.pdbx_role 
metalc1 metalc ? ? A HIS 99  NE2 ? ? ? 1_555 B ZN . ZN ? ? A HIS 99  A ZN 300 1_555 ? ? ? ? ? ? ? 2.712 ? ? 
metalc2 metalc ? ? A CYS 182 SG  ? ? ? 1_555 B ZN . ZN ? ? A CYS 182 A ZN 300 1_555 ? ? ? ? ? ? ? 2.838 ? ? 
# 
_struct_conn_type.id          metalc 
_struct_conn_type.criteria    ? 
_struct_conn_type.reference   ? 
# 
_pdbx_struct_conn_angle.id                    1 
_pdbx_struct_conn_angle.ptnr1_label_atom_id   NE2 
_pdbx_struct_conn_angle.ptnr1_label_alt_id    ? 
_pdbx_struct_conn_angle.ptnr1_label_asym_id   A 
_pdbx_struct_conn_angle.ptnr1_label_comp_id   HIS 
_pdbx_struct_conn_angle.ptnr1_label_seq_id    99 
_pdbx_struct_conn_angle.ptnr1_auth_atom_id    ? 
_pdbx_struct_conn_angle.ptnr1_auth_asym_id    A 
_pdbx_struct_conn_angle.ptnr1_auth_comp_id    HIS 
_pdbx_struct_conn_angle.ptnr1_auth_seq_id     99 
_pdbx_struct_conn_angle.ptnr1_PDB_ins_code    ? 
_pdbx_struct_conn_angle.ptnr1_symmetry        1_555 
_pdbx_struct_conn_angle.ptnr2_label_atom_id   ZN 
_pdbx_struct_conn_angle.ptnr2_label_alt_id    ? 
_pdbx_struct_conn_angle.ptnr2_label_asym_id   B 
_pdbx_struct_conn_angle.ptnr2_label_comp_id   ZN 
_pdbx_struct_conn_angle.ptnr2_label_seq_id    . 
_pdbx_struct_conn_angle.ptnr2_auth_atom_id    ? 
_pdbx_struct_conn_angle.ptnr2_auth_asym_id    A 
_pdbx_struct_conn_angle.ptnr2_auth_comp_id    ZN 
_pdbx_struct_conn_angle.ptnr2_auth_seq_id     300 
_pdbx_struct_conn_angle.ptnr2_PDB_ins_code    ? 
_pdbx_struct_conn_angle.ptnr2_symmetry        1_555 
_pdbx_struct_conn_angle.ptnr3_label_atom_id   SG 
_pdbx_struct_conn_angle.ptnr3_label_alt_id    ? 
_pdbx_struct_conn_angle.ptnr3_label_asym_id   A 
_pdbx_struct_conn_angle.ptnr3_label_comp_id   CYS 
_pdbx_struct_conn_angle.ptnr3_label_seq_id    182 
_pdbx_struct_conn_angle.ptnr3_auth_atom_id    ? 
_pdbx_struct_conn_angle.ptnr3_auth_asym_id    A 
_pdbx_struct_conn_angle.ptnr3_auth_comp_id    CYS 
_pdbx_struct_conn_angle.ptnr3_auth_seq_id     182 
_pdbx_struct_conn_angle.ptnr3_PDB_ins_code    ? 
_pdbx_struct_conn_angle.ptnr3_symmetry        1_555 
_pdbx_struct_conn_angle.value                 65.2 
_pdbx_struct_conn_angle.value_esd             ? 
# 
loop_
_struct_sheet.id 
_struct_sheet.type 
_struct_sheet.number_strands 
_struct_sheet.details 
A ? 5 ? 
B ? 4 ? 
C ? 3 ? 
# 
loop_
_struct_sheet_order.sheet_id 
_struct_sheet_order.range_id_1 
_struct_sheet_order.range_id_2 
_struct_sheet_order.offset 
_struct_sheet_order.sense 
A 1 2 ? anti-parallel 
A 2 3 ? anti-parallel 
A 3 4 ? anti-parallel 
A 4 5 ? anti-parallel 
B 1 2 ? anti-parallel 
B 2 3 ? anti-parallel 
B 3 4 ? anti-parallel 
C 1 2 ? anti-parallel 
C 2 3 ? anti-parallel 
# 
loop_
_struct_sheet_range.sheet_id 
_struct_sheet_range.id 
_struct_sheet_range.beg_label_comp_id 
_struct_sheet_range.beg_label_asym_id 
_struct_sheet_range.beg_label_seq_id 
_struct_sheet_range.pdbx_beg_PDB_ins_code 
_struct_sheet_range.end_label_comp_id 
_struct_sheet_range.end_label_asym_id 
_struct_sheet_range.end_label_seq_id 
_struct_sheet_range.pdbx_end_PDB_ins_code 
_struct_sheet_range.beg_auth_comp_id 
_struct_sheet_range.beg_auth_asym_id 
_struct_sheet_range.beg_auth_seq_id 
_struct_sheet_range.end_auth_comp_id 
_struct_sheet_range.end_auth_asym_id 
_struct_sheet_range.end_auth_seq_id 
A 1 GLU A 17  ? GLY A 20  ? GLU A 17  GLY A 20  
A 2 VAL A 83  ? ILE A 87  ? VAL A 83  ILE A 87  
A 3 GLY A 49  ? ILE A 51  ? GLY A 49  ILE A 51  
A 4 VAL A 54  ? TYR A 60  ? VAL A 54  TYR A 60  
A 5 TRP A 68  ? VAL A 71  ? TRP A 68  VAL A 71  
B 1 GLN A 119 ? GLY A 122 ? GLN A 119 GLY A 122 
B 2 LYS A 129 ? ALA A 135 ? LYS A 129 ALA A 135 
B 3 LYS A 208 ? LEU A 215 ? LYS A 208 LEU A 215 
B 4 ILE A 196 ? GLY A 205 ? ILE A 196 GLY A 205 
C 1 VAL A 161 ? TRP A 165 ? VAL A 161 TRP A 165 
C 2 ARG A 170 ? ILE A 174 ? ARG A 170 ILE A 174 
C 3 VAL A 179 ? ILE A 180 ? VAL A 179 ILE A 180 
# 
loop_
_pdbx_struct_sheet_hbond.sheet_id 
_pdbx_struct_sheet_hbond.range_id_1 
_pdbx_struct_sheet_hbond.range_id_2 
_pdbx_struct_sheet_hbond.range_1_label_atom_id 
_pdbx_struct_sheet_hbond.range_1_label_comp_id 
_pdbx_struct_sheet_hbond.range_1_label_asym_id 
_pdbx_struct_sheet_hbond.range_1_label_seq_id 
_pdbx_struct_sheet_hbond.range_1_PDB_ins_code 
_pdbx_struct_sheet_hbond.range_1_auth_atom_id 
_pdbx_struct_sheet_hbond.range_1_auth_comp_id 
_pdbx_struct_sheet_hbond.range_1_auth_asym_id 
_pdbx_struct_sheet_hbond.range_1_auth_seq_id 
_pdbx_struct_sheet_hbond.range_2_label_atom_id 
_pdbx_struct_sheet_hbond.range_2_label_comp_id 
_pdbx_struct_sheet_hbond.range_2_label_asym_id 
_pdbx_struct_sheet_hbond.range_2_label_seq_id 
_pdbx_struct_sheet_hbond.range_2_PDB_ins_code 
_pdbx_struct_sheet_hbond.range_2_auth_atom_id 
_pdbx_struct_sheet_hbond.range_2_auth_comp_id 
_pdbx_struct_sheet_hbond.range_2_auth_asym_id 
_pdbx_struct_sheet_hbond.range_2_auth_seq_id 
A 1 2 N ALA A 18  ? N ALA A 18  O LEU A 85  ? O LEU A 85  
A 2 3 O LYS A 86  ? O LYS A 86  N THR A 50  ? N THR A 50  
A 3 4 N GLY A 49  ? N GLY A 49  O VAL A 56  ? O VAL A 56  
A 4 5 N LEU A 57  ? N LEU A 57  O VAL A 70  ? O VAL A 70  
B 1 2 N VAL A 121 ? N VAL A 121 O ASP A 133 ? O ASP A 133 
B 2 3 N ILE A 134 ? N ILE A 134 O GLN A 209 ? O GLN A 209 
B 3 4 O TRP A 214 ? O TRP A 214 N LYS A 197 ? N LYS A 197 
C 1 2 N TRP A 164 ? N TRP A 164 O TYR A 171 ? O TYR A 171 
C 2 3 N THR A 172 ? N THR A 172 O ILE A 180 ? O ILE A 180 
# 
_struct_site.id                   AC1 
_struct_site.pdbx_evidence_code   Software 
_struct_site.pdbx_auth_asym_id    A 
_struct_site.pdbx_auth_comp_id    ZN 
_struct_site.pdbx_auth_seq_id     300 
_struct_site.pdbx_auth_ins_code   ? 
_struct_site.pdbx_num_residues    3 
_struct_site.details              'BINDING SITE FOR RESIDUE ZN A 300' 
# 
loop_
_struct_site_gen.id 
_struct_site_gen.site_id 
_struct_site_gen.pdbx_num_res 
_struct_site_gen.label_comp_id 
_struct_site_gen.label_asym_id 
_struct_site_gen.label_seq_id 
_struct_site_gen.pdbx_auth_ins_code 
_struct_site_gen.auth_comp_id 
_struct_site_gen.auth_asym_id 
_struct_site_gen.auth_seq_id 
_struct_site_gen.label_atom_id 
_struct_site_gen.label_alt_id 
_struct_site_gen.symmetry 
_struct_site_gen.details 
1 AC1 3 HIS A 99  ? HIS A 99  . ? 1_555 ? 
2 AC1 3 HIS A 103 ? HIS A 103 . ? 1_555 ? 
3 AC1 3 CYS A 182 ? CYS A 182 . ? 1_555 ? 
# 
loop_
_pdbx_validate_torsion.id 
_pdbx_validate_torsion.PDB_model_num 
_pdbx_validate_torsion.auth_comp_id 
_pdbx_validate_torsion.auth_asym_id 
_pdbx_validate_torsion.auth_seq_id 
_pdbx_validate_torsion.PDB_ins_code 
_pdbx_validate_torsion.label_alt_id 
_pdbx_validate_torsion.phi 
_pdbx_validate_torsion.psi 
1  1 ASN A 3   ? ? -67.33  1.48    
2  1 THR A 5   ? ? -54.69  101.76  
3  1 ASP A 12  ? ? 7.86    -74.42  
4  1 TYR A 14  ? ? 59.01   14.66   
5  1 ARG A 21  ? ? -47.87  170.16  
6  1 LEU A 23  ? ? -122.24 -156.71 
7  1 GLU A 24  ? ? -52.00  177.01  
8  1 ARG A 26  ? ? -131.85 -138.73 
9  1 ILE A 30  ? ? -151.65 68.05   
10 1 ASP A 33  ? ? -150.42 13.75   
11 1 THR A 35  ? ? 170.47  149.20  
12 1 PRO A 39  ? ? -57.48  -100.90 
13 1 THR A 40  ? ? -171.03 -172.21 
14 1 PRO A 45  ? ? -48.48  156.05  
15 1 TYR A 60  ? ? -128.44 -156.54 
16 1 VAL A 70  ? ? -55.30  107.77  
17 1 LYS A 78  ? ? -71.84  -116.82 
18 1 VAL A 79  ? ? -170.33 20.64   
19 1 ASP A 81  ? ? 169.66  -87.73  
20 1 GLU A 82  ? ? 167.90  147.27  
21 1 ASP A 88  ? ? -57.32  80.58   
22 1 LYS A 142 ? ? -64.81  19.29   
23 1 TYR A 143 ? ? -143.91 -10.90  
24 1 ARG A 175 ? ? 51.15   -123.35 
25 1 PHE A 177 ? ? -78.08  -152.40 
26 1 LYS A 198 ? ? -176.33 141.56  
27 1 ARG A 206 ? ? 58.39   11.97   
# 
_pdbx_SG_project.id                    1 
_pdbx_SG_project.project_name          'NPPSFA, National Project on Protein Structural and Functional Analyses' 
_pdbx_SG_project.full_name_of_center   'RIKEN Structural Genomics/Proteomics Initiative' 
_pdbx_SG_project.initial_of_center     RSGI 
# 
loop_
_chem_comp_atom.comp_id 
_chem_comp_atom.atom_id 
_chem_comp_atom.type_symbol 
_chem_comp_atom.pdbx_aromatic_flag 
_chem_comp_atom.pdbx_stereo_config 
_chem_comp_atom.pdbx_ordinal 
ALA N    N  N N 1   
ALA CA   C  N S 2   
ALA C    C  N N 3   
ALA O    O  N N 4   
ALA CB   C  N N 5   
ALA OXT  O  N N 6   
ALA H    H  N N 7   
ALA H2   H  N N 8   
ALA HA   H  N N 9   
ALA HB1  H  N N 10  
ALA HB2  H  N N 11  
ALA HB3  H  N N 12  
ALA HXT  H  N N 13  
ARG N    N  N N 14  
ARG CA   C  N S 15  
ARG C    C  N N 16  
ARG O    O  N N 17  
ARG CB   C  N N 18  
ARG CG   C  N N 19  
ARG CD   C  N N 20  
ARG NE   N  N N 21  
ARG CZ   C  N N 22  
ARG NH1  N  N N 23  
ARG NH2  N  N N 24  
ARG OXT  O  N N 25  
ARG H    H  N N 26  
ARG H2   H  N N 27  
ARG HA   H  N N 28  
ARG HB2  H  N N 29  
ARG HB3  H  N N 30  
ARG HG2  H  N N 31  
ARG HG3  H  N N 32  
ARG HD2  H  N N 33  
ARG HD3  H  N N 34  
ARG HE   H  N N 35  
ARG HH11 H  N N 36  
ARG HH12 H  N N 37  
ARG HH21 H  N N 38  
ARG HH22 H  N N 39  
ARG HXT  H  N N 40  
ASN N    N  N N 41  
ASN CA   C  N S 42  
ASN C    C  N N 43  
ASN O    O  N N 44  
ASN CB   C  N N 45  
ASN CG   C  N N 46  
ASN OD1  O  N N 47  
ASN ND2  N  N N 48  
ASN OXT  O  N N 49  
ASN H    H  N N 50  
ASN H2   H  N N 51  
ASN HA   H  N N 52  
ASN HB2  H  N N 53  
ASN HB3  H  N N 54  
ASN HD21 H  N N 55  
ASN HD22 H  N N 56  
ASN HXT  H  N N 57  
ASP N    N  N N 58  
ASP CA   C  N S 59  
ASP C    C  N N 60  
ASP O    O  N N 61  
ASP CB   C  N N 62  
ASP CG   C  N N 63  
ASP OD1  O  N N 64  
ASP OD2  O  N N 65  
ASP OXT  O  N N 66  
ASP H    H  N N 67  
ASP H2   H  N N 68  
ASP HA   H  N N 69  
ASP HB2  H  N N 70  
ASP HB3  H  N N 71  
ASP HD2  H  N N 72  
ASP HXT  H  N N 73  
CYS N    N  N N 74  
CYS CA   C  N R 75  
CYS C    C  N N 76  
CYS O    O  N N 77  
CYS CB   C  N N 78  
CYS SG   S  N N 79  
CYS OXT  O  N N 80  
CYS H    H  N N 81  
CYS H2   H  N N 82  
CYS HA   H  N N 83  
CYS HB2  H  N N 84  
CYS HB3  H  N N 85  
CYS HG   H  N N 86  
CYS HXT  H  N N 87  
GLN N    N  N N 88  
GLN CA   C  N S 89  
GLN C    C  N N 90  
GLN O    O  N N 91  
GLN CB   C  N N 92  
GLN CG   C  N N 93  
GLN CD   C  N N 94  
GLN OE1  O  N N 95  
GLN NE2  N  N N 96  
GLN OXT  O  N N 97  
GLN H    H  N N 98  
GLN H2   H  N N 99  
GLN HA   H  N N 100 
GLN HB2  H  N N 101 
GLN HB3  H  N N 102 
GLN HG2  H  N N 103 
GLN HG3  H  N N 104 
GLN HE21 H  N N 105 
GLN HE22 H  N N 106 
GLN HXT  H  N N 107 
GLU N    N  N N 108 
GLU CA   C  N S 109 
GLU C    C  N N 110 
GLU O    O  N N 111 
GLU CB   C  N N 112 
GLU CG   C  N N 113 
GLU CD   C  N N 114 
GLU OE1  O  N N 115 
GLU OE2  O  N N 116 
GLU OXT  O  N N 117 
GLU H    H  N N 118 
GLU H2   H  N N 119 
GLU HA   H  N N 120 
GLU HB2  H  N N 121 
GLU HB3  H  N N 122 
GLU HG2  H  N N 123 
GLU HG3  H  N N 124 
GLU HE2  H  N N 125 
GLU HXT  H  N N 126 
GLY N    N  N N 127 
GLY CA   C  N N 128 
GLY C    C  N N 129 
GLY O    O  N N 130 
GLY OXT  O  N N 131 
GLY H    H  N N 132 
GLY H2   H  N N 133 
GLY HA2  H  N N 134 
GLY HA3  H  N N 135 
GLY HXT  H  N N 136 
HIS N    N  N N 137 
HIS CA   C  N S 138 
HIS C    C  N N 139 
HIS O    O  N N 140 
HIS CB   C  N N 141 
HIS CG   C  Y N 142 
HIS ND1  N  Y N 143 
HIS CD2  C  Y N 144 
HIS CE1  C  Y N 145 
HIS NE2  N  Y N 146 
HIS OXT  O  N N 147 
HIS H    H  N N 148 
HIS H2   H  N N 149 
HIS HA   H  N N 150 
HIS HB2  H  N N 151 
HIS HB3  H  N N 152 
HIS HD1  H  N N 153 
HIS HD2  H  N N 154 
HIS HE1  H  N N 155 
HIS HE2  H  N N 156 
HIS HXT  H  N N 157 
ILE N    N  N N 158 
ILE CA   C  N S 159 
ILE C    C  N N 160 
ILE O    O  N N 161 
ILE CB   C  N S 162 
ILE CG1  C  N N 163 
ILE CG2  C  N N 164 
ILE CD1  C  N N 165 
ILE OXT  O  N N 166 
ILE H    H  N N 167 
ILE H2   H  N N 168 
ILE HA   H  N N 169 
ILE HB   H  N N 170 
ILE HG12 H  N N 171 
ILE HG13 H  N N 172 
ILE HG21 H  N N 173 
ILE HG22 H  N N 174 
ILE HG23 H  N N 175 
ILE HD11 H  N N 176 
ILE HD12 H  N N 177 
ILE HD13 H  N N 178 
ILE HXT  H  N N 179 
LEU N    N  N N 180 
LEU CA   C  N S 181 
LEU C    C  N N 182 
LEU O    O  N N 183 
LEU CB   C  N N 184 
LEU CG   C  N N 185 
LEU CD1  C  N N 186 
LEU CD2  C  N N 187 
LEU OXT  O  N N 188 
LEU H    H  N N 189 
LEU H2   H  N N 190 
LEU HA   H  N N 191 
LEU HB2  H  N N 192 
LEU HB3  H  N N 193 
LEU HG   H  N N 194 
LEU HD11 H  N N 195 
LEU HD12 H  N N 196 
LEU HD13 H  N N 197 
LEU HD21 H  N N 198 
LEU HD22 H  N N 199 
LEU HD23 H  N N 200 
LEU HXT  H  N N 201 
LYS N    N  N N 202 
LYS CA   C  N S 203 
LYS C    C  N N 204 
LYS O    O  N N 205 
LYS CB   C  N N 206 
LYS CG   C  N N 207 
LYS CD   C  N N 208 
LYS CE   C  N N 209 
LYS NZ   N  N N 210 
LYS OXT  O  N N 211 
LYS H    H  N N 212 
LYS H2   H  N N 213 
LYS HA   H  N N 214 
LYS HB2  H  N N 215 
LYS HB3  H  N N 216 
LYS HG2  H  N N 217 
LYS HG3  H  N N 218 
LYS HD2  H  N N 219 
LYS HD3  H  N N 220 
LYS HE2  H  N N 221 
LYS HE3  H  N N 222 
LYS HZ1  H  N N 223 
LYS HZ2  H  N N 224 
LYS HZ3  H  N N 225 
LYS HXT  H  N N 226 
MET N    N  N N 227 
MET CA   C  N S 228 
MET C    C  N N 229 
MET O    O  N N 230 
MET CB   C  N N 231 
MET CG   C  N N 232 
MET SD   S  N N 233 
MET CE   C  N N 234 
MET OXT  O  N N 235 
MET H    H  N N 236 
MET H2   H  N N 237 
MET HA   H  N N 238 
MET HB2  H  N N 239 
MET HB3  H  N N 240 
MET HG2  H  N N 241 
MET HG3  H  N N 242 
MET HE1  H  N N 243 
MET HE2  H  N N 244 
MET HE3  H  N N 245 
MET HXT  H  N N 246 
PHE N    N  N N 247 
PHE CA   C  N S 248 
PHE C    C  N N 249 
PHE O    O  N N 250 
PHE CB   C  N N 251 
PHE CG   C  Y N 252 
PHE CD1  C  Y N 253 
PHE CD2  C  Y N 254 
PHE CE1  C  Y N 255 
PHE CE2  C  Y N 256 
PHE CZ   C  Y N 257 
PHE OXT  O  N N 258 
PHE H    H  N N 259 
PHE H2   H  N N 260 
PHE HA   H  N N 261 
PHE HB2  H  N N 262 
PHE HB3  H  N N 263 
PHE HD1  H  N N 264 
PHE HD2  H  N N 265 
PHE HE1  H  N N 266 
PHE HE2  H  N N 267 
PHE HZ   H  N N 268 
PHE HXT  H  N N 269 
PRO N    N  N N 270 
PRO CA   C  N S 271 
PRO C    C  N N 272 
PRO O    O  N N 273 
PRO CB   C  N N 274 
PRO CG   C  N N 275 
PRO CD   C  N N 276 
PRO OXT  O  N N 277 
PRO H    H  N N 278 
PRO HA   H  N N 279 
PRO HB2  H  N N 280 
PRO HB3  H  N N 281 
PRO HG2  H  N N 282 
PRO HG3  H  N N 283 
PRO HD2  H  N N 284 
PRO HD3  H  N N 285 
PRO HXT  H  N N 286 
SER N    N  N N 287 
SER CA   C  N S 288 
SER C    C  N N 289 
SER O    O  N N 290 
SER CB   C  N N 291 
SER OG   O  N N 292 
SER OXT  O  N N 293 
SER H    H  N N 294 
SER H2   H  N N 295 
SER HA   H  N N 296 
SER HB2  H  N N 297 
SER HB3  H  N N 298 
SER HG   H  N N 299 
SER HXT  H  N N 300 
THR N    N  N N 301 
THR CA   C  N S 302 
THR C    C  N N 303 
THR O    O  N N 304 
THR CB   C  N R 305 
THR OG1  O  N N 306 
THR CG2  C  N N 307 
THR OXT  O  N N 308 
THR H    H  N N 309 
THR H2   H  N N 310 
THR HA   H  N N 311 
THR HB   H  N N 312 
THR HG1  H  N N 313 
THR HG21 H  N N 314 
THR HG22 H  N N 315 
THR HG23 H  N N 316 
THR HXT  H  N N 317 
TRP N    N  N N 318 
TRP CA   C  N S 319 
TRP C    C  N N 320 
TRP O    O  N N 321 
TRP CB   C  N N 322 
TRP CG   C  Y N 323 
TRP CD1  C  Y N 324 
TRP CD2  C  Y N 325 
TRP NE1  N  Y N 326 
TRP CE2  C  Y N 327 
TRP CE3  C  Y N 328 
TRP CZ2  C  Y N 329 
TRP CZ3  C  Y N 330 
TRP CH2  C  Y N 331 
TRP OXT  O  N N 332 
TRP H    H  N N 333 
TRP H2   H  N N 334 
TRP HA   H  N N 335 
TRP HB2  H  N N 336 
TRP HB3  H  N N 337 
TRP HD1  H  N N 338 
TRP HE1  H  N N 339 
TRP HE3  H  N N 340 
TRP HZ2  H  N N 341 
TRP HZ3  H  N N 342 
TRP HH2  H  N N 343 
TRP HXT  H  N N 344 
TYR N    N  N N 345 
TYR CA   C  N S 346 
TYR C    C  N N 347 
TYR O    O  N N 348 
TYR CB   C  N N 349 
TYR CG   C  Y N 350 
TYR CD1  C  Y N 351 
TYR CD2  C  Y N 352 
TYR CE1  C  Y N 353 
TYR CE2  C  Y N 354 
TYR CZ   C  Y N 355 
TYR OH   O  N N 356 
TYR OXT  O  N N 357 
TYR H    H  N N 358 
TYR H2   H  N N 359 
TYR HA   H  N N 360 
TYR HB2  H  N N 361 
TYR HB3  H  N N 362 
TYR HD1  H  N N 363 
TYR HD2  H  N N 364 
TYR HE1  H  N N 365 
TYR HE2  H  N N 366 
TYR HH   H  N N 367 
TYR HXT  H  N N 368 
VAL N    N  N N 369 
VAL CA   C  N S 370 
VAL C    C  N N 371 
VAL O    O  N N 372 
VAL CB   C  N N 373 
VAL CG1  C  N N 374 
VAL CG2  C  N N 375 
VAL OXT  O  N N 376 
VAL H    H  N N 377 
VAL H2   H  N N 378 
VAL HA   H  N N 379 
VAL HB   H  N N 380 
VAL HG11 H  N N 381 
VAL HG12 H  N N 382 
VAL HG13 H  N N 383 
VAL HG21 H  N N 384 
VAL HG22 H  N N 385 
VAL HG23 H  N N 386 
VAL HXT  H  N N 387 
ZN  ZN   ZN N N 388 
# 
loop_
_chem_comp_bond.comp_id 
_chem_comp_bond.atom_id_1 
_chem_comp_bond.atom_id_2 
_chem_comp_bond.value_order 
_chem_comp_bond.pdbx_aromatic_flag 
_chem_comp_bond.pdbx_stereo_config 
_chem_comp_bond.pdbx_ordinal 
ALA N   CA   sing N N 1   
ALA N   H    sing N N 2   
ALA N   H2   sing N N 3   
ALA CA  C    sing N N 4   
ALA CA  CB   sing N N 5   
ALA CA  HA   sing N N 6   
ALA C   O    doub N N 7   
ALA C   OXT  sing N N 8   
ALA CB  HB1  sing N N 9   
ALA CB  HB2  sing N N 10  
ALA CB  HB3  sing N N 11  
ALA OXT HXT  sing N N 12  
ARG N   CA   sing N N 13  
ARG N   H    sing N N 14  
ARG N   H2   sing N N 15  
ARG CA  C    sing N N 16  
ARG CA  CB   sing N N 17  
ARG CA  HA   sing N N 18  
ARG C   O    doub N N 19  
ARG C   OXT  sing N N 20  
ARG CB  CG   sing N N 21  
ARG CB  HB2  sing N N 22  
ARG CB  HB3  sing N N 23  
ARG CG  CD   sing N N 24  
ARG CG  HG2  sing N N 25  
ARG CG  HG3  sing N N 26  
ARG CD  NE   sing N N 27  
ARG CD  HD2  sing N N 28  
ARG CD  HD3  sing N N 29  
ARG NE  CZ   sing N N 30  
ARG NE  HE   sing N N 31  
ARG CZ  NH1  sing N N 32  
ARG CZ  NH2  doub N N 33  
ARG NH1 HH11 sing N N 34  
ARG NH1 HH12 sing N N 35  
ARG NH2 HH21 sing N N 36  
ARG NH2 HH22 sing N N 37  
ARG OXT HXT  sing N N 38  
ASN N   CA   sing N N 39  
ASN N   H    sing N N 40  
ASN N   H2   sing N N 41  
ASN CA  C    sing N N 42  
ASN CA  CB   sing N N 43  
ASN CA  HA   sing N N 44  
ASN C   O    doub N N 45  
ASN C   OXT  sing N N 46  
ASN CB  CG   sing N N 47  
ASN CB  HB2  sing N N 48  
ASN CB  HB3  sing N N 49  
ASN CG  OD1  doub N N 50  
ASN CG  ND2  sing N N 51  
ASN ND2 HD21 sing N N 52  
ASN ND2 HD22 sing N N 53  
ASN OXT HXT  sing N N 54  
ASP N   CA   sing N N 55  
ASP N   H    sing N N 56  
ASP N   H2   sing N N 57  
ASP CA  C    sing N N 58  
ASP CA  CB   sing N N 59  
ASP CA  HA   sing N N 60  
ASP C   O    doub N N 61  
ASP C   OXT  sing N N 62  
ASP CB  CG   sing N N 63  
ASP CB  HB2  sing N N 64  
ASP CB  HB3  sing N N 65  
ASP CG  OD1  doub N N 66  
ASP CG  OD2  sing N N 67  
ASP OD2 HD2  sing N N 68  
ASP OXT HXT  sing N N 69  
CYS N   CA   sing N N 70  
CYS N   H    sing N N 71  
CYS N   H2   sing N N 72  
CYS CA  C    sing N N 73  
CYS CA  CB   sing N N 74  
CYS CA  HA   sing N N 75  
CYS C   O    doub N N 76  
CYS C   OXT  sing N N 77  
CYS CB  SG   sing N N 78  
CYS CB  HB2  sing N N 79  
CYS CB  HB3  sing N N 80  
CYS SG  HG   sing N N 81  
CYS OXT HXT  sing N N 82  
GLN N   CA   sing N N 83  
GLN N   H    sing N N 84  
GLN N   H2   sing N N 85  
GLN CA  C    sing N N 86  
GLN CA  CB   sing N N 87  
GLN CA  HA   sing N N 88  
GLN C   O    doub N N 89  
GLN C   OXT  sing N N 90  
GLN CB  CG   sing N N 91  
GLN CB  HB2  sing N N 92  
GLN CB  HB3  sing N N 93  
GLN CG  CD   sing N N 94  
GLN CG  HG2  sing N N 95  
GLN CG  HG3  sing N N 96  
GLN CD  OE1  doub N N 97  
GLN CD  NE2  sing N N 98  
GLN NE2 HE21 sing N N 99  
GLN NE2 HE22 sing N N 100 
GLN OXT HXT  sing N N 101 
GLU N   CA   sing N N 102 
GLU N   H    sing N N 103 
GLU N   H2   sing N N 104 
GLU CA  C    sing N N 105 
GLU CA  CB   sing N N 106 
GLU CA  HA   sing N N 107 
GLU C   O    doub N N 108 
GLU C   OXT  sing N N 109 
GLU CB  CG   sing N N 110 
GLU CB  HB2  sing N N 111 
GLU CB  HB3  sing N N 112 
GLU CG  CD   sing N N 113 
GLU CG  HG2  sing N N 114 
GLU CG  HG3  sing N N 115 
GLU CD  OE1  doub N N 116 
GLU CD  OE2  sing N N 117 
GLU OE2 HE2  sing N N 118 
GLU OXT HXT  sing N N 119 
GLY N   CA   sing N N 120 
GLY N   H    sing N N 121 
GLY N   H2   sing N N 122 
GLY CA  C    sing N N 123 
GLY CA  HA2  sing N N 124 
GLY CA  HA3  sing N N 125 
GLY C   O    doub N N 126 
GLY C   OXT  sing N N 127 
GLY OXT HXT  sing N N 128 
HIS N   CA   sing N N 129 
HIS N   H    sing N N 130 
HIS N   H2   sing N N 131 
HIS CA  C    sing N N 132 
HIS CA  CB   sing N N 133 
HIS CA  HA   sing N N 134 
HIS C   O    doub N N 135 
HIS C   OXT  sing N N 136 
HIS CB  CG   sing N N 137 
HIS CB  HB2  sing N N 138 
HIS CB  HB3  sing N N 139 
HIS CG  ND1  sing Y N 140 
HIS CG  CD2  doub Y N 141 
HIS ND1 CE1  doub Y N 142 
HIS ND1 HD1  sing N N 143 
HIS CD2 NE2  sing Y N 144 
HIS CD2 HD2  sing N N 145 
HIS CE1 NE2  sing Y N 146 
HIS CE1 HE1  sing N N 147 
HIS NE2 HE2  sing N N 148 
HIS OXT HXT  sing N N 149 
ILE N   CA   sing N N 150 
ILE N   H    sing N N 151 
ILE N   H2   sing N N 152 
ILE CA  C    sing N N 153 
ILE CA  CB   sing N N 154 
ILE CA  HA   sing N N 155 
ILE C   O    doub N N 156 
ILE C   OXT  sing N N 157 
ILE CB  CG1  sing N N 158 
ILE CB  CG2  sing N N 159 
ILE CB  HB   sing N N 160 
ILE CG1 CD1  sing N N 161 
ILE CG1 HG12 sing N N 162 
ILE CG1 HG13 sing N N 163 
ILE CG2 HG21 sing N N 164 
ILE CG2 HG22 sing N N 165 
ILE CG2 HG23 sing N N 166 
ILE CD1 HD11 sing N N 167 
ILE CD1 HD12 sing N N 168 
ILE CD1 HD13 sing N N 169 
ILE OXT HXT  sing N N 170 
LEU N   CA   sing N N 171 
LEU N   H    sing N N 172 
LEU N   H2   sing N N 173 
LEU CA  C    sing N N 174 
LEU CA  CB   sing N N 175 
LEU CA  HA   sing N N 176 
LEU C   O    doub N N 177 
LEU C   OXT  sing N N 178 
LEU CB  CG   sing N N 179 
LEU CB  HB2  sing N N 180 
LEU CB  HB3  sing N N 181 
LEU CG  CD1  sing N N 182 
LEU CG  CD2  sing N N 183 
LEU CG  HG   sing N N 184 
LEU CD1 HD11 sing N N 185 
LEU CD1 HD12 sing N N 186 
LEU CD1 HD13 sing N N 187 
LEU CD2 HD21 sing N N 188 
LEU CD2 HD22 sing N N 189 
LEU CD2 HD23 sing N N 190 
LEU OXT HXT  sing N N 191 
LYS N   CA   sing N N 192 
LYS N   H    sing N N 193 
LYS N   H2   sing N N 194 
LYS CA  C    sing N N 195 
LYS CA  CB   sing N N 196 
LYS CA  HA   sing N N 197 
LYS C   O    doub N N 198 
LYS C   OXT  sing N N 199 
LYS CB  CG   sing N N 200 
LYS CB  HB2  sing N N 201 
LYS CB  HB3  sing N N 202 
LYS CG  CD   sing N N 203 
LYS CG  HG2  sing N N 204 
LYS CG  HG3  sing N N 205 
LYS CD  CE   sing N N 206 
LYS CD  HD2  sing N N 207 
LYS CD  HD3  sing N N 208 
LYS CE  NZ   sing N N 209 
LYS CE  HE2  sing N N 210 
LYS CE  HE3  sing N N 211 
LYS NZ  HZ1  sing N N 212 
LYS NZ  HZ2  sing N N 213 
LYS NZ  HZ3  sing N N 214 
LYS OXT HXT  sing N N 215 
MET N   CA   sing N N 216 
MET N   H    sing N N 217 
MET N   H2   sing N N 218 
MET CA  C    sing N N 219 
MET CA  CB   sing N N 220 
MET CA  HA   sing N N 221 
MET C   O    doub N N 222 
MET C   OXT  sing N N 223 
MET CB  CG   sing N N 224 
MET CB  HB2  sing N N 225 
MET CB  HB3  sing N N 226 
MET CG  SD   sing N N 227 
MET CG  HG2  sing N N 228 
MET CG  HG3  sing N N 229 
MET SD  CE   sing N N 230 
MET CE  HE1  sing N N 231 
MET CE  HE2  sing N N 232 
MET CE  HE3  sing N N 233 
MET OXT HXT  sing N N 234 
PHE N   CA   sing N N 235 
PHE N   H    sing N N 236 
PHE N   H2   sing N N 237 
PHE CA  C    sing N N 238 
PHE CA  CB   sing N N 239 
PHE CA  HA   sing N N 240 
PHE C   O    doub N N 241 
PHE C   OXT  sing N N 242 
PHE CB  CG   sing N N 243 
PHE CB  HB2  sing N N 244 
PHE CB  HB3  sing N N 245 
PHE CG  CD1  doub Y N 246 
PHE CG  CD2  sing Y N 247 
PHE CD1 CE1  sing Y N 248 
PHE CD1 HD1  sing N N 249 
PHE CD2 CE2  doub Y N 250 
PHE CD2 HD2  sing N N 251 
PHE CE1 CZ   doub Y N 252 
PHE CE1 HE1  sing N N 253 
PHE CE2 CZ   sing Y N 254 
PHE CE2 HE2  sing N N 255 
PHE CZ  HZ   sing N N 256 
PHE OXT HXT  sing N N 257 
PRO N   CA   sing N N 258 
PRO N   CD   sing N N 259 
PRO N   H    sing N N 260 
PRO CA  C    sing N N 261 
PRO CA  CB   sing N N 262 
PRO CA  HA   sing N N 263 
PRO C   O    doub N N 264 
PRO C   OXT  sing N N 265 
PRO CB  CG   sing N N 266 
PRO CB  HB2  sing N N 267 
PRO CB  HB3  sing N N 268 
PRO CG  CD   sing N N 269 
PRO CG  HG2  sing N N 270 
PRO CG  HG3  sing N N 271 
PRO CD  HD2  sing N N 272 
PRO CD  HD3  sing N N 273 
PRO OXT HXT  sing N N 274 
SER N   CA   sing N N 275 
SER N   H    sing N N 276 
SER N   H2   sing N N 277 
SER CA  C    sing N N 278 
SER CA  CB   sing N N 279 
SER CA  HA   sing N N 280 
SER C   O    doub N N 281 
SER C   OXT  sing N N 282 
SER CB  OG   sing N N 283 
SER CB  HB2  sing N N 284 
SER CB  HB3  sing N N 285 
SER OG  HG   sing N N 286 
SER OXT HXT  sing N N 287 
THR N   CA   sing N N 288 
THR N   H    sing N N 289 
THR N   H2   sing N N 290 
THR CA  C    sing N N 291 
THR CA  CB   sing N N 292 
THR CA  HA   sing N N 293 
THR C   O    doub N N 294 
THR C   OXT  sing N N 295 
THR CB  OG1  sing N N 296 
THR CB  CG2  sing N N 297 
THR CB  HB   sing N N 298 
THR OG1 HG1  sing N N 299 
THR CG2 HG21 sing N N 300 
THR CG2 HG22 sing N N 301 
THR CG2 HG23 sing N N 302 
THR OXT HXT  sing N N 303 
TRP N   CA   sing N N 304 
TRP N   H    sing N N 305 
TRP N   H2   sing N N 306 
TRP CA  C    sing N N 307 
TRP CA  CB   sing N N 308 
TRP CA  HA   sing N N 309 
TRP C   O    doub N N 310 
TRP C   OXT  sing N N 311 
TRP CB  CG   sing N N 312 
TRP CB  HB2  sing N N 313 
TRP CB  HB3  sing N N 314 
TRP CG  CD1  doub Y N 315 
TRP CG  CD2  sing Y N 316 
TRP CD1 NE1  sing Y N 317 
TRP CD1 HD1  sing N N 318 
TRP CD2 CE2  doub Y N 319 
TRP CD2 CE3  sing Y N 320 
TRP NE1 CE2  sing Y N 321 
TRP NE1 HE1  sing N N 322 
TRP CE2 CZ2  sing Y N 323 
TRP CE3 CZ3  doub Y N 324 
TRP CE3 HE3  sing N N 325 
TRP CZ2 CH2  doub Y N 326 
TRP CZ2 HZ2  sing N N 327 
TRP CZ3 CH2  sing Y N 328 
TRP CZ3 HZ3  sing N N 329 
TRP CH2 HH2  sing N N 330 
TRP OXT HXT  sing N N 331 
TYR N   CA   sing N N 332 
TYR N   H    sing N N 333 
TYR N   H2   sing N N 334 
TYR CA  C    sing N N 335 
TYR CA  CB   sing N N 336 
TYR CA  HA   sing N N 337 
TYR C   O    doub N N 338 
TYR C   OXT  sing N N 339 
TYR CB  CG   sing N N 340 
TYR CB  HB2  sing N N 341 
TYR CB  HB3  sing N N 342 
TYR CG  CD1  doub Y N 343 
TYR CG  CD2  sing Y N 344 
TYR CD1 CE1  sing Y N 345 
TYR CD1 HD1  sing N N 346 
TYR CD2 CE2  doub Y N 347 
TYR CD2 HD2  sing N N 348 
TYR CE1 CZ   doub Y N 349 
TYR CE1 HE1  sing N N 350 
TYR CE2 CZ   sing Y N 351 
TYR CE2 HE2  sing N N 352 
TYR CZ  OH   sing N N 353 
TYR OH  HH   sing N N 354 
TYR OXT HXT  sing N N 355 
VAL N   CA   sing N N 356 
VAL N   H    sing N N 357 
VAL N   H2   sing N N 358 
VAL CA  C    sing N N 359 
VAL CA  CB   sing N N 360 
VAL CA  HA   sing N N 361 
VAL C   O    doub N N 362 
VAL C   OXT  sing N N 363 
VAL CB  CG1  sing N N 364 
VAL CB  CG2  sing N N 365 
VAL CB  HB   sing N N 366 
VAL CG1 HG11 sing N N 367 
VAL CG1 HG12 sing N N 368 
VAL CG1 HG13 sing N N 369 
VAL CG2 HG21 sing N N 370 
VAL CG2 HG22 sing N N 371 
VAL CG2 HG23 sing N N 372 
VAL OXT HXT  sing N N 373 
# 
_atom_sites.entry_id                    2E1B 
_atom_sites.fract_transf_matrix[1][1]   -0.00467304 
_atom_sites.fract_transf_matrix[1][2]   0.00258717 
_atom_sites.fract_transf_matrix[1][3]   0.01336571 
_atom_sites.fract_transf_matrix[2][1]   -0.01227692 
_atom_sites.fract_transf_matrix[2][2]   0.00722655 
_atom_sites.fract_transf_matrix[2][3]   0.00205951 
_atom_sites.fract_transf_matrix[3][1]   -0.00703796 
_atom_sites.fract_transf_matrix[3][2]   -0.01191242 
_atom_sites.fract_transf_matrix[3][3]   -0.00015481 
_atom_sites.fract_transf_vector[1]      0.717409 
_atom_sites.fract_transf_vector[2]      0.657116 
_atom_sites.fract_transf_vector[3]      1.112864 
# 
loop_
_atom_type.symbol 
C  
N  
O  
S  
ZN 
# 
loop_
_atom_site.group_PDB 
_atom_site.id 
_atom_site.type_symbol 
_atom_site.label_atom_id 
_atom_site.label_alt_id 
_atom_site.label_comp_id 
_atom_site.label_asym_id 
_atom_site.label_entity_id 
_atom_site.label_seq_id 
_atom_site.pdbx_PDB_ins_code 
_atom_site.Cartn_x 
_atom_site.Cartn_y 
_atom_site.Cartn_z 
_atom_site.occupancy 
_atom_site.B_iso_or_equiv 
_atom_site.pdbx_formal_charge 
_atom_site.auth_seq_id 
_atom_site.auth_comp_id 
_atom_site.auth_asym_id 
_atom_site.auth_atom_id 
_atom_site.pdbx_PDB_model_num 
ATOM   1    N  N   . MET A 1 1   ? -6.801  8.955   -23.372 1.00 121.97 ? 1   MET A N   1 
ATOM   2    C  CA  . MET A 1 1   ? -7.697  7.766   -23.307 1.00 122.46 ? 1   MET A CA  1 
ATOM   3    C  C   . MET A 1 1   ? -8.439  7.709   -21.966 1.00 125.62 ? 1   MET A C   1 
ATOM   4    O  O   . MET A 1 1   ? -7.824  7.593   -20.904 1.00 123.55 ? 1   MET A O   1 
ATOM   5    C  CB  . MET A 1 1   ? -6.877  6.486   -23.526 1.00 116.62 ? 1   MET A CB  1 
ATOM   6    C  CG  . MET A 1 1   ? -5.695  6.307   -22.574 1.00 105.78 ? 1   MET A CG  1 
ATOM   7    S  SD  . MET A 1 1   ? -4.681  4.848   -22.955 1.00 98.73  ? 1   MET A SD  1 
ATOM   8    C  CE  . MET A 1 1   ? -5.805  3.523   -22.510 1.00 73.01  ? 1   MET A CE  1 
ATOM   9    N  N   . ILE A 1 2   ? -9.765  7.795   -22.026 1.00 126.47 ? 2   ILE A N   1 
ATOM   10   C  CA  . ILE A 1 2   ? -10.588 7.773   -20.820 1.00 129.00 ? 2   ILE A CA  1 
ATOM   11   C  C   . ILE A 1 2   ? -11.318 6.438   -20.623 1.00 129.13 ? 2   ILE A C   1 
ATOM   12   O  O   . ILE A 1 2   ? -12.085 6.268   -19.669 1.00 125.48 ? 2   ILE A O   1 
ATOM   13   C  CB  . ILE A 1 2   ? -11.603 8.953   -20.836 1.00 129.59 ? 2   ILE A CB  1 
ATOM   14   C  CG1 . ILE A 1 2   ? -10.839 10.277  -20.943 1.00 126.69 ? 2   ILE A CG1 1 
ATOM   15   C  CG2 . ILE A 1 2   ? -12.447 8.961   -19.562 1.00 129.38 ? 2   ILE A CG2 1 
ATOM   16   C  CD1 . ILE A 1 2   ? -11.715 11.508  -20.874 1.00 132.91 ? 2   ILE A CD1 1 
ATOM   17   N  N   . ASN A 1 3   ? -11.068 5.484   -21.518 1.00 124.27 ? 3   ASN A N   1 
ATOM   18   C  CA  . ASN A 1 3   ? -11.688 4.162   -21.409 1.00 118.24 ? 3   ASN A CA  1 
ATOM   19   C  C   . ASN A 1 3   ? -11.125 3.466   -20.169 1.00 114.13 ? 3   ASN A C   1 
ATOM   20   O  O   . ASN A 1 3   ? -11.463 2.319   -19.866 1.00 105.68 ? 3   ASN A O   1 
ATOM   21   C  CB  . ASN A 1 3   ? -11.385 3.323   -22.656 1.00 110.56 ? 3   ASN A CB  1 
ATOM   22   C  CG  . ASN A 1 3   ? -12.061 1.960   -22.622 1.00 104.68 ? 3   ASN A CG  1 
ATOM   23   O  OD1 . ASN A 1 3   ? -13.286 1.864   -22.559 1.00 98.88  ? 3   ASN A OD1 1 
ATOM   24   N  ND2 . ASN A 1 3   ? -11.260 0.898   -22.665 1.00 107.27 ? 3   ASN A ND2 1 
ATOM   25   N  N   . MET A 1 4   ? -10.256 4.180   -19.460 1.00 111.95 ? 4   MET A N   1 
ATOM   26   C  CA  . MET A 1 4   ? -9.635  3.664   -18.254 1.00 108.90 ? 4   MET A CA  1 
ATOM   27   C  C   . MET A 1 4   ? -10.257 4.372   -17.049 1.00 101.21 ? 4   MET A C   1 
ATOM   28   O  O   . MET A 1 4   ? -10.288 5.604   -16.985 1.00 91.06  ? 4   MET A O   1 
ATOM   29   C  CB  . MET A 1 4   ? -8.125  3.921   -18.302 1.00 117.30 ? 4   MET A CB  1 
ATOM   30   C  CG  . MET A 1 4   ? -7.273  2.816   -17.684 1.00 126.74 ? 4   MET A CG  1 
ATOM   31   S  SD  . MET A 1 4   ? -7.592  2.527   -15.930 1.00 136.28 ? 4   MET A SD  1 
ATOM   32   C  CE  . MET A 1 4   ? -6.613  3.845   -15.196 1.00 127.49 ? 4   MET A CE  1 
ATOM   33   N  N   . THR A 1 5   ? -10.764 3.583   -16.107 1.00 93.88  ? 5   THR A N   1 
ATOM   34   C  CA  . THR A 1 5   ? -11.389 4.118   -14.902 1.00 96.50  ? 5   THR A CA  1 
ATOM   35   C  C   . THR A 1 5   ? -10.475 5.069   -14.152 1.00 94.31  ? 5   THR A C   1 
ATOM   36   O  O   . THR A 1 5   ? -9.577  4.622   -13.441 1.00 99.92  ? 5   THR A O   1 
ATOM   37   C  CB  . THR A 1 5   ? -11.776 2.997   -13.924 1.00 99.74  ? 5   THR A CB  1 
ATOM   38   O  OG1 . THR A 1 5   ? -11.941 3.549   -12.612 1.00 97.68  ? 5   THR A OG1 1 
ATOM   39   C  CG2 . THR A 1 5   ? -10.700 1.931   -13.884 1.00 90.70  ? 5   THR A CG2 1 
ATOM   40   N  N   . ARG A 1 6   ? -10.701 6.372   -14.298 1.00 89.21  ? 6   ARG A N   1 
ATOM   41   C  CA  . ARG A 1 6   ? -9.872  7.345   -13.599 1.00 87.37  ? 6   ARG A CA  1 
ATOM   42   C  C   . ARG A 1 6   ? -9.718  6.911   -12.148 1.00 92.92  ? 6   ARG A C   1 
ATOM   43   O  O   . ARG A 1 6   ? -10.644 6.340   -11.568 1.00 93.00  ? 6   ARG A O   1 
ATOM   44   C  CB  . ARG A 1 6   ? -10.499 8.737   -13.650 1.00 75.91  ? 6   ARG A CB  1 
ATOM   45   C  CG  . ARG A 1 6   ? -9.784  9.748   -12.764 1.00 83.81  ? 6   ARG A CG  1 
ATOM   46   C  CD  . ARG A 1 6   ? -10.360 11.152  -12.907 1.00 94.95  ? 6   ARG A CD  1 
ATOM   47   N  NE  . ARG A 1 6   ? -9.671  12.121  -12.055 1.00 92.28  ? 6   ARG A NE  1 
ATOM   48   C  CZ  . ARG A 1 6   ? -10.031 13.396  -11.923 1.00 98.15  ? 6   ARG A CZ  1 
ATOM   49   N  NH1 . ARG A 1 6   ? -9.339  14.199  -11.124 1.00 97.29  ? 6   ARG A NH1 1 
ATOM   50   N  NH2 . ARG A 1 6   ? -11.081 13.871  -12.582 1.00 97.16  ? 6   ARG A NH2 1 
ATOM   51   N  N   . LYS A 1 7   ? -8.542  7.170   -11.575 1.00 98.29  ? 7   LYS A N   1 
ATOM   52   C  CA  . LYS A 1 7   ? -8.248  6.804   -10.189 1.00 95.86  ? 7   LYS A CA  1 
ATOM   53   C  C   . LYS A 1 7   ? -7.951  8.053   -9.363  1.00 91.87  ? 7   LYS A C   1 
ATOM   54   O  O   . LYS A 1 7   ? -7.297  8.979   -9.835  1.00 82.33  ? 7   LYS A O   1 
ATOM   55   C  CB  . LYS A 1 7   ? -7.044  5.858   -10.134 1.00 98.69  ? 7   LYS A CB  1 
ATOM   56   C  CG  . LYS A 1 7   ? -7.131  4.651   -11.073 1.00 93.80  ? 7   LYS A CG  1 
ATOM   57   C  CD  . LYS A 1 7   ? -5.863  3.798   -10.978 1.00 91.98  ? 7   LYS A CD  1 
ATOM   58   C  CE  . LYS A 1 7   ? -5.724  2.803   -12.131 1.00 79.52  ? 7   LYS A CE  1 
ATOM   59   N  NZ  . LYS A 1 7   ? -6.819  1.797   -12.184 1.00 65.63  ? 7   LYS A NZ  1 
ATOM   60   N  N   . LEU A 1 8   ? -8.432  8.072   -8.124  1.00 96.72  ? 8   LEU A N   1 
ATOM   61   C  CA  . LEU A 1 8   ? -8.223  9.223   -7.253  1.00 96.39  ? 8   LEU A CA  1 
ATOM   62   C  C   . LEU A 1 8   ? -7.183  8.975   -6.167  1.00 101.78 ? 8   LEU A C   1 
ATOM   63   O  O   . LEU A 1 8   ? -6.417  9.877   -5.821  1.00 100.52 ? 8   LEU A O   1 
ATOM   64   C  CB  . LEU A 1 8   ? -9.543  9.641   -6.598  1.00 102.90 ? 8   LEU A CB  1 
ATOM   65   C  CG  . LEU A 1 8   ? -10.623 10.279  -7.481  1.00 107.51 ? 8   LEU A CG  1 
ATOM   66   C  CD1 . LEU A 1 8   ? -10.073 11.557  -8.103  1.00 112.57 ? 8   LEU A CD1 1 
ATOM   67   C  CD2 . LEU A 1 8   ? -11.074 9.305   -8.560  1.00 110.59 ? 8   LEU A CD2 1 
ATOM   68   N  N   . TYR A 1 9   ? -7.158  7.758   -5.630  1.00 98.24  ? 9   TYR A N   1 
ATOM   69   C  CA  . TYR A 1 9   ? -6.215  7.416   -4.574  1.00 89.98  ? 9   TYR A CA  1 
ATOM   70   C  C   . TYR A 1 9   ? -4.769  7.663   -4.978  1.00 95.44  ? 9   TYR A C   1 
ATOM   71   O  O   . TYR A 1 9   ? -3.945  8.011   -4.138  1.00 100.62 ? 9   TYR A O   1 
ATOM   72   C  CB  . TYR A 1 9   ? -6.389  5.961   -4.151  1.00 87.29  ? 9   TYR A CB  1 
ATOM   73   C  CG  . TYR A 1 9   ? -6.414  4.993   -5.302  1.00 84.61  ? 9   TYR A CG  1 
ATOM   74   C  CD1 . TYR A 1 9   ? -7.569  4.283   -5.607  1.00 79.87  ? 9   TYR A CD1 1 
ATOM   75   C  CD2 . TYR A 1 9   ? -5.285  4.782   -6.088  1.00 79.01  ? 9   TYR A CD2 1 
ATOM   76   C  CE1 . TYR A 1 9   ? -7.601  3.390   -6.660  1.00 80.04  ? 9   TYR A CE1 1 
ATOM   77   C  CE2 . TYR A 1 9   ? -5.307  3.890   -7.146  1.00 72.75  ? 9   TYR A CE2 1 
ATOM   78   C  CZ  . TYR A 1 9   ? -6.466  3.197   -7.425  1.00 75.53  ? 9   TYR A CZ  1 
ATOM   79   O  OH  . TYR A 1 9   ? -6.496  2.302   -8.464  1.00 84.65  ? 9   TYR A OH  1 
ATOM   80   N  N   . TYR A 1 10  ? -4.447  7.474   -6.255  1.00 91.04  ? 10  TYR A N   1 
ATOM   81   C  CA  . TYR A 1 10  ? -3.081  7.721   -6.697  1.00 93.22  ? 10  TYR A CA  1 
ATOM   82   C  C   . TYR A 1 10  ? -2.789  9.208   -6.496  1.00 94.76  ? 10  TYR A C   1 
ATOM   83   O  O   . TYR A 1 10  ? -1.634  9.614   -6.354  1.00 94.52  ? 10  TYR A O   1 
ATOM   84   C  CB  . TYR A 1 10  ? -2.906  7.320   -8.163  1.00 96.88  ? 10  TYR A CB  1 
ATOM   85   C  CG  . TYR A 1 10  ? -2.539  5.859   -8.378  1.00 94.27  ? 10  TYR A CG  1 
ATOM   86   C  CD1 . TYR A 1 10  ? -2.589  5.292   -9.653  1.00 97.75  ? 10  TYR A CD1 1 
ATOM   87   C  CD2 . TYR A 1 10  ? -2.128  5.049   -7.317  1.00 84.84  ? 10  TYR A CD2 1 
ATOM   88   C  CE1 . TYR A 1 10  ? -2.242  3.959   -9.870  1.00 87.77  ? 10  TYR A CE1 1 
ATOM   89   C  CE2 . TYR A 1 10  ? -1.778  3.711   -7.526  1.00 88.88  ? 10  TYR A CE2 1 
ATOM   90   C  CZ  . TYR A 1 10  ? -1.839  3.176   -8.806  1.00 91.14  ? 10  TYR A CZ  1 
ATOM   91   O  OH  . TYR A 1 10  ? -1.500  1.859   -9.029  1.00 92.63  ? 10  TYR A OH  1 
ATOM   92   N  N   . GLU A 1 11  ? -3.852  10.009  -6.483  1.00 93.20  ? 11  GLU A N   1 
ATOM   93   C  CA  . GLU A 1 11  ? -3.751  11.448  -6.252  1.00 89.82  ? 11  GLU A CA  1 
ATOM   94   C  C   . GLU A 1 11  ? -4.200  11.696  -4.817  1.00 88.72  ? 11  GLU A C   1 
ATOM   95   O  O   . GLU A 1 11  ? -4.165  12.823  -4.319  1.00 78.27  ? 11  GLU A O   1 
ATOM   96   C  CB  . GLU A 1 11  ? -4.646  12.222  -7.218  1.00 87.29  ? 11  GLU A CB  1 
ATOM   97   C  CG  . GLU A 1 11  ? -4.081  12.323  -8.616  1.00 100.24 ? 11  GLU A CG  1 
ATOM   98   C  CD  . GLU A 1 11  ? -2.682  12.912  -8.630  1.00 104.91 ? 11  GLU A CD  1 
ATOM   99   O  OE1 . GLU A 1 11  ? -2.497  14.002  -8.048  1.00 102.90 ? 11  GLU A OE1 1 
ATOM   100  O  OE2 . GLU A 1 11  ? -1.769  12.288  -9.220  1.00 100.61 ? 11  GLU A OE2 1 
ATOM   101  N  N   . ASP A 1 12  ? -4.609  10.604  -4.174  1.00 84.76  ? 12  ASP A N   1 
ATOM   102  C  CA  . ASP A 1 12  ? -5.075  10.576  -2.795  1.00 92.28  ? 12  ASP A CA  1 
ATOM   103  C  C   . ASP A 1 12  ? -5.248  11.934  -2.150  1.00 100.00 ? 12  ASP A C   1 
ATOM   104  O  O   . ASP A 1 12  ? -6.371  12.401  -1.972  1.00 109.25 ? 12  ASP A O   1 
ATOM   105  C  CB  . ASP A 1 12  ? -4.120  9.749   -1.924  1.00 97.16  ? 12  ASP A CB  1 
ATOM   106  C  CG  . ASP A 1 12  ? -4.693  9.448   -0.546  1.00 105.23 ? 12  ASP A CG  1 
ATOM   107  O  OD1 . ASP A 1 12  ? -3.934  9.000   0.338   1.00 105.96 ? 12  ASP A OD1 1 
ATOM   108  O  OD2 . ASP A 1 12  ? -5.908  9.650   -0.347  1.00 114.10 ? 12  ASP A OD2 1 
ATOM   109  N  N   . ALA A 1 13  ? -4.131  12.569  -1.804  1.00 104.79 ? 13  ALA A N   1 
ATOM   110  C  CA  . ALA A 1 13  ? -4.185  13.854  -1.122  1.00 109.59 ? 13  ALA A CA  1 
ATOM   111  C  C   . ALA A 1 13  ? -5.018  13.534  0.116   1.00 118.34 ? 13  ALA A C   1 
ATOM   112  O  O   . ALA A 1 13  ? -5.707  14.395  0.669   1.00 125.37 ? 13  ALA A O   1 
ATOM   113  C  CB  . ALA A 1 13  ? -4.879  14.899  -1.986  1.00 102.19 ? 13  ALA A CB  1 
ATOM   114  N  N   . TYR A 1 14  ? -4.952  12.263  0.514   1.00 116.48 ? 14  TYR A N   1 
ATOM   115  C  CA  . TYR A 1 14  ? -5.667  11.732  1.669   1.00 109.86 ? 14  TYR A CA  1 
ATOM   116  C  C   . TYR A 1 14  ? -7.183  11.885  1.590   1.00 105.29 ? 14  TYR A C   1 
ATOM   117  O  O   . TYR A 1 14  ? -7.865  11.726  2.601   1.00 102.65 ? 14  TYR A O   1 
ATOM   118  C  CB  . TYR A 1 14  ? -5.179  12.399  2.955   1.00 113.48 ? 14  TYR A CB  1 
ATOM   119  C  CG  . TYR A 1 14  ? -3.728  12.156  3.294   1.00 108.72 ? 14  TYR A CG  1 
ATOM   120  C  CD1 . TYR A 1 14  ? -2.709  12.609  2.460   1.00 106.09 ? 14  TYR A CD1 1 
ATOM   121  C  CD2 . TYR A 1 14  ? -3.374  11.515  4.479   1.00 108.63 ? 14  TYR A CD2 1 
ATOM   122  C  CE1 . TYR A 1 14  ? -1.372  12.434  2.802   1.00 107.87 ? 14  TYR A CE1 1 
ATOM   123  C  CE2 . TYR A 1 14  ? -2.043  11.336  4.831   1.00 110.49 ? 14  TYR A CE2 1 
ATOM   124  C  CZ  . TYR A 1 14  ? -1.047  11.799  3.990   1.00 105.66 ? 14  TYR A CZ  1 
ATOM   125  O  OH  . TYR A 1 14  ? 0.269   11.643  4.349   1.00 93.33  ? 14  TYR A OH  1 
ATOM   126  N  N   . LEU A 1 15  ? -7.721  12.189  0.411   1.00 100.85 ? 15  LEU A N   1 
ATOM   127  C  CA  . LEU A 1 15  ? -9.169  12.358  0.297   1.00 106.22 ? 15  LEU A CA  1 
ATOM   128  C  C   . LEU A 1 15  ? -9.884  11.088  0.759   1.00 112.69 ? 15  LEU A C   1 
ATOM   129  O  O   . LEU A 1 15  ? -9.636  9.999   0.235   1.00 112.85 ? 15  LEU A O   1 
ATOM   130  C  CB  . LEU A 1 15  ? -9.574  12.730  -1.146  1.00 87.72  ? 15  LEU A CB  1 
ATOM   131  C  CG  . LEU A 1 15  ? -9.661  11.742  -2.319  1.00 90.05  ? 15  LEU A CG  1 
ATOM   132  C  CD1 . LEU A 1 15  ? -10.867 10.831  -2.156  1.00 73.51  ? 15  LEU A CD1 1 
ATOM   133  C  CD2 . LEU A 1 15  ? -9.803  12.522  -3.631  1.00 65.96  ? 15  LEU A CD2 1 
ATOM   134  N  N   . LYS A 1 16  ? -10.754 11.231  1.759   1.00 115.74 ? 16  LYS A N   1 
ATOM   135  C  CA  . LYS A 1 16  ? -11.498 10.097  2.304   1.00 120.73 ? 16  LYS A CA  1 
ATOM   136  C  C   . LYS A 1 16  ? -12.755 9.750   1.507   1.00 125.12 ? 16  LYS A C   1 
ATOM   137  O  O   . LYS A 1 16  ? -12.923 8.614   1.058   1.00 128.50 ? 16  LYS A O   1 
ATOM   138  C  CB  . LYS A 1 16  ? -11.895 10.361  3.762   1.00 117.41 ? 16  LYS A CB  1 
ATOM   139  C  CG  . LYS A 1 16  ? -10.757 10.322  4.775   1.00 117.38 ? 16  LYS A CG  1 
ATOM   140  C  CD  . LYS A 1 16  ? -9.942  11.606  4.790   1.00 123.08 ? 16  LYS A CD  1 
ATOM   141  C  CE  . LYS A 1 16  ? -9.037  11.655  6.019   1.00 123.35 ? 16  LYS A CE  1 
ATOM   142  N  NZ  . LYS A 1 16  ? -8.239  12.909  6.125   1.00 124.52 ? 16  LYS A NZ  1 
ATOM   143  N  N   . GLU A 1 17  ? -13.643 10.727  1.343   1.00 126.87 ? 17  GLU A N   1 
ATOM   144  C  CA  . GLU A 1 17  ? -14.885 10.512  0.611   1.00 127.47 ? 17  GLU A CA  1 
ATOM   145  C  C   . GLU A 1 17  ? -14.812 11.047  -0.810  1.00 127.05 ? 17  GLU A C   1 
ATOM   146  O  O   . GLU A 1 17  ? -14.252 12.117  -1.058  1.00 120.35 ? 17  GLU A O   1 
ATOM   147  C  CB  . GLU A 1 17  ? -16.052 11.173  1.343   1.00 132.32 ? 17  GLU A CB  1 
ATOM   148  C  CG  . GLU A 1 17  ? -16.276 10.643  2.745   1.00 143.36 ? 17  GLU A CG  1 
ATOM   149  C  CD  . GLU A 1 17  ? -17.454 11.299  3.428   1.00 148.15 ? 17  GLU A CD  1 
ATOM   150  O  OE1 . GLU A 1 17  ? -17.461 12.544  3.532   1.00 150.93 ? 17  GLU A OE1 1 
ATOM   151  O  OE2 . GLU A 1 17  ? -18.371 10.569  3.863   1.00 145.87 ? 17  GLU A OE2 1 
ATOM   152  N  N   . ALA A 1 18  ? -15.394 10.296  -1.740  1.00 127.81 ? 18  ALA A N   1 
ATOM   153  C  CA  . ALA A 1 18  ? -15.400 10.683  -3.142  1.00 125.21 ? 18  ALA A CA  1 
ATOM   154  C  C   . ALA A 1 18  ? -16.781 10.503  -3.754  1.00 124.10 ? 18  ALA A C   1 
ATOM   155  O  O   . ALA A 1 18  ? -17.675 9.928   -3.139  1.00 121.23 ? 18  ALA A O   1 
ATOM   156  C  CB  . ALA A 1 18  ? -14.383 9.856   -3.909  1.00 132.12 ? 18  ALA A CB  1 
ATOM   157  N  N   . LYS A 1 19  ? -16.943 11.001  -4.973  1.00 122.29 ? 19  LYS A N   1 
ATOM   158  C  CA  . LYS A 1 19  ? -18.206 10.898  -5.688  1.00 122.45 ? 19  LYS A CA  1 
ATOM   159  C  C   . LYS A 1 19  ? -17.936 10.874  -7.185  1.00 123.26 ? 19  LYS A C   1 
ATOM   160  O  O   . LYS A 1 19  ? -17.265 11.761  -7.716  1.00 120.24 ? 19  LYS A O   1 
ATOM   161  C  CB  . LYS A 1 19  ? -19.111 12.084  -5.334  1.00 123.07 ? 19  LYS A CB  1 
ATOM   162  C  CG  . LYS A 1 19  ? -20.386 12.176  -6.166  1.00 118.62 ? 19  LYS A CG  1 
ATOM   163  C  CD  . LYS A 1 19  ? -21.263 13.340  -5.722  1.00 110.13 ? 19  LYS A CD  1 
ATOM   164  C  CE  . LYS A 1 19  ? -21.997 13.036  -4.420  1.00 108.13 ? 19  LYS A CE  1 
ATOM   165  N  NZ  . LYS A 1 19  ? -22.997 11.935  -4.566  1.00 92.25  ? 19  LYS A NZ  1 
ATOM   166  N  N   . GLY A 1 20  ? -18.456 9.854   -7.860  1.00 124.25 ? 20  GLY A N   1 
ATOM   167  C  CA  . GLY A 1 20  ? -18.255 9.738   -9.293  1.00 127.87 ? 20  GLY A CA  1 
ATOM   168  C  C   . GLY A 1 20  ? -19.337 8.937   -9.989  1.00 127.98 ? 20  GLY A C   1 
ATOM   169  O  O   . GLY A 1 20  ? -19.936 8.042   -9.389  1.00 127.21 ? 20  GLY A O   1 
ATOM   170  N  N   . ARG A 1 21  ? -19.582 9.258   -11.259 1.00 127.33 ? 21  ARG A N   1 
ATOM   171  C  CA  . ARG A 1 21  ? -20.602 8.580   -12.055 1.00 121.76 ? 21  ARG A CA  1 
ATOM   172  C  C   . ARG A 1 21  ? -20.491 7.059   -11.930 1.00 121.02 ? 21  ARG A C   1 
ATOM   173  O  O   . ARG A 1 21  ? -19.521 6.540   -11.375 1.00 127.00 ? 21  ARG A O   1 
ATOM   174  C  CB  . ARG A 1 21  ? -20.481 8.972   -13.537 1.00 117.83 ? 21  ARG A CB  1 
ATOM   175  C  CG  . ARG A 1 21  ? -20.731 10.446  -13.871 1.00 105.24 ? 21  ARG A CG  1 
ATOM   176  C  CD  . ARG A 1 21  ? -19.509 11.331  -13.621 1.00 103.10 ? 21  ARG A CD  1 
ATOM   177  N  NE  . ARG A 1 21  ? -19.336 11.673  -12.211 1.00 104.99 ? 21  ARG A NE  1 
ATOM   178  C  CZ  . ARG A 1 21  ? -18.363 12.445  -11.736 1.00 96.65  ? 21  ARG A CZ  1 
ATOM   179  N  NH1 . ARG A 1 21  ? -18.295 12.698  -10.435 1.00 94.36  ? 21  ARG A NH1 1 
ATOM   180  N  NH2 . ARG A 1 21  ? -17.455 12.964  -12.554 1.00 90.28  ? 21  ARG A NH2 1 
ATOM   181  N  N   . VAL A 1 22  ? -21.489 6.351   -12.448 1.00 115.60 ? 22  VAL A N   1 
ATOM   182  C  CA  . VAL A 1 22  ? -21.502 4.893   -12.403 1.00 107.86 ? 22  VAL A CA  1 
ATOM   183  C  C   . VAL A 1 22  ? -21.511 4.322   -13.816 1.00 109.48 ? 22  VAL A C   1 
ATOM   184  O  O   . VAL A 1 22  ? -22.039 4.938   -14.744 1.00 109.27 ? 22  VAL A O   1 
ATOM   185  C  CB  . VAL A 1 22  ? -22.744 4.363   -11.648 1.00 105.03 ? 22  VAL A CB  1 
ATOM   186  C  CG1 . VAL A 1 22  ? -22.752 2.835   -11.649 1.00 92.37  ? 22  VAL A CG1 1 
ATOM   187  C  CG2 . VAL A 1 22  ? -22.753 4.897   -10.223 1.00 97.84  ? 22  VAL A CG2 1 
ATOM   188  N  N   . LEU A 1 23  ? -20.919 3.144   -13.977 1.00 109.66 ? 23  LEU A N   1 
ATOM   189  C  CA  . LEU A 1 23  ? -20.872 2.490   -15.278 1.00 107.30 ? 23  LEU A CA  1 
ATOM   190  C  C   . LEU A 1 23  ? -21.519 1.113   -15.192 1.00 109.45 ? 23  LEU A C   1 
ATOM   191  O  O   . LEU A 1 23  ? -22.332 0.873   -14.298 1.00 113.70 ? 23  LEU A O   1 
ATOM   192  C  CB  . LEU A 1 23  ? -19.425 2.399   -15.766 1.00 100.59 ? 23  LEU A CB  1 
ATOM   193  C  CG  . LEU A 1 23  ? -18.807 3.785   -15.992 1.00 100.90 ? 23  LEU A CG  1 
ATOM   194  C  CD1 . LEU A 1 23  ? -17.371 3.652   -16.479 1.00 106.54 ? 23  LEU A CD1 1 
ATOM   195  C  CD2 . LEU A 1 23  ? -19.647 4.555   -17.008 1.00 80.13  ? 23  LEU A CD2 1 
ATOM   196  N  N   . GLU A 1 24  ? -21.161 0.209   -16.102 1.00 110.28 ? 24  GLU A N   1 
ATOM   197  C  CA  . GLU A 1 24  ? -21.763 -1.126  -16.116 1.00 113.49 ? 24  GLU A CA  1 
ATOM   198  C  C   . GLU A 1 24  ? -21.724 -1.872  -14.781 1.00 116.78 ? 24  GLU A C   1 
ATOM   199  O  O   . GLU A 1 24  ? -21.173 -1.386  -13.789 1.00 117.61 ? 24  GLU A O   1 
ATOM   200  C  CB  . GLU A 1 24  ? -21.123 -2.002  -17.200 1.00 106.20 ? 24  GLU A CB  1 
ATOM   201  C  CG  . GLU A 1 24  ? -19.763 -2.571  -16.838 1.00 111.96 ? 24  GLU A CG  1 
ATOM   202  C  CD  . GLU A 1 24  ? -19.456 -3.862  -17.582 1.00 107.45 ? 24  GLU A CD  1 
ATOM   203  O  OE1 . GLU A 1 24  ? -20.181 -4.861  -17.370 1.00 85.52  ? 24  GLU A OE1 1 
ATOM   204  O  OE2 . GLU A 1 24  ? -18.491 -3.874  -18.377 1.00 104.78 ? 24  GLU A OE2 1 
ATOM   205  N  N   . ILE A 1 25  ? -22.324 -3.060  -14.772 1.00 119.06 ? 25  ILE A N   1 
ATOM   206  C  CA  . ILE A 1 25  ? -22.388 -3.905  -13.584 1.00 119.85 ? 25  ILE A CA  1 
ATOM   207  C  C   . ILE A 1 25  ? -22.347 -5.379  -13.988 1.00 120.99 ? 25  ILE A C   1 
ATOM   208  O  O   . ILE A 1 25  ? -22.577 -5.721  -15.147 1.00 126.66 ? 25  ILE A O   1 
ATOM   209  C  CB  . ILE A 1 25  ? -23.694 -3.660  -12.790 1.00 120.28 ? 25  ILE A CB  1 
ATOM   210  C  CG1 . ILE A 1 25  ? -24.902 -4.102  -13.624 1.00 126.00 ? 25  ILE A CG1 1 
ATOM   211  C  CG2 . ILE A 1 25  ? -23.818 -2.186  -12.431 1.00 112.65 ? 25  ILE A CG2 1 
ATOM   212  C  CD1 . ILE A 1 25  ? -26.234 -3.979  -12.908 1.00 128.26 ? 25  ILE A CD1 1 
ATOM   213  N  N   . ARG A 1 26  ? -22.053 -6.247  -13.027 1.00 121.21 ? 26  ARG A N   1 
ATOM   214  C  CA  . ARG A 1 26  ? -21.991 -7.682  -13.281 1.00 126.73 ? 26  ARG A CA  1 
ATOM   215  C  C   . ARG A 1 26  ? -22.804 -8.351  -12.174 1.00 128.85 ? 26  ARG A C   1 
ATOM   216  O  O   . ARG A 1 26  ? -23.873 -7.857  -11.814 1.00 131.73 ? 26  ARG A O   1 
ATOM   217  C  CB  . ARG A 1 26  ? -20.534 -8.159  -13.246 1.00 129.93 ? 26  ARG A CB  1 
ATOM   218  C  CG  . ARG A 1 26  ? -20.277 -9.474  -13.974 1.00 132.99 ? 26  ARG A CG  1 
ATOM   219  C  CD  . ARG A 1 26  ? -20.576 -9.351  -15.464 1.00 134.65 ? 26  ARG A CD  1 
ATOM   220  N  NE  . ARG A 1 26  ? -19.746 -8.339  -16.116 1.00 130.82 ? 26  ARG A NE  1 
ATOM   221  C  CZ  . ARG A 1 26  ? -18.436 -8.457  -16.314 1.00 131.10 ? 26  ARG A CZ  1 
ATOM   222  N  NH1 . ARG A 1 26  ? -17.766 -7.481  -16.914 1.00 133.85 ? 26  ARG A NH1 1 
ATOM   223  N  NH2 . ARG A 1 26  ? -17.797 -9.548  -15.919 1.00 130.47 ? 26  ARG A NH2 1 
ATOM   224  N  N   . ASP A 1 27  ? -22.317 -9.466  -11.636 1.00 128.98 ? 27  ASP A N   1 
ATOM   225  C  CA  . ASP A 1 27  ? -23.028 -10.134 -10.552 1.00 126.67 ? 27  ASP A CA  1 
ATOM   226  C  C   . ASP A 1 27  ? -22.991 -9.205  -9.343  1.00 123.47 ? 27  ASP A C   1 
ATOM   227  O  O   . ASP A 1 27  ? -24.030 -8.796  -8.825  1.00 126.19 ? 27  ASP A O   1 
ATOM   228  C  CB  . ASP A 1 27  ? -22.365 -11.469 -10.197 1.00 131.19 ? 27  ASP A CB  1 
ATOM   229  C  CG  . ASP A 1 27  ? -22.493 -12.498 -11.303 1.00 135.51 ? 27  ASP A CG  1 
ATOM   230  O  OD1 . ASP A 1 27  ? -22.098 -13.662 -11.077 1.00 136.23 ? 27  ASP A OD1 1 
ATOM   231  O  OD2 . ASP A 1 27  ? -22.986 -12.147 -12.396 1.00 135.28 ? 27  ASP A OD2 1 
ATOM   232  N  N   . ASN A 1 28  ? -21.781 -8.872  -8.904  1.00 116.84 ? 28  ASN A N   1 
ATOM   233  C  CA  . ASN A 1 28  ? -21.599 -7.977  -7.768  1.00 114.93 ? 28  ASN A CA  1 
ATOM   234  C  C   . ASN A 1 28  ? -20.709 -6.814  -8.187  1.00 112.67 ? 28  ASN A C   1 
ATOM   235  O  O   . ASN A 1 28  ? -20.661 -5.780  -7.518  1.00 111.49 ? 28  ASN A O   1 
ATOM   236  C  CB  . ASN A 1 28  ? -20.955 -8.720  -6.593  1.00 104.59 ? 28  ASN A CB  1 
ATOM   237  C  CG  . ASN A 1 28  ? -21.731 -9.956  -6.192  1.00 95.25  ? 28  ASN A CG  1 
ATOM   238  O  OD1 . ASN A 1 28  ? -22.931 -9.892  -5.926  1.00 86.15  ? 28  ASN A OD1 1 
ATOM   239  N  ND2 . ASN A 1 28  ? -21.046 -11.091 -6.145  1.00 93.96  ? 28  ASN A ND2 1 
ATOM   240  N  N   . ALA A 1 29  ? -20.006 -6.995  -9.303  1.00 110.15 ? 29  ALA A N   1 
ATOM   241  C  CA  . ALA A 1 29  ? -19.110 -5.971  -9.827  1.00 110.42 ? 29  ALA A CA  1 
ATOM   242  C  C   . ALA A 1 29  ? -19.837 -4.641  -10.017 1.00 109.43 ? 29  ALA A C   1 
ATOM   243  O  O   . ALA A 1 29  ? -21.063 -4.602  -10.133 1.00 105.63 ? 29  ALA A O   1 
ATOM   244  C  CB  . ALA A 1 29  ? -18.511 -6.435  -11.146 1.00 105.48 ? 29  ALA A CB  1 
ATOM   245  N  N   . ILE A 1 30  ? -19.073 -3.553  -10.045 1.00 105.75 ? 30  ILE A N   1 
ATOM   246  C  CA  . ILE A 1 30  ? -19.638 -2.218  -10.215 1.00 104.25 ? 30  ILE A CA  1 
ATOM   247  C  C   . ILE A 1 30  ? -18.630 -1.291  -10.890 1.00 104.65 ? 30  ILE A C   1 
ATOM   248  O  O   . ILE A 1 30  ? -18.123 -0.354  -10.272 1.00 101.48 ? 30  ILE A O   1 
ATOM   249  C  CB  . ILE A 1 30  ? -20.033 -1.604  -8.853  1.00 102.79 ? 30  ILE A CB  1 
ATOM   250  C  CG1 . ILE A 1 30  ? -21.005 -2.533  -8.121  1.00 103.92 ? 30  ILE A CG1 1 
ATOM   251  C  CG2 . ILE A 1 30  ? -20.671 -0.238  -9.065  1.00 102.72 ? 30  ILE A CG2 1 
ATOM   252  C  CD1 . ILE A 1 30  ? -21.426 -2.034  -6.753  1.00 107.40 ? 30  ILE A CD1 1 
ATOM   253  N  N   . LEU A 1 31  ? -18.339 -1.559  -12.159 1.00 96.34  ? 31  LEU A N   1 
ATOM   254  C  CA  . LEU A 1 31  ? -17.387 -0.747  -12.903 1.00 93.54  ? 31  LEU A CA  1 
ATOM   255  C  C   . LEU A 1 31  ? -17.750 0.729   -12.737 1.00 89.57  ? 31  LEU A C   1 
ATOM   256  O  O   . LEU A 1 31  ? -18.924 1.087   -12.742 1.00 95.78  ? 31  LEU A O   1 
ATOM   257  C  CB  . LEU A 1 31  ? -17.403 -1.156  -14.383 1.00 92.25  ? 31  LEU A CB  1 
ATOM   258  C  CG  . LEU A 1 31  ? -16.221 -0.747  -15.270 1.00 91.65  ? 31  LEU A CG  1 
ATOM   259  C  CD1 . LEU A 1 31  ? -16.280 -1.515  -16.579 1.00 83.25  ? 31  LEU A CD1 1 
ATOM   260  C  CD2 . LEU A 1 31  ? -16.251 0.749   -15.522 1.00 88.16  ? 31  LEU A CD2 1 
ATOM   261  N  N   . LEU A 1 32  ? -16.741 1.575   -12.562 1.00 92.66  ? 32  LEU A N   1 
ATOM   262  C  CA  . LEU A 1 32  ? -16.958 3.009   -12.389 1.00 93.12  ? 32  LEU A CA  1 
ATOM   263  C  C   . LEU A 1 32  ? -16.025 3.839   -13.258 1.00 97.85  ? 32  LEU A C   1 
ATOM   264  O  O   . LEU A 1 32  ? -15.456 3.348   -14.234 1.00 104.66 ? 32  LEU A O   1 
ATOM   265  C  CB  . LEU A 1 32  ? -16.753 3.416   -10.929 1.00 86.62  ? 32  LEU A CB  1 
ATOM   266  C  CG  . LEU A 1 32  ? -17.994 3.588   -10.057 1.00 87.48  ? 32  LEU A CG  1 
ATOM   267  C  CD1 . LEU A 1 32  ? -18.753 2.283   -10.010 1.00 81.91  ? 32  LEU A CD1 1 
ATOM   268  C  CD2 . LEU A 1 32  ? -17.591 4.037   -8.655  1.00 71.19  ? 32  LEU A CD2 1 
ATOM   269  N  N   . ASP A 1 33  ? -15.874 5.104   -12.884 1.00 94.88  ? 33  ASP A N   1 
ATOM   270  C  CA  . ASP A 1 33  ? -15.008 6.027   -13.605 1.00 104.40 ? 33  ASP A CA  1 
ATOM   271  C  C   . ASP A 1 33  ? -14.458 7.072   -12.636 1.00 102.75 ? 33  ASP A C   1 
ATOM   272  O  O   . ASP A 1 33  ? -13.912 8.100   -13.040 1.00 102.09 ? 33  ASP A O   1 
ATOM   273  C  CB  . ASP A 1 33  ? -15.787 6.695   -14.742 1.00 111.21 ? 33  ASP A CB  1 
ATOM   274  C  CG  . ASP A 1 33  ? -17.105 7.278   -14.281 1.00 113.25 ? 33  ASP A CG  1 
ATOM   275  O  OD1 . ASP A 1 33  ? -17.903 7.688   -15.150 1.00 118.55 ? 33  ASP A OD1 1 
ATOM   276  O  OD2 . ASP A 1 33  ? -17.342 7.333   -13.055 1.00 117.88 ? 33  ASP A OD2 1 
ATOM   277  N  N   . GLN A 1 34  ? -14.620 6.783   -11.351 1.00 96.08  ? 34  GLN A N   1 
ATOM   278  C  CA  . GLN A 1 34  ? -14.148 7.638   -10.269 1.00 89.84  ? 34  GLN A CA  1 
ATOM   279  C  C   . GLN A 1 34  ? -14.055 6.718   -9.060  1.00 87.72  ? 34  GLN A C   1 
ATOM   280  O  O   . GLN A 1 34  ? -14.781 5.726   -8.982  1.00 91.18  ? 34  GLN A O   1 
ATOM   281  C  CB  . GLN A 1 34  ? -15.153 8.754   -9.971  1.00 95.53  ? 34  GLN A CB  1 
ATOM   282  C  CG  . GLN A 1 34  ? -15.397 9.745   -11.100 1.00 101.08 ? 34  GLN A CG  1 
ATOM   283  C  CD  . GLN A 1 34  ? -14.285 10.767  -11.253 1.00 100.74 ? 34  GLN A CD  1 
ATOM   284  O  OE1 . GLN A 1 34  ? -13.970 11.515  -10.320 1.00 79.19  ? 34  GLN A OE1 1 
ATOM   285  N  NE2 . GLN A 1 34  ? -13.690 10.812  -12.440 1.00 103.03 ? 34  GLN A NE2 1 
ATOM   286  N  N   . THR A 1 35  ? -13.166 7.033   -8.125  1.00 83.93  ? 35  THR A N   1 
ATOM   287  C  CA  . THR A 1 35  ? -13.016 6.209   -6.933  1.00 77.81  ? 35  THR A CA  1 
ATOM   288  C  C   . THR A 1 35  ? -11.816 6.565   -6.077  1.00 76.93  ? 35  THR A C   1 
ATOM   289  O  O   . THR A 1 35  ? -10.792 7.026   -6.575  1.00 85.63  ? 35  THR A O   1 
ATOM   290  C  CB  . THR A 1 35  ? -12.880 4.731   -7.294  1.00 79.08  ? 35  THR A CB  1 
ATOM   291  O  OG1 . THR A 1 35  ? -12.534 3.987   -6.120  1.00 83.85  ? 35  THR A OG1 1 
ATOM   292  C  CG2 . THR A 1 35  ? -11.805 4.547   -8.353  1.00 75.89  ? 35  THR A CG2 1 
ATOM   293  N  N   . ILE A 1 36  ? -11.962 6.347   -4.776  1.00 74.35  ? 36  ILE A N   1 
ATOM   294  C  CA  . ILE A 1 36  ? -10.892 6.593   -3.823  1.00 75.63  ? 36  ILE A CA  1 
ATOM   295  C  C   . ILE A 1 36  ? -10.539 5.219   -3.259  1.00 76.53  ? 36  ILE A C   1 
ATOM   296  O  O   . ILE A 1 36  ? -9.519  5.038   -2.602  1.00 71.54  ? 36  ILE A O   1 
ATOM   297  C  CB  . ILE A 1 36  ? -11.340 7.545   -2.681  1.00 81.71  ? 36  ILE A CB  1 
ATOM   298  C  CG1 . ILE A 1 36  ? -10.243 7.636   -1.615  1.00 98.74  ? 36  ILE A CG1 1 
ATOM   299  C  CG2 . ILE A 1 36  ? -12.630 7.046   -2.046  1.00 73.93  ? 36  ILE A CG2 1 
ATOM   300  C  CD1 . ILE A 1 36  ? -8.881  8.065   -2.143  1.00 110.97 ? 36  ILE A CD1 1 
ATOM   301  N  N   . PHE A 1 37  ? -11.402 4.250   -3.546  1.00 77.00  ? 37  PHE A N   1 
ATOM   302  C  CA  . PHE A 1 37  ? -11.213 2.877   -3.105  1.00 87.43  ? 37  PHE A CA  1 
ATOM   303  C  C   . PHE A 1 37  ? -10.020 2.267   -3.834  1.00 93.04  ? 37  PHE A C   1 
ATOM   304  O  O   . PHE A 1 37  ? -10.068 2.084   -5.052  1.00 99.03  ? 37  PHE A O   1 
ATOM   305  C  CB  . PHE A 1 37  ? -12.463 2.049   -3.423  1.00 102.84 ? 37  PHE A CB  1 
ATOM   306  C  CG  . PHE A 1 37  ? -13.604 2.258   -2.464  1.00 116.16 ? 37  PHE A CG  1 
ATOM   307  C  CD1 . PHE A 1 37  ? -13.693 1.509   -1.294  1.00 122.46 ? 37  PHE A CD1 1 
ATOM   308  C  CD2 . PHE A 1 37  ? -14.599 3.193   -2.736  1.00 117.57 ? 37  PHE A CD2 1 
ATOM   309  C  CE1 . PHE A 1 37  ? -14.756 1.684   -0.410  1.00 121.44 ? 37  PHE A CE1 1 
ATOM   310  C  CE2 . PHE A 1 37  ? -15.667 3.376   -1.858  1.00 117.17 ? 37  PHE A CE2 1 
ATOM   311  C  CZ  . PHE A 1 37  ? -15.745 2.621   -0.693  1.00 119.78 ? 37  PHE A CZ  1 
ATOM   312  N  N   . TYR A 1 38  ? -8.952  1.952   -3.104  1.00 92.14  ? 38  TYR A N   1 
ATOM   313  C  CA  . TYR A 1 38  ? -7.783  1.343   -3.729  1.00 83.81  ? 38  TYR A CA  1 
ATOM   314  C  C   . TYR A 1 38  ? -8.104  -0.113  -4.025  1.00 80.44  ? 38  TYR A C   1 
ATOM   315  O  O   . TYR A 1 38  ? -8.497  -0.875  -3.132  1.00 68.01  ? 38  TYR A O   1 
ATOM   316  C  CB  . TYR A 1 38  ? -6.556  1.433   -2.818  1.00 88.64  ? 38  TYR A CB  1 
ATOM   317  C  CG  . TYR A 1 38  ? -5.308  0.766   -3.374  1.00 87.13  ? 38  TYR A CG  1 
ATOM   318  C  CD1 . TYR A 1 38  ? -5.193  -0.625  -3.422  1.00 91.95  ? 38  TYR A CD1 1 
ATOM   319  C  CD2 . TYR A 1 38  ? -4.237  1.526   -3.832  1.00 83.36  ? 38  TYR A CD2 1 
ATOM   320  C  CE1 . TYR A 1 38  ? -4.042  -1.237  -3.906  1.00 89.41  ? 38  TYR A CE1 1 
ATOM   321  C  CE2 . TYR A 1 38  ? -3.084  0.925   -4.319  1.00 83.42  ? 38  TYR A CE2 1 
ATOM   322  C  CZ  . TYR A 1 38  ? -2.990  -0.454  -4.352  1.00 89.74  ? 38  TYR A CZ  1 
ATOM   323  O  OH  . TYR A 1 38  ? -1.835  -1.043  -4.815  1.00 100.83 ? 38  TYR A OH  1 
ATOM   324  N  N   . PRO A 1 39  ? -7.934  -0.518  -5.289  1.00 78.13  ? 39  PRO A N   1 
ATOM   325  C  CA  . PRO A 1 39  ? -8.196  -1.876  -5.763  1.00 80.05  ? 39  PRO A CA  1 
ATOM   326  C  C   . PRO A 1 39  ? -7.392  -2.909  -5.006  1.00 85.56  ? 39  PRO A C   1 
ATOM   327  O  O   . PRO A 1 39  ? -7.740  -3.284  -3.893  1.00 92.68  ? 39  PRO A O   1 
ATOM   328  C  CB  . PRO A 1 39  ? -7.813  -1.805  -7.232  1.00 80.59  ? 39  PRO A CB  1 
ATOM   329  C  CG  . PRO A 1 39  ? -6.710  -0.801  -7.230  1.00 84.85  ? 39  PRO A CG  1 
ATOM   330  C  CD  . PRO A 1 39  ? -7.256  0.271   -6.330  1.00 71.33  ? 39  PRO A CD  1 
ATOM   331  N  N   . THR A 1 40  ? -6.308  -3.370  -5.610  1.00 88.72  ? 40  THR A N   1 
ATOM   332  C  CA  . THR A 1 40  ? -5.476  -4.363  -4.965  1.00 89.97  ? 40  THR A CA  1 
ATOM   333  C  C   . THR A 1 40  ? -4.201  -4.539  -5.776  1.00 96.61  ? 40  THR A C   1 
ATOM   334  O  O   . THR A 1 40  ? -3.947  -3.784  -6.719  1.00 95.26  ? 40  THR A O   1 
ATOM   335  C  CB  . THR A 1 40  ? -6.225  -5.705  -4.860  1.00 86.00  ? 40  THR A CB  1 
ATOM   336  O  OG1 . THR A 1 40  ? -5.565  -6.550  -3.911  1.00 83.99  ? 40  THR A OG1 1 
ATOM   337  C  CG2 . THR A 1 40  ? -6.266  -6.399  -6.214  1.00 83.97  ? 40  THR A CG2 1 
ATOM   338  N  N   . GLY A 1 41  ? -3.403  -5.534  -5.403  1.00 97.10  ? 41  GLY A N   1 
ATOM   339  C  CA  . GLY A 1 41  ? -2.156  -5.782  -6.103  1.00 100.87 ? 41  GLY A CA  1 
ATOM   340  C  C   . GLY A 1 41  ? -0.997  -5.014  -5.494  1.00 101.41 ? 41  GLY A C   1 
ATOM   341  O  O   . GLY A 1 41  ? -1.185  -3.954  -4.889  1.00 93.75  ? 41  GLY A O   1 
ATOM   342  N  N   . GLY A 1 42  ? 0.208   -5.555  -5.647  1.00 98.09  ? 42  GLY A N   1 
ATOM   343  C  CA  . GLY A 1 42  ? 1.385   -4.898  -5.110  1.00 86.06  ? 42  GLY A CA  1 
ATOM   344  C  C   . GLY A 1 42  ? 1.624   -5.202  -3.646  1.00 84.84  ? 42  GLY A C   1 
ATOM   345  O  O   . GLY A 1 42  ? 2.551   -4.655  -3.039  1.00 84.05  ? 42  GLY A O   1 
ATOM   346  N  N   . GLY A 1 43  ? 0.789   -6.070  -3.079  1.00 76.69  ? 43  GLY A N   1 
ATOM   347  C  CA  . GLY A 1 43  ? 0.929   -6.429  -1.678  1.00 79.96  ? 43  GLY A CA  1 
ATOM   348  C  C   . GLY A 1 43  ? 0.084   -5.583  -0.742  1.00 77.18  ? 43  GLY A C   1 
ATOM   349  O  O   . GLY A 1 43  ? 0.006   -5.864  0.454   1.00 79.28  ? 43  GLY A O   1 
ATOM   350  N  N   . GLN A 1 44  ? -0.547  -4.545  -1.286  1.00 85.29  ? 44  GLN A N   1 
ATOM   351  C  CA  . GLN A 1 44  ? -1.399  -3.646  -0.504  1.00 81.47  ? 44  GLN A CA  1 
ATOM   352  C  C   . GLN A 1 44  ? -2.873  -4.042  -0.670  1.00 79.25  ? 44  GLN A C   1 
ATOM   353  O  O   . GLN A 1 44  ? -3.507  -3.740  -1.680  1.00 76.35  ? 44  GLN A O   1 
ATOM   354  C  CB  . GLN A 1 44  ? -1.192  -2.192  -0.963  1.00 79.25  ? 44  GLN A CB  1 
ATOM   355  C  CG  . GLN A 1 44  ? -1.868  -1.145  -0.088  1.00 53.97  ? 44  GLN A CG  1 
ATOM   356  C  CD  . GLN A 1 44  ? -1.753  0.260   -0.655  1.00 77.29  ? 44  GLN A CD  1 
ATOM   357  O  OE1 . GLN A 1 44  ? -0.664  0.832   -0.722  1.00 83.32  ? 44  GLN A OE1 1 
ATOM   358  N  NE2 . GLN A 1 44  ? -2.883  0.823   -1.071  1.00 70.76  ? 44  GLN A NE2 1 
ATOM   359  N  N   . PRO A 1 45  ? -3.435  -4.730  0.330   1.00 83.23  ? 45  PRO A N   1 
ATOM   360  C  CA  . PRO A 1 45  ? -4.831  -5.173  0.301   1.00 81.83  ? 45  PRO A CA  1 
ATOM   361  C  C   . PRO A 1 45  ? -5.801  -4.068  -0.095  1.00 82.23  ? 45  PRO A C   1 
ATOM   362  O  O   . PRO A 1 45  ? -5.505  -2.882  0.069   1.00 70.02  ? 45  PRO A O   1 
ATOM   363  C  CB  . PRO A 1 45  ? -5.066  -5.650  1.728   1.00 89.17  ? 45  PRO A CB  1 
ATOM   364  C  CG  . PRO A 1 45  ? -3.719  -6.193  2.107   1.00 95.85  ? 45  PRO A CG  1 
ATOM   365  C  CD  . PRO A 1 45  ? -2.785  -5.122  1.593   1.00 83.42  ? 45  PRO A CD  1 
ATOM   366  N  N   . HIS A 1 46  ? -6.959  -4.467  -0.616  1.00 86.27  ? 46  HIS A N   1 
ATOM   367  C  CA  . HIS A 1 46  ? -7.984  -3.511  -1.025  1.00 86.01  ? 46  HIS A CA  1 
ATOM   368  C  C   . HIS A 1 46  ? -8.561  -2.833  0.213   1.00 90.05  ? 46  HIS A C   1 
ATOM   369  O  O   . HIS A 1 46  ? -9.166  -3.488  1.064   1.00 90.25  ? 46  HIS A O   1 
ATOM   370  C  CB  . HIS A 1 46  ? -9.100  -4.227  -1.806  1.00 84.58  ? 46  HIS A CB  1 
ATOM   371  C  CG  . HIS A 1 46  ? -9.809  -5.294  -1.028  1.00 94.17  ? 46  HIS A CG  1 
ATOM   372  N  ND1 . HIS A 1 46  ? -10.760 -5.011  -0.070  1.00 95.37  ? 46  HIS A ND1 1 
ATOM   373  C  CD2 . HIS A 1 46  ? -9.687  -6.644  -1.045  1.00 100.55 ? 46  HIS A CD2 1 
ATOM   374  C  CE1 . HIS A 1 46  ? -11.190 -6.139  0.470   1.00 97.55  ? 46  HIS A CE1 1 
ATOM   375  N  NE2 . HIS A 1 46  ? -10.554 -7.144  -0.105  1.00 93.26  ? 46  HIS A NE2 1 
ATOM   376  N  N   . ASP A 1 47  ? -8.355  -1.527  0.343   1.00 91.93  ? 47  ASP A N   1 
ATOM   377  C  CA  . ASP A 1 47  ? -8.909  -0.846  1.501   1.00 88.69  ? 47  ASP A CA  1 
ATOM   378  C  C   . ASP A 1 47  ? -10.401 -1.081  1.382   1.00 89.62  ? 47  ASP A C   1 
ATOM   379  O  O   . ASP A 1 47  ? -10.880 -1.523  0.336   1.00 80.51  ? 47  ASP A O   1 
ATOM   380  C  CB  . ASP A 1 47  ? -8.589  0.657   1.495   1.00 82.44  ? 47  ASP A CB  1 
ATOM   381  C  CG  . ASP A 1 47  ? -9.011  1.343   0.215   1.00 81.64  ? 47  ASP A CG  1 
ATOM   382  O  OD1 . ASP A 1 47  ? -9.857  0.781   -0.513  1.00 64.52  ? 47  ASP A OD1 1 
ATOM   383  O  OD2 . ASP A 1 47  ? -8.500  2.455   -0.056  1.00 74.45  ? 47  ASP A OD2 1 
ATOM   384  N  N   . ARG A 1 48  ? -11.135 -0.804  2.449   1.00 97.94  ? 48  ARG A N   1 
ATOM   385  C  CA  . ARG A 1 48  ? -12.569 -1.024  2.428   1.00 99.58  ? 48  ARG A CA  1 
ATOM   386  C  C   . ARG A 1 48  ? -13.344 0.133   3.038   1.00 103.96 ? 48  ARG A C   1 
ATOM   387  O  O   . ARG A 1 48  ? -12.765 1.142   3.451   1.00 97.55  ? 48  ARG A O   1 
ATOM   388  C  CB  . ARG A 1 48  ? -12.891 -2.331  3.154   1.00 90.00  ? 48  ARG A CB  1 
ATOM   389  C  CG  . ARG A 1 48  ? -12.223 -2.454  4.509   1.00 87.00  ? 48  ARG A CG  1 
ATOM   390  C  CD  . ARG A 1 48  ? -12.141 -3.908  4.950   1.00 85.17  ? 48  ARG A CD  1 
ATOM   391  N  NE  . ARG A 1 48  ? -11.497 -4.044  6.254   1.00 79.77  ? 48  ARG A NE  1 
ATOM   392  C  CZ  . ARG A 1 48  ? -11.195 -5.210  6.820   1.00 86.23  ? 48  ARG A CZ  1 
ATOM   393  N  NH1 . ARG A 1 48  ? -11.477 -6.349  6.197   1.00 77.52  ? 48  ARG A NH1 1 
ATOM   394  N  NH2 . ARG A 1 48  ? -10.612 -5.237  8.013   1.00 67.96  ? 48  ARG A NH2 1 
ATOM   395  N  N   . GLY A 1 49  ? -14.663 -0.019  3.077   1.00 111.35 ? 49  GLY A N   1 
ATOM   396  C  CA  . GLY A 1 49  ? -15.516 1.017   3.624   1.00 111.05 ? 49  GLY A CA  1 
ATOM   397  C  C   . GLY A 1 49  ? -16.924 0.906   3.080   1.00 103.49 ? 49  GLY A C   1 
ATOM   398  O  O   . GLY A 1 49  ? -17.420 -0.199  2.860   1.00 99.22  ? 49  GLY A O   1 
ATOM   399  N  N   . THR A 1 50  ? -17.563 2.050   2.847   1.00 103.71 ? 50  THR A N   1 
ATOM   400  C  CA  . THR A 1 50  ? -18.927 2.060   2.332   1.00 101.31 ? 50  THR A CA  1 
ATOM   401  C  C   . THR A 1 50  ? -19.149 2.946   1.113   1.00 104.11 ? 50  THR A C   1 
ATOM   402  O  O   . THR A 1 50  ? -18.665 4.076   1.041   1.00 98.46  ? 50  THR A O   1 
ATOM   403  C  CB  . THR A 1 50  ? -19.936 2.507   3.419   1.00 92.56  ? 50  THR A CB  1 
ATOM   404  O  OG1 . THR A 1 50  ? -19.682 3.871   3.784   1.00 85.25  ? 50  THR A OG1 1 
ATOM   405  C  CG2 . THR A 1 50  ? -19.819 1.625   4.654   1.00 93.94  ? 50  THR A CG2 1 
ATOM   406  N  N   . ILE A 1 51  ? -19.886 2.405   0.150   1.00 113.58 ? 51  ILE A N   1 
ATOM   407  C  CA  . ILE A 1 51  ? -20.252 3.122   -1.066  1.00 120.06 ? 51  ILE A CA  1 
ATOM   408  C  C   . ILE A 1 51  ? -21.764 3.307   -0.923  1.00 119.69 ? 51  ILE A C   1 
ATOM   409  O  O   . ILE A 1 51  ? -22.533 2.360   -1.108  1.00 120.31 ? 51  ILE A O   1 
ATOM   410  C  CB  . ILE A 1 51  ? -19.938 2.289   -2.334  1.00 117.87 ? 51  ILE A CB  1 
ATOM   411  C  CG1 . ILE A 1 51  ? -20.609 2.929   -3.552  1.00 117.41 ? 51  ILE A CG1 1 
ATOM   412  C  CG2 . ILE A 1 51  ? -20.387 0.847   -2.141  1.00 119.45 ? 51  ILE A CG2 1 
ATOM   413  C  CD1 . ILE A 1 51  ? -20.459 2.129   -4.832  1.00 123.21 ? 51  ILE A CD1 1 
ATOM   414  N  N   . ASN A 1 52  ? -22.187 4.521   -0.582  1.00 116.41 ? 52  ASN A N   1 
ATOM   415  C  CA  . ASN A 1 52  ? -23.603 4.794   -0.367  1.00 114.70 ? 52  ASN A CA  1 
ATOM   416  C  C   . ASN A 1 52  ? -24.029 4.003   0.862   1.00 112.82 ? 52  ASN A C   1 
ATOM   417  O  O   . ASN A 1 52  ? -25.015 3.266   0.824   1.00 111.83 ? 52  ASN A O   1 
ATOM   418  C  CB  . ASN A 1 52  ? -24.444 4.354   -1.570  1.00 113.22 ? 52  ASN A CB  1 
ATOM   419  C  CG  . ASN A 1 52  ? -24.663 5.467   -2.567  1.00 115.06 ? 52  ASN A CG  1 
ATOM   420  O  OD1 . ASN A 1 52  ? -25.210 5.247   -3.649  1.00 108.16 ? 52  ASN A OD1 1 
ATOM   421  N  ND2 . ASN A 1 52  ? -24.245 6.677   -2.205  1.00 111.58 ? 52  ASN A ND2 1 
ATOM   422  N  N   . GLY A 1 53  ? -23.267 4.147   1.943   1.00 106.15 ? 53  GLY A N   1 
ATOM   423  C  CA  . GLY A 1 53  ? -23.575 3.439   3.173   1.00 100.60 ? 53  GLY A CA  1 
ATOM   424  C  C   . GLY A 1 53  ? -23.672 1.936   2.985   1.00 105.89 ? 53  GLY A C   1 
ATOM   425  O  O   . GLY A 1 53  ? -24.045 1.214   3.912   1.00 96.38  ? 53  GLY A O   1 
ATOM   426  N  N   . VAL A 1 54  ? -23.335 1.466   1.784   1.00 111.71 ? 54  VAL A N   1 
ATOM   427  C  CA  . VAL A 1 54  ? -23.379 0.038   1.463   1.00 115.36 ? 54  VAL A CA  1 
ATOM   428  C  C   . VAL A 1 54  ? -22.067 -0.644  1.869   1.00 117.42 ? 54  VAL A C   1 
ATOM   429  O  O   . VAL A 1 54  ? -21.050 0.018   2.081   1.00 114.56 ? 54  VAL A O   1 
ATOM   430  C  CB  . VAL A 1 54  ? -23.625 -0.191  -0.052  1.00 110.63 ? 54  VAL A CB  1 
ATOM   431  C  CG1 . VAL A 1 54  ? -23.876 -1.668  -0.327  1.00 108.13 ? 54  VAL A CG1 1 
ATOM   432  C  CG2 . VAL A 1 54  ? -24.805 0.638   -0.519  1.00 106.52 ? 54  VAL A CG2 1 
ATOM   433  N  N   . GLU A 1 55  ? -22.095 -1.969  1.969   1.00 119.39 ? 55  GLU A N   1 
ATOM   434  C  CA  . GLU A 1 55  ? -20.917 -2.728  2.368   1.00 121.86 ? 55  GLU A CA  1 
ATOM   435  C  C   . GLU A 1 55  ? -20.051 -3.165  1.185   1.00 121.73 ? 55  GLU A C   1 
ATOM   436  O  O   . GLU A 1 55  ? -20.523 -3.835  0.265   1.00 117.43 ? 55  GLU A O   1 
ATOM   437  C  CB  . GLU A 1 55  ? -21.344 -3.964  3.164   1.00 129.92 ? 55  GLU A CB  1 
ATOM   438  C  CG  . GLU A 1 55  ? -20.348 -4.389  4.224   1.00 136.24 ? 55  GLU A CG  1 
ATOM   439  C  CD  . GLU A 1 55  ? -20.324 -3.429  5.396   1.00 139.59 ? 55  GLU A CD  1 
ATOM   440  O  OE1 . GLU A 1 55  ? -21.363 -3.312  6.079   1.00 138.53 ? 55  GLU A OE1 1 
ATOM   441  O  OE2 . GLU A 1 55  ? -19.274 -2.791  5.632   1.00 136.93 ? 55  GLU A OE2 1 
ATOM   442  N  N   . VAL A 1 56  ? -18.777 -2.783  1.221   1.00 120.34 ? 56  VAL A N   1 
ATOM   443  C  CA  . VAL A 1 56  ? -17.835 -3.150  0.171   1.00 116.40 ? 56  VAL A CA  1 
ATOM   444  C  C   . VAL A 1 56  ? -17.016 -4.314  0.729   1.00 115.48 ? 56  VAL A C   1 
ATOM   445  O  O   . VAL A 1 56  ? -16.424 -4.195  1.803   1.00 117.94 ? 56  VAL A O   1 
ATOM   446  C  CB  . VAL A 1 56  ? -16.895 -1.973  -0.171  1.00 115.32 ? 56  VAL A CB  1 
ATOM   447  C  CG1 . VAL A 1 56  ? -16.271 -2.192  -1.539  1.00 117.62 ? 56  VAL A CG1 1 
ATOM   448  C  CG2 . VAL A 1 56  ? -17.662 -0.662  -0.137  1.00 110.90 ? 56  VAL A CG2 1 
ATOM   449  N  N   . LEU A 1 57  ? -16.981 -5.433  0.013   1.00 115.70 ? 57  LEU A N   1 
ATOM   450  C  CA  . LEU A 1 57  ? -16.254 -6.611  0.488   1.00 122.00 ? 57  LEU A CA  1 
ATOM   451  C  C   . LEU A 1 57  ? -14.968 -6.940  -0.268  1.00 117.74 ? 57  LEU A C   1 
ATOM   452  O  O   . LEU A 1 57  ? -14.025 -7.492  0.303   1.00 114.52 ? 57  LEU A O   1 
ATOM   453  C  CB  . LEU A 1 57  ? -17.182 -7.833  0.464   1.00 128.99 ? 57  LEU A CB  1 
ATOM   454  C  CG  . LEU A 1 57  ? -17.657 -8.360  -0.897  1.00 134.39 ? 57  LEU A CG  1 
ATOM   455  C  CD1 . LEU A 1 57  ? -16.611 -9.300  -1.491  1.00 127.07 ? 57  LEU A CD1 1 
ATOM   456  C  CD2 . LEU A 1 57  ? -18.973 -9.104  -0.716  1.00 136.65 ? 57  LEU A CD2 1 
ATOM   457  N  N   . ASP A 1 58  ? -14.936 -6.609  -1.553  1.00 111.52 ? 58  ASP A N   1 
ATOM   458  C  CA  . ASP A 1 58  ? -13.771 -6.885  -2.380  1.00 108.20 ? 58  ASP A CA  1 
ATOM   459  C  C   . ASP A 1 58  ? -13.602 -5.734  -3.365  1.00 110.82 ? 58  ASP A C   1 
ATOM   460  O  O   . ASP A 1 58  ? -14.585 -5.110  -3.771  1.00 111.62 ? 58  ASP A O   1 
ATOM   461  C  CB  . ASP A 1 58  ? -13.987 -8.194  -3.146  1.00 106.47 ? 58  ASP A CB  1 
ATOM   462  C  CG  . ASP A 1 58  ? -12.694 -8.813  -3.630  1.00 97.91  ? 58  ASP A CG  1 
ATOM   463  O  OD1 . ASP A 1 58  ? -11.960 -9.370  -2.790  1.00 103.17 ? 58  ASP A OD1 1 
ATOM   464  O  OD2 . ASP A 1 58  ? -12.410 -8.744  -4.845  1.00 98.98  ? 58  ASP A OD2 1 
ATOM   465  N  N   . VAL A 1 59  ? -12.359 -5.443  -3.737  1.00 104.54 ? 59  VAL A N   1 
ATOM   466  C  CA  . VAL A 1 59  ? -12.087 -4.375  -4.694  1.00 96.24  ? 59  VAL A CA  1 
ATOM   467  C  C   . VAL A 1 59  ? -10.825 -4.698  -5.482  1.00 102.15 ? 59  VAL A C   1 
ATOM   468  O  O   . VAL A 1 59  ? -9.716  -4.644  -4.946  1.00 101.80 ? 59  VAL A O   1 
ATOM   469  C  CB  . VAL A 1 59  ? -11.882 -3.006  -4.003  1.00 91.88  ? 59  VAL A CB  1 
ATOM   470  C  CG1 . VAL A 1 59  ? -11.693 -1.923  -5.058  1.00 74.70  ? 59  VAL A CG1 1 
ATOM   471  C  CG2 . VAL A 1 59  ? -13.065 -2.675  -3.111  1.00 81.67  ? 59  VAL A CG2 1 
ATOM   472  N  N   . TYR A 1 60  ? -10.994 -5.047  -6.753  1.00 101.01 ? 60  TYR A N   1 
ATOM   473  C  CA  . TYR A 1 60  ? -9.850  -5.364  -7.593  1.00 97.00  ? 60  TYR A CA  1 
ATOM   474  C  C   . TYR A 1 60  ? -9.866  -4.582  -8.898  1.00 98.00  ? 60  TYR A C   1 
ATOM   475  O  O   . TYR A 1 60  ? -10.477 -3.514  -8.978  1.00 99.38  ? 60  TYR A O   1 
ATOM   476  C  CB  . TYR A 1 60  ? -9.783  -6.871  -7.873  1.00 81.10  ? 60  TYR A CB  1 
ATOM   477  C  CG  . TYR A 1 60  ? -11.023 -7.479  -8.478  1.00 87.10  ? 60  TYR A CG  1 
ATOM   478  C  CD1 . TYR A 1 60  ? -11.636 -6.910  -9.598  1.00 95.37  ? 60  TYR A CD1 1 
ATOM   479  C  CD2 . TYR A 1 60  ? -11.559 -8.658  -7.962  1.00 90.13  ? 60  TYR A CD2 1 
ATOM   480  C  CE1 . TYR A 1 60  ? -12.751 -7.500  -10.190 1.00 87.29  ? 60  TYR A CE1 1 
ATOM   481  C  CE2 . TYR A 1 60  ? -12.674 -9.260  -8.549  1.00 92.16  ? 60  TYR A CE2 1 
ATOM   482  C  CZ  . TYR A 1 60  ? -13.263 -8.674  -9.663  1.00 84.88  ? 60  TYR A CZ  1 
ATOM   483  O  OH  . TYR A 1 60  ? -14.359 -9.264  -10.247 1.00 82.05  ? 60  TYR A OH  1 
ATOM   484  N  N   . LYS A 1 61  ? -9.188  -5.111  -9.913  1.00 100.19 ? 61  LYS A N   1 
ATOM   485  C  CA  . LYS A 1 61  ? -9.121  -4.460  -11.216 1.00 98.42  ? 61  LYS A CA  1 
ATOM   486  C  C   . LYS A 1 61  ? -9.197  -5.467  -12.355 1.00 96.44  ? 61  LYS A C   1 
ATOM   487  O  O   . LYS A 1 61  ? -8.984  -6.666  -12.158 1.00 87.66  ? 61  LYS A O   1 
ATOM   488  C  CB  . LYS A 1 61  ? -7.831  -3.640  -11.331 1.00 99.29  ? 61  LYS A CB  1 
ATOM   489  C  CG  . LYS A 1 61  ? -6.562  -4.424  -11.042 1.00 99.39  ? 61  LYS A CG  1 
ATOM   490  C  CD  . LYS A 1 61  ? -5.374  -3.491  -10.858 1.00 99.34  ? 61  LYS A CD  1 
ATOM   491  C  CE  . LYS A 1 61  ? -4.170  -4.239  -10.305 1.00 98.74  ? 61  LYS A CE  1 
ATOM   492  N  NZ  . LYS A 1 61  ? -3.083  -3.308  -9.895  1.00 98.63  ? 61  LYS A NZ  1 
ATOM   493  N  N   . ASP A 1 62  ? -9.509  -4.964  -13.546 1.00 100.98 ? 62  ASP A N   1 
ATOM   494  C  CA  . ASP A 1 62  ? -9.623  -5.798  -14.736 1.00 113.02 ? 62  ASP A CA  1 
ATOM   495  C  C   . ASP A 1 62  ? -8.350  -5.743  -15.562 1.00 112.03 ? 62  ASP A C   1 
ATOM   496  O  O   . ASP A 1 62  ? -7.399  -5.054  -15.199 1.00 111.92 ? 62  ASP A O   1 
ATOM   497  C  CB  . ASP A 1 62  ? -10.797 -5.334  -15.596 1.00 123.74 ? 62  ASP A CB  1 
ATOM   498  C  CG  . ASP A 1 62  ? -12.126 -5.471  -14.887 1.00 132.93 ? 62  ASP A CG  1 
ATOM   499  O  OD1 . ASP A 1 62  ? -12.517 -6.615  -14.568 1.00 136.81 ? 62  ASP A OD1 1 
ATOM   500  O  OD2 . ASP A 1 62  ? -12.777 -4.432  -14.650 1.00 140.63 ? 62  ASP A OD2 1 
ATOM   501  N  N   . GLU A 1 63  ? -8.341  -6.467  -16.677 1.00 111.09 ? 63  GLU A N   1 
ATOM   502  C  CA  . GLU A 1 63  ? -7.180  -6.501  -17.555 1.00 111.71 ? 63  GLU A CA  1 
ATOM   503  C  C   . GLU A 1 63  ? -6.767  -5.079  -17.921 1.00 109.79 ? 63  GLU A C   1 
ATOM   504  O  O   . GLU A 1 63  ? -5.585  -4.747  -17.896 1.00 113.22 ? 63  GLU A O   1 
ATOM   505  C  CB  . GLU A 1 63  ? -7.500  -7.293  -18.826 1.00 116.89 ? 63  GLU A CB  1 
ATOM   506  C  CG  . GLU A 1 63  ? -6.277  -7.809  -19.594 1.00 130.09 ? 63  GLU A CG  1 
ATOM   507  C  CD  . GLU A 1 63  ? -5.398  -6.705  -20.169 1.00 132.99 ? 63  GLU A CD  1 
ATOM   508  O  OE1 . GLU A 1 63  ? -5.896  -5.891  -20.976 1.00 131.70 ? 63  GLU A OE1 1 
ATOM   509  O  OE2 . GLU A 1 63  ? -4.200  -6.659  -19.816 1.00 132.74 ? 63  GLU A OE2 1 
ATOM   510  N  N   . GLU A 1 64  ? -7.744  -4.241  -18.258 1.00 105.59 ? 64  GLU A N   1 
ATOM   511  C  CA  . GLU A 1 64  ? -7.452  -2.857  -18.621 1.00 103.29 ? 64  GLU A CA  1 
ATOM   512  C  C   . GLU A 1 64  ? -7.291  -2.026  -17.357 1.00 99.39  ? 64  GLU A C   1 
ATOM   513  O  O   . GLU A 1 64  ? -7.301  -0.794  -17.401 1.00 88.69  ? 64  GLU A O   1 
ATOM   514  C  CB  . GLU A 1 64  ? -8.576  -2.265  -19.480 1.00 114.29 ? 64  GLU A CB  1 
ATOM   515  C  CG  . GLU A 1 64  ? -8.873  -3.021  -20.771 1.00 113.41 ? 64  GLU A CG  1 
ATOM   516  C  CD  . GLU A 1 64  ? -9.688  -4.285  -20.543 1.00 120.09 ? 64  GLU A CD  1 
ATOM   517  O  OE1 . GLU A 1 64  ? -10.824 -4.179  -20.027 1.00 118.67 ? 64  GLU A OE1 1 
ATOM   518  O  OE2 . GLU A 1 64  ? -9.197  -5.382  -20.880 1.00 121.84 ? 64  GLU A OE2 1 
ATOM   519  N  N   . GLY A 1 65  ? -7.148  -2.720  -16.230 1.00 99.09  ? 65  GLY A N   1 
ATOM   520  C  CA  . GLY A 1 65  ? -6.984  -2.052  -14.953 1.00 102.02 ? 65  GLY A CA  1 
ATOM   521  C  C   . GLY A 1 65  ? -8.197  -1.231  -14.569 1.00 106.59 ? 65  GLY A C   1 
ATOM   522  O  O   . GLY A 1 65  ? -8.080  -0.043  -14.265 1.00 99.25  ? 65  GLY A O   1 
ATOM   523  N  N   . ASN A 1 66  ? -9.369  -1.861  -14.582 1.00 109.96 ? 66  ASN A N   1 
ATOM   524  C  CA  . ASN A 1 66  ? -10.597 -1.163  -14.231 1.00 112.19 ? 66  ASN A CA  1 
ATOM   525  C  C   . ASN A 1 66  ? -11.143 -1.597  -12.877 1.00 113.34 ? 66  ASN A C   1 
ATOM   526  O  O   . ASN A 1 66  ? -11.566 -2.739  -12.691 1.00 116.98 ? 66  ASN A O   1 
ATOM   527  C  CB  . ASN A 1 66  ? -11.635 -1.360  -15.330 1.00 114.85 ? 66  ASN A CB  1 
ATOM   528  C  CG  . ASN A 1 66  ? -11.208 -0.725  -16.637 1.00 118.58 ? 66  ASN A CG  1 
ATOM   529  O  OD1 . ASN A 1 66  ? -10.897 0.467   -16.685 1.00 119.93 ? 66  ASN A OD1 1 
ATOM   530  N  ND2 . ASN A 1 66  ? -11.184 -1.515  -17.705 1.00 117.03 ? 66  ASN A ND2 1 
ATOM   531  N  N   . VAL A 1 67  ? -11.130 -0.656  -11.941 1.00 105.06 ? 67  VAL A N   1 
ATOM   532  C  CA  . VAL A 1 67  ? -11.574 -0.880  -10.573 1.00 98.33  ? 67  VAL A CA  1 
ATOM   533  C  C   . VAL A 1 67  ? -13.051 -1.244  -10.356 1.00 99.62  ? 67  VAL A C   1 
ATOM   534  O  O   . VAL A 1 67  ? -13.945 -0.406  -10.490 1.00 96.69  ? 67  VAL A O   1 
ATOM   535  C  CB  . VAL A 1 67  ? -11.216 0.355   -9.713  1.00 97.22  ? 67  VAL A CB  1 
ATOM   536  C  CG1 . VAL A 1 67  ? -11.762 1.614   -10.363 1.00 84.54  ? 67  VAL A CG1 1 
ATOM   537  C  CG2 . VAL A 1 67  ? -11.756 0.191   -8.307  1.00 102.44 ? 67  VAL A CG2 1 
ATOM   538  N  N   . TRP A 1 68  ? -13.285 -2.510  -10.011 1.00 101.27 ? 68  TRP A N   1 
ATOM   539  C  CA  . TRP A 1 68  ? -14.626 -3.031  -9.730  1.00 105.65 ? 68  TRP A CA  1 
ATOM   540  C  C   . TRP A 1 68  ? -14.790 -3.087  -8.211  1.00 107.93 ? 68  TRP A C   1 
ATOM   541  O  O   . TRP A 1 68  ? -13.925 -3.624  -7.516  1.00 117.38 ? 68  TRP A O   1 
ATOM   542  C  CB  . TRP A 1 68  ? -14.786 -4.445  -10.307 1.00 104.99 ? 68  TRP A CB  1 
ATOM   543  C  CG  . TRP A 1 68  ? -15.019 -4.509  -11.799 1.00 109.43 ? 68  TRP A CG  1 
ATOM   544  C  CD1 . TRP A 1 68  ? -15.029 -3.463  -12.681 1.00 106.53 ? 68  TRP A CD1 1 
ATOM   545  C  CD2 . TRP A 1 68  ? -15.292 -5.688  -12.575 1.00 105.06 ? 68  TRP A CD2 1 
ATOM   546  N  NE1 . TRP A 1 68  ? -15.295 -3.915  -13.953 1.00 104.60 ? 68  TRP A NE1 1 
ATOM   547  C  CE2 . TRP A 1 68  ? -15.459 -5.276  -13.917 1.00 104.01 ? 68  TRP A CE2 1 
ATOM   548  C  CE3 . TRP A 1 68  ? -15.411 -7.050  -12.266 1.00 103.00 ? 68  TRP A CE3 1 
ATOM   549  C  CZ2 . TRP A 1 68  ? -15.739 -6.181  -14.951 1.00 100.13 ? 68  TRP A CZ2 1 
ATOM   550  C  CZ3 . TRP A 1 68  ? -15.689 -7.950  -13.296 1.00 94.87  ? 68  TRP A CZ3 1 
ATOM   551  C  CH2 . TRP A 1 68  ? -15.849 -7.509  -14.620 1.00 93.20  ? 68  TRP A CH2 1 
ATOM   552  N  N   . HIS A 1 69  ? -15.893 -2.550  -7.694  1.00 104.75 ? 69  HIS A N   1 
ATOM   553  C  CA  . HIS A 1 69  ? -16.128 -2.538  -6.246  1.00 98.52  ? 69  HIS A CA  1 
ATOM   554  C  C   . HIS A 1 69  ? -17.187 -3.542  -5.779  1.00 97.72  ? 69  HIS A C   1 
ATOM   555  O  O   . HIS A 1 69  ? -18.359 -3.197  -5.633  1.00 88.62  ? 69  HIS A O   1 
ATOM   556  C  CB  . HIS A 1 69  ? -16.550 -1.138  -5.797  1.00 96.21  ? 69  HIS A CB  1 
ATOM   557  C  CG  . HIS A 1 69  ? -15.767 -0.032  -6.432  1.00 97.09  ? 69  HIS A CG  1 
ATOM   558  N  ND1 . HIS A 1 69  ? -15.592 0.068   -7.796  1.00 100.40 ? 69  HIS A ND1 1 
ATOM   559  C  CD2 . HIS A 1 69  ? -15.159 1.052   -5.895  1.00 99.36  ? 69  HIS A CD2 1 
ATOM   560  C  CE1 . HIS A 1 69  ? -14.912 1.167   -8.071  1.00 110.13 ? 69  HIS A CE1 1 
ATOM   561  N  NE2 . HIS A 1 69  ? -14.637 1.782   -6.935  1.00 106.82 ? 69  HIS A NE2 1 
ATOM   562  N  N   . VAL A 1 70  ? -16.764 -4.778  -5.530  1.00 97.93  ? 70  VAL A N   1 
ATOM   563  C  CA  . VAL A 1 70  ? -17.663 -5.838  -5.075  1.00 98.15  ? 70  VAL A CA  1 
ATOM   564  C  C   . VAL A 1 70  ? -18.419 -5.433  -3.808  1.00 108.15 ? 70  VAL A C   1 
ATOM   565  O  O   . VAL A 1 70  ? -17.836 -5.379  -2.723  1.00 110.95 ? 70  VAL A O   1 
ATOM   566  C  CB  . VAL A 1 70  ? -16.870 -7.132  -4.776  1.00 95.03  ? 70  VAL A CB  1 
ATOM   567  C  CG1 . VAL A 1 70  ? -17.817 -8.247  -4.377  1.00 99.04  ? 70  VAL A CG1 1 
ATOM   568  C  CG2 . VAL A 1 70  ? -16.053 -7.539  -5.993  1.00 83.31  ? 70  VAL A CG2 1 
ATOM   569  N  N   . VAL A 1 71  ? -19.717 -5.161  -3.940  1.00 119.90 ? 71  VAL A N   1 
ATOM   570  C  CA  . VAL A 1 71  ? -20.532 -4.760  -2.789  1.00 128.16 ? 71  VAL A CA  1 
ATOM   571  C  C   . VAL A 1 71  ? -21.501 -5.835  -2.292  1.00 128.28 ? 71  VAL A C   1 
ATOM   572  O  O   . VAL A 1 71  ? -21.735 -6.852  -2.954  1.00 126.01 ? 71  VAL A O   1 
ATOM   573  C  CB  . VAL A 1 71  ? -21.360 -3.480  -3.083  1.00 129.32 ? 71  VAL A CB  1 
ATOM   574  C  CG1 . VAL A 1 71  ? -20.442 -2.355  -3.521  1.00 133.65 ? 71  VAL A CG1 1 
ATOM   575  C  CG2 . VAL A 1 71  ? -22.415 -3.766  -4.136  1.00 126.54 ? 71  VAL A CG2 1 
ATOM   576  N  N   . LYS A 1 72  ? -22.065 -5.579  -1.115  1.00 124.88 ? 72  LYS A N   1 
ATOM   577  C  CA  . LYS A 1 72  ? -23.011 -6.480  -0.470  1.00 121.02 ? 72  LYS A CA  1 
ATOM   578  C  C   . LYS A 1 72  ? -24.416 -6.287  -1.036  1.00 117.01 ? 72  LYS A C   1 
ATOM   579  O  O   . LYS A 1 72  ? -25.146 -7.255  -1.255  1.00 112.70 ? 72  LYS A O   1 
ATOM   580  C  CB  . LYS A 1 72  ? -23.011 -6.214  1.039   1.00 123.76 ? 72  LYS A CB  1 
ATOM   581  C  CG  . LYS A 1 72  ? -23.888 -7.135  1.869   1.00 123.97 ? 72  LYS A CG  1 
ATOM   582  C  CD  . LYS A 1 72  ? -23.842 -6.727  3.339   1.00 122.51 ? 72  LYS A CD  1 
ATOM   583  C  CE  . LYS A 1 72  ? -24.692 -7.645  4.200   1.00 113.71 ? 72  LYS A CE  1 
ATOM   584  N  NZ  . LYS A 1 72  ? -24.223 -9.054  4.111   1.00 106.82 ? 72  LYS A NZ  1 
ATOM   585  N  N   . GLU A 1 73  ? -24.789 -5.032  -1.270  1.00 112.44 ? 73  GLU A N   1 
ATOM   586  C  CA  . GLU A 1 73  ? -26.102 -4.711  -1.811  1.00 110.06 ? 73  GLU A CA  1 
ATOM   587  C  C   . GLU A 1 73  ? -26.032 -4.240  -3.263  1.00 112.77 ? 73  GLU A C   1 
ATOM   588  O  O   . GLU A 1 73  ? -26.042 -3.038  -3.541  1.00 99.90  ? 73  GLU A O   1 
ATOM   589  C  CB  . GLU A 1 73  ? -26.780 -3.641  -0.950  1.00 115.09 ? 73  GLU A CB  1 
ATOM   590  C  CG  . GLU A 1 73  ? -27.551 -4.197  0.241   1.00 121.52 ? 73  GLU A CG  1 
ATOM   591  C  CD  . GLU A 1 73  ? -28.830 -4.917  -0.171  1.00 127.22 ? 73  GLU A CD  1 
ATOM   592  O  OE1 . GLU A 1 73  ? -29.774 -4.241  -0.640  1.00 122.76 ? 73  GLU A OE1 1 
ATOM   593  O  OE2 . GLU A 1 73  ? -28.894 -6.158  -0.029  1.00 123.73 ? 73  GLU A OE2 1 
ATOM   594  N  N   . PRO A 1 74  ? -25.954 -5.189  -4.212  1.00 117.86 ? 74  PRO A N   1 
ATOM   595  C  CA  . PRO A 1 74  ? -25.886 -4.850  -5.636  1.00 122.66 ? 74  PRO A CA  1 
ATOM   596  C  C   . PRO A 1 74  ? -27.275 -4.553  -6.185  1.00 129.96 ? 74  PRO A C   1 
ATOM   597  O  O   . PRO A 1 74  ? -27.421 -3.942  -7.245  1.00 130.23 ? 74  PRO A O   1 
ATOM   598  C  CB  . PRO A 1 74  ? -25.276 -6.103  -6.251  1.00 123.66 ? 74  PRO A CB  1 
ATOM   599  C  CG  . PRO A 1 74  ? -25.879 -7.189  -5.421  1.00 124.70 ? 74  PRO A CG  1 
ATOM   600  C  CD  . PRO A 1 74  ? -25.765 -6.638  -4.009  1.00 120.95 ? 74  PRO A CD  1 
ATOM   601  N  N   . GLU A 1 75  ? -28.294 -4.990  -5.447  1.00 135.95 ? 75  GLU A N   1 
ATOM   602  C  CA  . GLU A 1 75  ? -29.681 -4.776  -5.847  1.00 136.82 ? 75  GLU A CA  1 
ATOM   603  C  C   . GLU A 1 75  ? -30.201 -3.411  -5.398  1.00 131.09 ? 75  GLU A C   1 
ATOM   604  O  O   . GLU A 1 75  ? -31.406 -3.223  -5.222  1.00 131.99 ? 75  GLU A O   1 
ATOM   605  C  CB  . GLU A 1 75  ? -30.583 -5.883  -5.281  1.00 143.36 ? 75  GLU A CB  1 
ATOM   606  C  CG  . GLU A 1 75  ? -30.254 -7.291  -5.773  1.00 143.76 ? 75  GLU A CG  1 
ATOM   607  C  CD  . GLU A 1 75  ? -29.063 -7.903  -5.059  1.00 147.15 ? 75  GLU A CD  1 
ATOM   608  O  OE1 . GLU A 1 75  ? -28.617 -8.996  -5.472  1.00 149.43 ? 75  GLU A OE1 1 
ATOM   609  O  OE2 . GLU A 1 75  ? -28.578 -7.294  -4.080  1.00 141.81 ? 75  GLU A OE2 1 
ATOM   610  N  N   . LYS A 1 76  ? -29.287 -2.463  -5.204  1.00 121.38 ? 76  LYS A N   1 
ATOM   611  C  CA  . LYS A 1 76  ? -29.665 -1.115  -4.801  1.00 114.57 ? 76  LYS A CA  1 
ATOM   612  C  C   . LYS A 1 76  ? -28.931 -0.131  -5.703  1.00 107.52 ? 76  LYS A C   1 
ATOM   613  O  O   . LYS A 1 76  ? -28.809 1.055   -5.391  1.00 95.18  ? 76  LYS A O   1 
ATOM   614  C  CB  . LYS A 1 76  ? -29.290 -0.853  -3.340  1.00 116.70 ? 76  LYS A CB  1 
ATOM   615  C  CG  . LYS A 1 76  ? -30.172 0.198   -2.668  1.00 111.72 ? 76  LYS A CG  1 
ATOM   616  C  CD  . LYS A 1 76  ? -29.538 0.757   -1.404  1.00 102.24 ? 76  LYS A CD  1 
ATOM   617  C  CE  . LYS A 1 76  ? -28.375 1.673   -1.746  1.00 91.96  ? 76  LYS A CE  1 
ATOM   618  N  NZ  . LYS A 1 76  ? -28.811 2.790   -2.631  1.00 73.81  ? 76  LYS A NZ  1 
ATOM   619  N  N   . PHE A 1 77  ? -28.436 -0.642  -6.826  1.00 109.74 ? 77  PHE A N   1 
ATOM   620  C  CA  . PHE A 1 77  ? -27.713 0.185   -7.781  1.00 112.25 ? 77  PHE A CA  1 
ATOM   621  C  C   . PHE A 1 77  ? -28.168 -0.040  -9.220  1.00 107.04 ? 77  PHE A C   1 
ATOM   622  O  O   . PHE A 1 77  ? -28.370 -1.171  -9.667  1.00 89.84  ? 77  PHE A O   1 
ATOM   623  C  CB  . PHE A 1 77  ? -26.203 -0.048  -7.648  1.00 122.20 ? 77  PHE A CB  1 
ATOM   624  C  CG  . PHE A 1 77  ? -25.643 0.364   -6.310  1.00 128.27 ? 77  PHE A CG  1 
ATOM   625  C  CD1 . PHE A 1 77  ? -25.630 -0.527  -5.239  1.00 133.66 ? 77  PHE A CD1 1 
ATOM   626  C  CD2 . PHE A 1 77  ? -25.168 1.659   -6.109  1.00 126.28 ? 77  PHE A CD2 1 
ATOM   627  C  CE1 . PHE A 1 77  ? -25.152 -0.132  -3.986  1.00 136.01 ? 77  PHE A CE1 1 
ATOM   628  C  CE2 . PHE A 1 77  ? -24.690 2.063   -4.861  1.00 125.03 ? 77  PHE A CE2 1 
ATOM   629  C  CZ  . PHE A 1 77  ? -24.683 1.167   -3.798  1.00 128.88 ? 77  PHE A CZ  1 
ATOM   630  N  N   . LYS A 1 78  ? -28.320 1.075   -9.926  1.00 108.46 ? 78  LYS A N   1 
ATOM   631  C  CA  . LYS A 1 78  ? -28.772 1.132   -11.315 1.00 114.35 ? 78  LYS A CA  1 
ATOM   632  C  C   . LYS A 1 78  ? -27.771 0.641   -12.360 1.00 112.10 ? 78  LYS A C   1 
ATOM   633  O  O   . LYS A 1 78  ? -27.402 -0.534  -12.388 1.00 110.80 ? 78  LYS A O   1 
ATOM   634  C  CB  . LYS A 1 78  ? -29.172 2.576   -11.644 1.00 114.40 ? 78  LYS A CB  1 
ATOM   635  C  CG  . LYS A 1 78  ? -28.035 3.595   -11.489 1.00 106.03 ? 78  LYS A CG  1 
ATOM   636  C  CD  . LYS A 1 78  ? -27.352 3.498   -10.121 1.00 101.13 ? 78  LYS A CD  1 
ATOM   637  C  CE  . LYS A 1 78  ? -28.333 3.744   -8.976  1.00 103.54 ? 78  LYS A CE  1 
ATOM   638  N  NZ  . LYS A 1 78  ? -27.809 3.275   -7.661  1.00 84.66  ? 78  LYS A NZ  1 
ATOM   639  N  N   . VAL A 1 79  ? -27.359 1.558   -13.231 1.00 109.52 ? 79  VAL A N   1 
ATOM   640  C  CA  . VAL A 1 79  ? -26.411 1.260   -14.294 1.00 107.64 ? 79  VAL A CA  1 
ATOM   641  C  C   . VAL A 1 79  ? -25.970 2.565   -14.954 1.00 106.23 ? 79  VAL A C   1 
ATOM   642  O  O   . VAL A 1 79  ? -25.487 2.570   -16.085 1.00 110.88 ? 79  VAL A O   1 
ATOM   643  C  CB  . VAL A 1 79  ? -27.048 0.331   -15.358 1.00 111.87 ? 79  VAL A CB  1 
ATOM   644  C  CG1 . VAL A 1 79  ? -28.135 1.075   -16.118 1.00 110.72 ? 79  VAL A CG1 1 
ATOM   645  C  CG2 . VAL A 1 79  ? -25.978 -0.197  -16.303 1.00 108.97 ? 79  VAL A CG2 1 
ATOM   646  N  N   . GLY A 1 80  ? -26.141 3.673   -14.238 1.00 102.74 ? 80  GLY A N   1 
ATOM   647  C  CA  . GLY A 1 80  ? -25.746 4.965   -14.770 1.00 97.75  ? 80  GLY A CA  1 
ATOM   648  C  C   . GLY A 1 80  ? -26.417 6.104   -14.031 1.00 105.51 ? 80  GLY A C   1 
ATOM   649  O  O   . GLY A 1 80  ? -27.646 6.161   -13.970 1.00 112.25 ? 80  GLY A O   1 
ATOM   650  N  N   . ASP A 1 81  ? -25.615 7.004   -13.464 1.00 108.24 ? 81  ASP A N   1 
ATOM   651  C  CA  . ASP A 1 81  ? -26.131 8.157   -12.722 1.00 110.97 ? 81  ASP A CA  1 
ATOM   652  C  C   . ASP A 1 81  ? -25.039 8.905   -11.953 1.00 112.83 ? 81  ASP A C   1 
ATOM   653  O  O   . ASP A 1 81  ? -24.459 9.860   -12.472 1.00 110.04 ? 81  ASP A O   1 
ATOM   654  C  CB  . ASP A 1 81  ? -27.248 7.715   -11.761 1.00 112.17 ? 81  ASP A CB  1 
ATOM   655  C  CG  . ASP A 1 81  ? -26.855 6.515   -10.911 1.00 108.95 ? 81  ASP A CG  1 
ATOM   656  O  OD1 . ASP A 1 81  ? -26.184 5.602   -11.439 1.00 86.50  ? 81  ASP A OD1 1 
ATOM   657  O  OD2 . ASP A 1 81  ? -27.232 6.479   -9.717  1.00 99.72  ? 81  ASP A OD2 1 
ATOM   658  N  N   . GLU A 1 82  ? -24.773 8.469   -10.722 1.00 118.00 ? 82  GLU A N   1 
ATOM   659  C  CA  . GLU A 1 82  ? -23.749 9.075   -9.863  1.00 122.49 ? 82  GLU A CA  1 
ATOM   660  C  C   . GLU A 1 82  ? -23.906 8.544   -8.434  1.00 125.20 ? 82  GLU A C   1 
ATOM   661  O  O   . GLU A 1 82  ? -25.023 8.263   -7.999  1.00 124.86 ? 82  GLU A O   1 
ATOM   662  C  CB  . GLU A 1 82  ? -23.880 10.605  -9.870  1.00 123.11 ? 82  GLU A CB  1 
ATOM   663  C  CG  . GLU A 1 82  ? -24.863 11.176  -8.857  1.00 116.59 ? 82  GLU A CG  1 
ATOM   664  C  CD  . GLU A 1 82  ? -24.186 11.567  -7.553  1.00 113.02 ? 82  GLU A CD  1 
ATOM   665  O  OE1 . GLU A 1 82  ? -23.272 12.416  -7.603  1.00 109.04 ? 82  GLU A OE1 1 
ATOM   666  O  OE2 . GLU A 1 82  ? -24.564 11.033  -6.486  1.00 100.30 ? 82  GLU A OE2 1 
ATOM   667  N  N   . VAL A 1 83  ? -22.795 8.408   -7.708  1.00 133.49 ? 83  VAL A N   1 
ATOM   668  C  CA  . VAL A 1 83  ? -22.832 7.897   -6.332  1.00 137.00 ? 83  VAL A CA  1 
ATOM   669  C  C   . VAL A 1 83  ? -21.781 8.500   -5.392  1.00 132.78 ? 83  VAL A C   1 
ATOM   670  O  O   . VAL A 1 83  ? -20.863 9.198   -5.827  1.00 129.52 ? 83  VAL A O   1 
ATOM   671  C  CB  . VAL A 1 83  ? -22.659 6.356   -6.298  1.00 141.77 ? 83  VAL A CB  1 
ATOM   672  C  CG1 . VAL A 1 83  ? -23.838 5.675   -6.982  1.00 144.96 ? 83  VAL A CG1 1 
ATOM   673  C  CG2 . VAL A 1 83  ? -21.353 5.966   -6.972  1.00 142.96 ? 83  VAL A CG2 1 
ATOM   674  N  N   . GLU A 1 84  ? -21.927 8.213   -4.100  1.00 129.78 ? 84  GLU A N   1 
ATOM   675  C  CA  . GLU A 1 84  ? -21.003 8.703   -3.079  1.00 126.77 ? 84  GLU A CA  1 
ATOM   676  C  C   . GLU A 1 84  ? -20.043 7.593   -2.657  1.00 124.71 ? 84  GLU A C   1 
ATOM   677  O  O   . GLU A 1 84  ? -20.387 6.409   -2.712  1.00 124.85 ? 84  GLU A O   1 
ATOM   678  C  CB  . GLU A 1 84  ? -21.773 9.202   -1.855  1.00 127.68 ? 84  GLU A CB  1 
ATOM   679  C  CG  . GLU A 1 84  ? -20.870 9.661   -0.724  1.00 129.10 ? 84  GLU A CG  1 
ATOM   680  C  CD  . GLU A 1 84  ? -21.637 10.006  0.531   1.00 132.48 ? 84  GLU A CD  1 
ATOM   681  O  OE1 . GLU A 1 84  ? -22.388 9.137   1.025   1.00 134.25 ? 84  GLU A OE1 1 
ATOM   682  O  OE2 . GLU A 1 84  ? -21.482 11.143  1.028   1.00 129.22 ? 84  GLU A OE2 1 
ATOM   683  N  N   . LEU A 1 85  ? -18.850 7.986   -2.215  1.00 115.80 ? 85  LEU A N   1 
ATOM   684  C  CA  . LEU A 1 85  ? -17.819 7.036   -1.812  1.00 103.32 ? 85  LEU A CA  1 
ATOM   685  C  C   . LEU A 1 85  ? -17.235 7.313   -0.425  1.00 98.53  ? 85  LEU A C   1 
ATOM   686  O  O   . LEU A 1 85  ? -16.796 8.426   -0.133  1.00 88.41  ? 85  LEU A O   1 
ATOM   687  C  CB  . LEU A 1 85  ? -16.697 7.051   -2.853  1.00 104.56 ? 85  LEU A CB  1 
ATOM   688  C  CG  . LEU A 1 85  ? -17.153 6.900   -4.310  1.00 101.34 ? 85  LEU A CG  1 
ATOM   689  C  CD1 . LEU A 1 85  ? -15.998 7.197   -5.244  1.00 96.43  ? 85  LEU A CD1 1 
ATOM   690  C  CD2 . LEU A 1 85  ? -17.696 5.497   -4.548  1.00 90.96  ? 85  LEU A CD2 1 
ATOM   691  N  N   . LYS A 1 86  ? -17.223 6.286   0.420   1.00 97.80  ? 86  LYS A N   1 
ATOM   692  C  CA  . LYS A 1 86  ? -16.696 6.399   1.780   1.00 98.76  ? 86  LYS A CA  1 
ATOM   693  C  C   . LYS A 1 86  ? -15.776 5.224   2.099   1.00 94.01  ? 86  LYS A C   1 
ATOM   694  O  O   . LYS A 1 86  ? -16.197 4.069   2.025   1.00 95.37  ? 86  LYS A O   1 
ATOM   695  C  CB  . LYS A 1 86  ? -17.845 6.412   2.792   1.00 103.16 ? 86  LYS A CB  1 
ATOM   696  C  CG  . LYS A 1 86  ? -18.862 7.522   2.594   1.00 104.08 ? 86  LYS A CG  1 
ATOM   697  C  CD  . LYS A 1 86  ? -19.927 7.465   3.678   1.00 102.77 ? 86  LYS A CD  1 
ATOM   698  C  CE  . LYS A 1 86  ? -20.933 8.595   3.540   1.00 89.53  ? 86  LYS A CE  1 
ATOM   699  N  NZ  . LYS A 1 86  ? -21.952 8.537   4.621   1.00 77.72  ? 86  LYS A NZ  1 
ATOM   700  N  N   . ILE A 1 87  ? -14.530 5.511   2.467   1.00 86.75  ? 87  ILE A N   1 
ATOM   701  C  CA  . ILE A 1 87  ? -13.585 4.442   2.791   1.00 83.92  ? 87  ILE A CA  1 
ATOM   702  C  C   . ILE A 1 87  ? -13.085 4.482   4.237   1.00 78.98  ? 87  ILE A C   1 
ATOM   703  O  O   . ILE A 1 87  ? -12.849 5.553   4.801   1.00 76.97  ? 87  ILE A O   1 
ATOM   704  C  CB  . ILE A 1 87  ? -12.352 4.464   1.850   1.00 78.91  ? 87  ILE A CB  1 
ATOM   705  C  CG1 . ILE A 1 87  ? -11.622 5.801   1.969   1.00 67.01  ? 87  ILE A CG1 1 
ATOM   706  C  CG2 . ILE A 1 87  ? -12.788 4.229   0.411   1.00 63.12  ? 87  ILE A CG2 1 
ATOM   707  C  CD1 . ILE A 1 87  ? -10.209 5.770   1.424   1.00 73.22  ? 87  ILE A CD1 1 
ATOM   708  N  N   . ASP A 1 88  ? -12.927 3.301   4.825   1.00 69.52  ? 88  ASP A N   1 
ATOM   709  C  CA  . ASP A 1 88  ? -12.454 3.162   6.200   1.00 67.99  ? 88  ASP A CA  1 
ATOM   710  C  C   . ASP A 1 88  ? -11.093 3.850   6.319   1.00 70.12  ? 88  ASP A C   1 
ATOM   711  O  O   . ASP A 1 88  ? -10.057 3.191   6.275   1.00 85.17  ? 88  ASP A O   1 
ATOM   712  C  CB  . ASP A 1 88  ? -12.320 1.673   6.541   1.00 69.45  ? 88  ASP A CB  1 
ATOM   713  C  CG  . ASP A 1 88  ? -12.182 1.414   8.033   1.00 82.69  ? 88  ASP A CG  1 
ATOM   714  O  OD1 . ASP A 1 88  ? -11.563 2.242   8.740   1.00 79.60  ? 88  ASP A OD1 1 
ATOM   715  O  OD2 . ASP A 1 88  ? -12.684 0.361   8.493   1.00 73.93  ? 88  ASP A OD2 1 
ATOM   716  N  N   . TRP A 1 89  ? -11.097 5.171   6.462   1.00 71.27  ? 89  TRP A N   1 
ATOM   717  C  CA  . TRP A 1 89  ? -9.861  5.944   6.571   1.00 75.76  ? 89  TRP A CA  1 
ATOM   718  C  C   . TRP A 1 89  ? -8.767  5.269   7.380   1.00 76.94  ? 89  TRP A C   1 
ATOM   719  O  O   . TRP A 1 89  ? -7.686  5.011   6.865   1.00 88.73  ? 89  TRP A O   1 
ATOM   720  C  CB  . TRP A 1 89  ? -10.122 7.314   7.193   1.00 75.67  ? 89  TRP A CB  1 
ATOM   721  C  CG  . TRP A 1 89  ? -8.872  8.134   7.275   1.00 69.27  ? 89  TRP A CG  1 
ATOM   722  C  CD1 . TRP A 1 89  ? -8.304  8.669   8.397   1.00 62.21  ? 89  TRP A CD1 1 
ATOM   723  C  CD2 . TRP A 1 89  ? -8.028  8.505   6.181   1.00 72.53  ? 89  TRP A CD2 1 
ATOM   724  N  NE1 . TRP A 1 89  ? -7.158  9.354   8.067   1.00 62.49  ? 89  TRP A NE1 1 
ATOM   725  C  CE2 . TRP A 1 89  ? -6.966  9.267   6.712   1.00 71.31  ? 89  TRP A CE2 1 
ATOM   726  C  CE3 . TRP A 1 89  ? -8.068  8.265   4.798   1.00 74.46  ? 89  TRP A CE3 1 
ATOM   727  C  CZ2 . TRP A 1 89  ? -5.948  9.792   5.907   1.00 73.69  ? 89  TRP A CZ2 1 
ATOM   728  C  CZ3 . TRP A 1 89  ? -7.053  8.789   3.998   1.00 59.60  ? 89  TRP A CZ3 1 
ATOM   729  C  CH2 . TRP A 1 89  ? -6.011  9.542   4.556   1.00 64.45  ? 89  TRP A CH2 1 
ATOM   730  N  N   . ASP A 1 90  ? -9.046  5.013   8.655   1.00 72.44  ? 90  ASP A N   1 
ATOM   731  C  CA  . ASP A 1 90  ? -8.084  4.373   9.545   1.00 81.50  ? 90  ASP A CA  1 
ATOM   732  C  C   . ASP A 1 90  ? -7.454  3.132   8.908   1.00 81.51  ? 90  ASP A C   1 
ATOM   733  O  O   . ASP A 1 90  ? -6.233  3.041   8.806   1.00 93.89  ? 90  ASP A O   1 
ATOM   734  C  CB  . ASP A 1 90  ? -8.757  4.011   10.880  1.00 92.77  ? 90  ASP A CB  1 
ATOM   735  C  CG  . ASP A 1 90  ? -8.657  5.132   11.920  1.00 91.61  ? 90  ASP A CG  1 
ATOM   736  O  OD1 . ASP A 1 90  ? -9.392  5.068   12.932  1.00 78.26  ? 90  ASP A OD1 1 
ATOM   737  O  OD2 . ASP A 1 90  ? -7.842  6.064   11.734  1.00 86.14  ? 90  ASP A OD2 1 
ATOM   738  N  N   . TYR A 1 91  ? -8.279  2.185   8.474   1.00 80.54  ? 91  TYR A N   1 
ATOM   739  C  CA  . TYR A 1 91  ? -7.778  0.969   7.832   1.00 80.51  ? 91  TYR A CA  1 
ATOM   740  C  C   . TYR A 1 91  ? -6.953  1.325   6.591   1.00 84.92  ? 91  TYR A C   1 
ATOM   741  O  O   . TYR A 1 91  ? -6.097  0.551   6.158   1.00 93.73  ? 91  TYR A O   1 
ATOM   742  C  CB  . TYR A 1 91  ? -8.949  0.063   7.451   1.00 77.74  ? 91  TYR A CB  1 
ATOM   743  C  CG  . TYR A 1 91  ? -8.581  -1.230  6.753   1.00 78.38  ? 91  TYR A CG  1 
ATOM   744  C  CD1 . TYR A 1 91  ? -8.369  -1.274  5.371   1.00 77.75  ? 91  TYR A CD1 1 
ATOM   745  C  CD2 . TYR A 1 91  ? -8.503  -2.425  7.468   1.00 83.75  ? 91  TYR A CD2 1 
ATOM   746  C  CE1 . TYR A 1 91  ? -8.096  -2.486  4.721   1.00 76.44  ? 91  TYR A CE1 1 
ATOM   747  C  CE2 . TYR A 1 91  ? -8.229  -3.635  6.832   1.00 76.99  ? 91  TYR A CE2 1 
ATOM   748  C  CZ  . TYR A 1 91  ? -8.030  -3.663  5.465   1.00 80.93  ? 91  TYR A CZ  1 
ATOM   749  O  OH  . TYR A 1 91  ? -7.779  -4.869  4.852   1.00 75.48  ? 91  TYR A OH  1 
ATOM   750  N  N   . ARG A 1 92  ? -7.223  2.494   6.019   1.00 71.29  ? 92  ARG A N   1 
ATOM   751  C  CA  . ARG A 1 92  ? -6.484  2.967   4.861   1.00 68.23  ? 92  ARG A CA  1 
ATOM   752  C  C   . ARG A 1 92  ? -5.183  3.586   5.361   1.00 73.76  ? 92  ARG A C   1 
ATOM   753  O  O   . ARG A 1 92  ? -4.094  3.091   5.082   1.00 76.60  ? 92  ARG A O   1 
ATOM   754  C  CB  . ARG A 1 92  ? -7.286  4.029   4.108   1.00 82.82  ? 92  ARG A CB  1 
ATOM   755  C  CG  . ARG A 1 92  ? -6.443  4.885   3.155   1.00 83.53  ? 92  ARG A CG  1 
ATOM   756  C  CD  . ARG A 1 92  ? -5.986  4.095   1.946   1.00 72.68  ? 92  ARG A CD  1 
ATOM   757  N  NE  . ARG A 1 92  ? -6.859  4.302   0.792   1.00 67.44  ? 92  ARG A NE  1 
ATOM   758  C  CZ  . ARG A 1 92  ? -6.825  5.382   0.018   1.00 66.61  ? 92  ARG A CZ  1 
ATOM   759  N  NH1 . ARG A 1 92  ? -5.964  6.360   0.267   1.00 73.50  ? 92  ARG A NH1 1 
ATOM   760  N  NH2 . ARG A 1 92  ? -7.646  5.480   -1.013  1.00 69.20  ? 92  ARG A NH2 1 
ATOM   761  N  N   . TYR A 1 93  ? -5.311  4.674   6.109   1.00 78.02  ? 93  TYR A N   1 
ATOM   762  C  CA  . TYR A 1 93  ? -4.160  5.384   6.646   1.00 77.60  ? 93  TYR A CA  1 
ATOM   763  C  C   . TYR A 1 93  ? -3.164  4.473   7.368   1.00 75.95  ? 93  TYR A C   1 
ATOM   764  O  O   . TYR A 1 93  ? -1.955  4.667   7.257   1.00 79.18  ? 93  TYR A O   1 
ATOM   765  C  CB  . TYR A 1 93  ? -4.621  6.506   7.589   1.00 56.56  ? 93  TYR A CB  1 
ATOM   766  C  CG  . TYR A 1 93  ? -3.490  7.398   8.050   1.00 60.55  ? 93  TYR A CG  1 
ATOM   767  C  CD1 . TYR A 1 93  ? -2.993  7.317   9.354   1.00 64.21  ? 93  TYR A CD1 1 
ATOM   768  C  CD2 . TYR A 1 93  ? -2.884  8.294   7.170   1.00 54.97  ? 93  TYR A CD2 1 
ATOM   769  C  CE1 . TYR A 1 93  ? -1.921  8.106   9.766   1.00 49.64  ? 93  TYR A CE1 1 
ATOM   770  C  CE2 . TYR A 1 93  ? -1.809  9.086   7.571   1.00 55.84  ? 93  TYR A CE2 1 
ATOM   771  C  CZ  . TYR A 1 93  ? -1.334  8.987   8.870   1.00 51.25  ? 93  TYR A CZ  1 
ATOM   772  O  OH  . TYR A 1 93  ? -0.274  9.770   9.272   1.00 55.35  ? 93  TYR A OH  1 
ATOM   773  N  N   . LYS A 1 94  ? -3.664  3.480   8.097   1.00 71.93  ? 94  LYS A N   1 
ATOM   774  C  CA  . LYS A 1 94  ? -2.786  2.574   8.828   1.00 70.75  ? 94  LYS A CA  1 
ATOM   775  C  C   . LYS A 1 94  ? -2.094  1.596   7.889   1.00 79.78  ? 94  LYS A C   1 
ATOM   776  O  O   . LYS A 1 94  ? -1.216  0.838   8.301   1.00 82.95  ? 94  LYS A O   1 
ATOM   777  C  CB  . LYS A 1 94  ? -3.573  1.830   9.913   1.00 78.13  ? 94  LYS A CB  1 
ATOM   778  C  CG  . LYS A 1 94  ? -4.226  2.782   10.940  1.00 90.82  ? 94  LYS A CG  1 
ATOM   779  C  CD  . LYS A 1 94  ? -5.065  2.050   11.986  1.00 82.47  ? 94  LYS A CD  1 
ATOM   780  C  CE  . LYS A 1 94  ? -5.957  3.014   12.772  1.00 91.55  ? 94  LYS A CE  1 
ATOM   781  N  NZ  . LYS A 1 94  ? -5.216  4.068   13.523  1.00 83.07  ? 94  LYS A NZ  1 
ATOM   782  N  N   . LEU A 1 95  ? -2.488  1.630   6.620   1.00 76.48  ? 95  LEU A N   1 
ATOM   783  C  CA  . LEU A 1 95  ? -1.889  0.771   5.606   1.00 62.63  ? 95  LEU A CA  1 
ATOM   784  C  C   . LEU A 1 95  ? -0.770  1.578   4.941   1.00 62.08  ? 95  LEU A C   1 
ATOM   785  O  O   . LEU A 1 95  ? 0.283   1.042   4.601   1.00 67.53  ? 95  LEU A O   1 
ATOM   786  C  CB  . LEU A 1 95  ? -2.939  0.368   4.572   1.00 51.35  ? 95  LEU A CB  1 
ATOM   787  C  CG  . LEU A 1 95  ? -3.070  -1.119  4.236   1.00 52.40  ? 95  LEU A CG  1 
ATOM   788  C  CD1 . LEU A 1 95  ? -3.201  -1.929  5.509   1.00 61.17  ? 95  LEU A CD1 1 
ATOM   789  C  CD2 . LEU A 1 95  ? -4.278  -1.335  3.349   1.00 48.43  ? 95  LEU A CD2 1 
ATOM   790  N  N   . MET A 1 96  ? -1.007  2.873   4.775   1.00 53.84  ? 96  MET A N   1 
ATOM   791  C  CA  . MET A 1 96  ? -0.033  3.775   4.169   1.00 69.16  ? 96  MET A CA  1 
ATOM   792  C  C   . MET A 1 96  ? 1.219   3.829   5.031   1.00 66.20  ? 96  MET A C   1 
ATOM   793  O  O   . MET A 1 96  ? 2.337   3.751   4.529   1.00 71.19  ? 96  MET A O   1 
ATOM   794  C  CB  . MET A 1 96  ? -0.619  5.184   4.044   1.00 75.61  ? 96  MET A CB  1 
ATOM   795  C  CG  . MET A 1 96  ? -1.765  5.306   3.058   1.00 81.29  ? 96  MET A CG  1 
ATOM   796  S  SD  . MET A 1 96  ? -2.706  6.824   3.316   1.00 97.53  ? 96  MET A SD  1 
ATOM   797  C  CE  . MET A 1 96  ? -1.561  8.055   2.702   1.00 73.26  ? 96  MET A CE  1 
ATOM   798  N  N   . ARG A 1 97  ? 1.021   3.983   6.333   1.00 72.42  ? 97  ARG A N   1 
ATOM   799  C  CA  . ARG A 1 97  ? 2.141   4.032   7.261   1.00 79.95  ? 97  ARG A CA  1 
ATOM   800  C  C   . ARG A 1 97  ? 2.926   2.733   7.108   1.00 72.99  ? 97  ARG A C   1 
ATOM   801  O  O   . ARG A 1 97  ? 4.158   2.730   7.092   1.00 71.14  ? 97  ARG A O   1 
ATOM   802  C  CB  . ARG A 1 97  ? 1.640   4.147   8.702   1.00 81.26  ? 97  ARG A CB  1 
ATOM   803  C  CG  . ARG A 1 97  ? 0.903   5.430   9.050   1.00 69.46  ? 97  ARG A CG  1 
ATOM   804  C  CD  . ARG A 1 97  ? 0.246   5.253   10.406  1.00 56.24  ? 97  ARG A CD  1 
ATOM   805  N  NE  . ARG A 1 97  ? 1.209   4.732   11.373  1.00 79.50  ? 97  ARG A NE  1 
ATOM   806  C  CZ  . ARG A 1 97  ? 0.887   4.032   12.457  1.00 88.01  ? 97  ARG A CZ  1 
ATOM   807  N  NH1 . ARG A 1 97  ? -0.387  3.761   12.727  1.00 75.43  ? 97  ARG A NH1 1 
ATOM   808  N  NH2 . ARG A 1 97  ? 1.846   3.591   13.265  1.00 85.36  ? 97  ARG A NH2 1 
ATOM   809  N  N   . ILE A 1 98  ? 2.193   1.631   6.995   1.00 65.74  ? 98  ILE A N   1 
ATOM   810  C  CA  . ILE A 1 98  ? 2.801   0.317   6.847   1.00 63.79  ? 98  ILE A CA  1 
ATOM   811  C  C   . ILE A 1 98  ? 3.500   0.170   5.513   1.00 64.68  ? 98  ILE A C   1 
ATOM   812  O  O   . ILE A 1 98  ? 4.675   -0.186  5.462   1.00 75.68  ? 98  ILE A O   1 
ATOM   813  C  CB  . ILE A 1 98  ? 1.759   -0.806  6.971   1.00 60.58  ? 98  ILE A CB  1 
ATOM   814  C  CG1 . ILE A 1 98  ? 1.258   -0.888  8.416   1.00 76.47  ? 98  ILE A CG1 1 
ATOM   815  C  CG2 . ILE A 1 98  ? 2.375   -2.123  6.563   1.00 41.64  ? 98  ILE A CG2 1 
ATOM   816  C  CD1 . ILE A 1 98  ? 0.234   -1.984  8.660   1.00 91.80  ? 98  ILE A CD1 1 
ATOM   817  N  N   . HIS A 1 99  ? 2.778   0.436   4.431   1.00 61.93  ? 99  HIS A N   1 
ATOM   818  C  CA  . HIS A 1 99  ? 3.371   0.310   3.120   1.00 46.42  ? 99  HIS A CA  1 
ATOM   819  C  C   . HIS A 1 99  ? 4.573   1.216   3.013   1.00 55.23  ? 99  HIS A C   1 
ATOM   820  O  O   . HIS A 1 99  ? 5.613   0.805   2.505   1.00 76.17  ? 99  HIS A O   1 
ATOM   821  C  CB  . HIS A 1 99  ? 2.369   0.647   2.028   1.00 59.04  ? 99  HIS A CB  1 
ATOM   822  C  CG  . HIS A 1 99  ? 2.712   0.036   0.712   1.00 67.41  ? 99  HIS A CG  1 
ATOM   823  N  ND1 . HIS A 1 99  ? 1.759   -0.458  -0.150  1.00 76.68  ? 99  HIS A ND1 1 
ATOM   824  C  CD2 . HIS A 1 99  ? 3.911   -0.208  0.131   1.00 65.31  ? 99  HIS A CD2 1 
ATOM   825  C  CE1 . HIS A 1 99  ? 2.356   -0.987  -1.204  1.00 79.30  ? 99  HIS A CE1 1 
ATOM   826  N  NE2 . HIS A 1 99  ? 3.661   -0.847  -1.056  1.00 82.14  ? 99  HIS A NE2 1 
ATOM   827  N  N   . THR A 1 100 ? 4.452   2.446   3.495   1.00 53.09  ? 100 THR A N   1 
ATOM   828  C  CA  . THR A 1 100 ? 5.593   3.357   3.444   1.00 64.35  ? 100 THR A CA  1 
ATOM   829  C  C   . THR A 1 100 ? 6.695   2.841   4.368   1.00 58.20  ? 100 THR A C   1 
ATOM   830  O  O   . THR A 1 100 ? 7.865   3.160   4.191   1.00 59.21  ? 100 THR A O   1 
ATOM   831  C  CB  . THR A 1 100 ? 5.226   4.774   3.894   1.00 66.56  ? 100 THR A CB  1 
ATOM   832  O  OG1 . THR A 1 100 ? 4.144   5.270   3.094   1.00 77.83  ? 100 THR A OG1 1 
ATOM   833  C  CG2 . THR A 1 100 ? 6.430   5.697   3.731   1.00 60.30  ? 100 THR A CG2 1 
ATOM   834  N  N   . GLY A 1 101 ? 6.307   2.043   5.356   1.00 62.78  ? 101 GLY A N   1 
ATOM   835  C  CA  . GLY A 1 101 ? 7.274   1.488   6.282   1.00 58.72  ? 101 GLY A CA  1 
ATOM   836  C  C   . GLY A 1 101 ? 8.219   0.570   5.542   1.00 60.77  ? 101 GLY A C   1 
ATOM   837  O  O   . GLY A 1 101 ? 9.443   0.695   5.636   1.00 65.54  ? 101 GLY A O   1 
ATOM   838  N  N   . LEU A 1 102 ? 7.642   -0.349  4.782   1.00 55.47  ? 102 LEU A N   1 
ATOM   839  C  CA  . LEU A 1 102 ? 8.422   -1.296  4.005   1.00 50.74  ? 102 LEU A CA  1 
ATOM   840  C  C   . LEU A 1 102 ? 9.464   -0.647  3.094   1.00 57.37  ? 102 LEU A C   1 
ATOM   841  O  O   . LEU A 1 102 ? 10.583  -1.143  2.993   1.00 61.96  ? 102 LEU A O   1 
ATOM   842  C  CB  . LEU A 1 102 ? 7.488   -2.170  3.194   1.00 37.48  ? 102 LEU A CB  1 
ATOM   843  C  CG  . LEU A 1 102 ? 6.585   -2.984  4.111   1.00 41.64  ? 102 LEU A CG  1 
ATOM   844  C  CD1 . LEU A 1 102 ? 5.667   -3.875  3.285   1.00 35.25  ? 102 LEU A CD1 1 
ATOM   845  C  CD2 . LEU A 1 102 ? 7.455   -3.814  5.044   1.00 45.79  ? 102 LEU A CD2 1 
ATOM   846  N  N   . HIS A 1 103 ? 9.115   0.450   2.426   1.00 57.72  ? 103 HIS A N   1 
ATOM   847  C  CA  . HIS A 1 103 ? 10.096  1.106   1.568   1.00 63.08  ? 103 HIS A CA  1 
ATOM   848  C  C   . HIS A 1 103 ? 11.263  1.574   2.422   1.00 61.16  ? 103 HIS A C   1 
ATOM   849  O  O   . HIS A 1 103 ? 12.421  1.447   2.031   1.00 73.43  ? 103 HIS A O   1 
ATOM   850  C  CB  . HIS A 1 103 ? 9.518   2.329   0.839   1.00 58.15  ? 103 HIS A CB  1 
ATOM   851  C  CG  . HIS A 1 103 ? 8.600   1.994   -0.296  1.00 54.36  ? 103 HIS A CG  1 
ATOM   852  N  ND1 . HIS A 1 103 ? 8.336   2.883   -1.319  1.00 55.22  ? 103 HIS A ND1 1 
ATOM   853  C  CD2 . HIS A 1 103 ? 7.832   0.905   -0.537  1.00 38.09  ? 103 HIS A CD2 1 
ATOM   854  C  CE1 . HIS A 1 103 ? 7.441   2.355   -2.137  1.00 59.44  ? 103 HIS A CE1 1 
ATOM   855  N  NE2 . HIS A 1 103 ? 7.119   1.155   -1.685  1.00 57.09  ? 103 HIS A NE2 1 
ATOM   856  N  N   . LEU A 1 104 ? 10.963  2.124   3.591   1.00 60.68  ? 104 LEU A N   1 
ATOM   857  C  CA  . LEU A 1 104 ? 12.023  2.608   4.461   1.00 57.13  ? 104 LEU A CA  1 
ATOM   858  C  C   . LEU A 1 104 ? 12.849  1.426   4.944   1.00 52.29  ? 104 LEU A C   1 
ATOM   859  O  O   . LEU A 1 104 ? 14.075  1.521   5.076   1.00 51.75  ? 104 LEU A O   1 
ATOM   860  C  CB  . LEU A 1 104 ? 11.447  3.367   5.665   1.00 51.03  ? 104 LEU A CB  1 
ATOM   861  C  CG  . LEU A 1 104 ? 12.459  4.253   6.405   1.00 41.66  ? 104 LEU A CG  1 
ATOM   862  C  CD1 . LEU A 1 104 ? 12.900  5.377   5.477   1.00 42.24  ? 104 LEU A CD1 1 
ATOM   863  C  CD2 . LEU A 1 104 ? 11.854  4.827   7.681   1.00 40.77  ? 104 LEU A CD2 1 
ATOM   864  N  N   . LEU A 1 105 ? 12.184  0.306   5.204   1.00 37.34  ? 105 LEU A N   1 
ATOM   865  C  CA  . LEU A 1 105 ? 12.909  -0.860  5.671   1.00 30.27  ? 105 LEU A CA  1 
ATOM   866  C  C   . LEU A 1 105 ? 13.908  -1.258  4.611   1.00 43.55  ? 105 LEU A C   1 
ATOM   867  O  O   . LEU A 1 105 ? 15.001  -1.733  4.930   1.00 43.34  ? 105 LEU A O   1 
ATOM   868  C  CB  . LEU A 1 105 ? 11.967  -2.023  5.938   1.00 23.70  ? 105 LEU A CB  1 
ATOM   869  C  CG  . LEU A 1 105 ? 12.650  -3.179  6.678   1.00 37.66  ? 105 LEU A CG  1 
ATOM   870  C  CD1 . LEU A 1 105 ? 13.319  -2.673  7.941   1.00 26.89  ? 105 LEU A CD1 1 
ATOM   871  C  CD2 . LEU A 1 105 ? 11.622  -4.228  7.025   1.00 29.68  ? 105 LEU A CD2 1 
ATOM   872  N  N   . GLU A 1 106 ? 13.522  -1.060  3.349   1.00 36.21  ? 106 GLU A N   1 
ATOM   873  C  CA  . GLU A 1 106 ? 14.384  -1.381  2.221   1.00 51.34  ? 106 GLU A CA  1 
ATOM   874  C  C   . GLU A 1 106 ? 15.680  -0.583  2.309   1.00 48.73  ? 106 GLU A C   1 
ATOM   875  O  O   . GLU A 1 106 ? 16.764  -1.153  2.210   1.00 52.66  ? 106 GLU A O   1 
ATOM   876  C  CB  . GLU A 1 106 ? 13.679  -1.088  0.888   1.00 56.22  ? 106 GLU A CB  1 
ATOM   877  C  CG  . GLU A 1 106 ? 14.595  -1.180  -0.334  1.00 65.51  ? 106 GLU A CG  1 
ATOM   878  C  CD  . GLU A 1 106 ? 13.849  -1.094  -1.661  1.00 75.86  ? 106 GLU A CD  1 
ATOM   879  O  OE1 . GLU A 1 106 ? 14.503  -0.837  -2.699  1.00 61.10  ? 106 GLU A OE1 1 
ATOM   880  O  OE2 . GLU A 1 106 ? 12.615  -1.295  -1.665  1.00 83.27  ? 106 GLU A OE2 1 
ATOM   881  N  N   . HIS A 1 107 ? 15.568  0.731   2.500   1.00 44.19  ? 107 HIS A N   1 
ATOM   882  C  CA  . HIS A 1 107 ? 16.749  1.583   2.610   1.00 52.82  ? 107 HIS A CA  1 
ATOM   883  C  C   . HIS A 1 107 ? 17.546  1.162   3.829   1.00 64.04  ? 107 HIS A C   1 
ATOM   884  O  O   . HIS A 1 107 ? 18.728  0.826   3.734   1.00 69.98  ? 107 HIS A O   1 
ATOM   885  C  CB  . HIS A 1 107 ? 16.357  3.047   2.779   1.00 38.09  ? 107 HIS A CB  1 
ATOM   886  C  CG  . HIS A 1 107 ? 17.527  3.980   2.882   1.00 40.74  ? 107 HIS A CG  1 
ATOM   887  N  ND1 . HIS A 1 107 ? 18.364  4.248   1.819   1.00 48.22  ? 107 HIS A ND1 1 
ATOM   888  C  CD2 . HIS A 1 107 ? 17.982  4.729   3.914   1.00 47.14  ? 107 HIS A CD2 1 
ATOM   889  C  CE1 . HIS A 1 107 ? 19.281  5.124   2.190   1.00 55.69  ? 107 HIS A CE1 1 
ATOM   890  N  NE2 . HIS A 1 107 ? 19.071  5.434   3.459   1.00 46.05  ? 107 HIS A NE2 1 
ATOM   891  N  N   . VAL A 1 108 ? 16.884  1.184   4.979   1.00 60.89  ? 108 VAL A N   1 
ATOM   892  C  CA  . VAL A 1 108 ? 17.521  0.818   6.229   1.00 55.44  ? 108 VAL A CA  1 
ATOM   893  C  C   . VAL A 1 108 ? 18.341  -0.439  6.082   1.00 61.15  ? 108 VAL A C   1 
ATOM   894  O  O   . VAL A 1 108 ? 19.477  -0.492  6.553   1.00 60.84  ? 108 VAL A O   1 
ATOM   895  C  CB  . VAL A 1 108 ? 16.484  0.609   7.332   1.00 52.63  ? 108 VAL A CB  1 
ATOM   896  C  CG1 . VAL A 1 108 ? 17.094  -0.152  8.488   1.00 31.71  ? 108 VAL A CG1 1 
ATOM   897  C  CG2 . VAL A 1 108 ? 15.976  1.958   7.803   1.00 50.97  ? 108 VAL A CG2 1 
ATOM   898  N  N   . LEU A 1 109 ? 17.767  -1.448  5.428   1.00 66.01  ? 109 LEU A N   1 
ATOM   899  C  CA  . LEU A 1 109 ? 18.465  -2.718  5.232   1.00 60.96  ? 109 LEU A CA  1 
ATOM   900  C  C   . LEU A 1 109 ? 19.699  -2.488  4.370   1.00 59.09  ? 109 LEU A C   1 
ATOM   901  O  O   . LEU A 1 109 ? 20.757  -3.069  4.618   1.00 66.16  ? 109 LEU A O   1 
ATOM   902  C  CB  . LEU A 1 109 ? 17.524  -3.767  4.608   1.00 64.31  ? 109 LEU A CB  1 
ATOM   903  C  CG  . LEU A 1 109 ? 16.392  -4.266  5.539   1.00 66.93  ? 109 LEU A CG  1 
ATOM   904  C  CD1 . LEU A 1 109 ? 15.450  -5.195  4.796   1.00 54.49  ? 109 LEU A CD1 1 
ATOM   905  C  CD2 . LEU A 1 109 ? 16.987  -4.990  6.742   1.00 45.08  ? 109 LEU A CD2 1 
ATOM   906  N  N   . ASN A 1 110 ? 19.576  -1.624  3.371   1.00 47.01  ? 110 ASN A N   1 
ATOM   907  C  CA  . ASN A 1 110 ? 20.718  -1.316  2.532   1.00 47.98  ? 110 ASN A CA  1 
ATOM   908  C  C   . ASN A 1 110 ? 21.826  -0.744  3.407   1.00 51.64  ? 110 ASN A C   1 
ATOM   909  O  O   . ASN A 1 110 ? 22.960  -1.197  3.366   1.00 67.24  ? 110 ASN A O   1 
ATOM   910  C  CB  . ASN A 1 110 ? 20.331  -0.300  1.470   1.00 54.54  ? 110 ASN A CB  1 
ATOM   911  C  CG  . ASN A 1 110 ? 19.587  -0.922  0.324   1.00 56.56  ? 110 ASN A CG  1 
ATOM   912  O  OD1 . ASN A 1 110 ? 18.965  -0.228  -0.480  1.00 61.72  ? 110 ASN A OD1 1 
ATOM   913  N  ND2 . ASN A 1 110 ? 19.652  -2.245  0.233   1.00 52.03  ? 110 ASN A ND2 1 
ATOM   914  N  N   . GLU A 1 111 ? 21.490  0.246   4.218   1.00 63.69  ? 111 GLU A N   1 
ATOM   915  C  CA  . GLU A 1 111 ? 22.479  0.862   5.090   1.00 63.47  ? 111 GLU A CA  1 
ATOM   916  C  C   . GLU A 1 111 ? 23.159  -0.131  6.028   1.00 65.69  ? 111 GLU A C   1 
ATOM   917  O  O   . GLU A 1 111 ? 24.382  -0.152  6.131   1.00 75.50  ? 111 GLU A O   1 
ATOM   918  C  CB  . GLU A 1 111 ? 21.832  1.982   5.907   1.00 69.37  ? 111 GLU A CB  1 
ATOM   919  C  CG  . GLU A 1 111 ? 21.359  3.162   5.072   1.00 56.92  ? 111 GLU A CG  1 
ATOM   920  C  CD  . GLU A 1 111 ? 22.485  3.805   4.293   1.00 69.94  ? 111 GLU A CD  1 
ATOM   921  O  OE1 . GLU A 1 111 ? 22.305  4.031   3.070   1.00 49.20  ? 111 GLU A OE1 1 
ATOM   922  O  OE2 . GLU A 1 111 ? 23.543  4.084   4.910   1.00 73.73  ? 111 GLU A OE2 1 
ATOM   923  N  N   . VAL A 1 112 ? 22.363  -0.954  6.700   1.00 58.95  ? 112 VAL A N   1 
ATOM   924  C  CA  . VAL A 1 112 ? 22.881  -1.931  7.653   1.00 49.83  ? 112 VAL A CA  1 
ATOM   925  C  C   . VAL A 1 112 ? 23.518  -3.175  7.031   1.00 57.92  ? 112 VAL A C   1 
ATOM   926  O  O   . VAL A 1 112 ? 24.663  -3.511  7.340   1.00 59.10  ? 112 VAL A O   1 
ATOM   927  C  CB  . VAL A 1 112 ? 21.766  -2.391  8.630   1.00 50.14  ? 112 VAL A CB  1 
ATOM   928  C  CG1 . VAL A 1 112 ? 22.288  -3.489  9.540   1.00 52.17  ? 112 VAL A CG1 1 
ATOM   929  C  CG2 . VAL A 1 112 ? 21.273  -1.213  9.462   1.00 50.05  ? 112 VAL A CG2 1 
ATOM   930  N  N   . LEU A 1 113 ? 22.784  -3.869  6.169   1.00 53.48  ? 113 LEU A N   1 
ATOM   931  C  CA  . LEU A 1 113 ? 23.329  -5.070  5.550   1.00 48.79  ? 113 LEU A CA  1 
ATOM   932  C  C   . LEU A 1 113 ? 24.268  -4.731  4.397   1.00 49.45  ? 113 LEU A C   1 
ATOM   933  O  O   . LEU A 1 113 ? 25.195  -5.491  4.105   1.00 42.01  ? 113 LEU A O   1 
ATOM   934  C  CB  . LEU A 1 113 ? 22.201  -5.976  5.050   1.00 39.76  ? 113 LEU A CB  1 
ATOM   935  C  CG  . LEU A 1 113 ? 21.267  -6.513  6.128   1.00 49.19  ? 113 LEU A CG  1 
ATOM   936  C  CD1 . LEU A 1 113 ? 20.160  -7.342  5.492   1.00 43.86  ? 113 LEU A CD1 1 
ATOM   937  C  CD2 . LEU A 1 113 ? 22.076  -7.350  7.113   1.00 66.75  ? 113 LEU A CD2 1 
ATOM   938  N  N   . GLY A 1 114 ? 24.031  -3.585  3.761   1.00 45.93  ? 114 GLY A N   1 
ATOM   939  C  CA  . GLY A 1 114 ? 24.849  -3.159  2.636   1.00 45.60  ? 114 GLY A CA  1 
ATOM   940  C  C   . GLY A 1 114 ? 24.095  -3.344  1.327   1.00 53.55  ? 114 GLY A C   1 
ATOM   941  O  O   . GLY A 1 114 ? 23.747  -4.469  0.968   1.00 56.12  ? 114 GLY A O   1 
ATOM   942  N  N   . GLU A 1 115 ? 23.825  -2.253  0.615   1.00 53.10  ? 115 GLU A N   1 
ATOM   943  C  CA  . GLU A 1 115 ? 23.100  -2.367  -0.642  1.00 60.15  ? 115 GLU A CA  1 
ATOM   944  C  C   . GLU A 1 115 ? 23.867  -3.315  -1.543  1.00 52.80  ? 115 GLU A C   1 
ATOM   945  O  O   . GLU A 1 115 ? 25.060  -3.129  -1.786  1.00 50.27  ? 115 GLU A O   1 
ATOM   946  C  CB  . GLU A 1 115 ? 22.888  -0.985  -1.304  1.00 49.53  ? 115 GLU A CB  1 
ATOM   947  C  CG  . GLU A 1 115 ? 24.106  -0.093  -1.396  1.00 58.86  ? 115 GLU A CG  1 
ATOM   948  C  CD  . GLU A 1 115 ? 23.737  1.370   -1.640  1.00 70.67  ? 115 GLU A CD  1 
ATOM   949  O  OE1 . GLU A 1 115 ? 23.192  2.019   -0.719  1.00 71.27  ? 115 GLU A OE1 1 
ATOM   950  O  OE2 . GLU A 1 115 ? 23.988  1.872   -2.755  1.00 78.54  ? 115 GLU A OE2 1 
ATOM   951  N  N   . GLY A 1 116 ? 23.167  -4.351  -2.001  1.00 53.72  ? 116 GLY A N   1 
ATOM   952  C  CA  . GLY A 1 116 ? 23.763  -5.357  -2.854  1.00 48.28  ? 116 GLY A CA  1 
ATOM   953  C  C   . GLY A 1 116 ? 23.919  -6.692  -2.138  1.00 47.82  ? 116 GLY A C   1 
ATOM   954  O  O   . GLY A 1 116 ? 23.724  -7.751  -2.735  1.00 51.21  ? 116 GLY A O   1 
ATOM   955  N  N   . ASN A 1 117 ? 24.245  -6.649  -0.851  1.00 50.19  ? 117 ASN A N   1 
ATOM   956  C  CA  . ASN A 1 117 ? 24.453  -7.871  -0.085  1.00 49.68  ? 117 ASN A CA  1 
ATOM   957  C  C   . ASN A 1 117 ? 23.206  -8.652  0.304   1.00 52.54  ? 117 ASN A C   1 
ATOM   958  O  O   . ASN A 1 117 ? 23.302  -9.701  0.952   1.00 55.18  ? 117 ASN A O   1 
ATOM   959  C  CB  . ASN A 1 117 ? 25.290  -7.566  1.149   1.00 41.60  ? 117 ASN A CB  1 
ATOM   960  C  CG  . ASN A 1 117 ? 26.593  -6.900  0.796   1.00 46.30  ? 117 ASN A CG  1 
ATOM   961  O  OD1 . ASN A 1 117 ? 27.230  -7.264  -0.192  1.00 63.21  ? 117 ASN A OD1 1 
ATOM   962  N  ND2 . ASN A 1 117 ? 27.007  -5.924  1.599   1.00 43.25  ? 117 ASN A ND2 1 
ATOM   963  N  N   . TRP A 1 118 ? 22.036  -8.156  -0.078  1.00 44.08  ? 118 TRP A N   1 
ATOM   964  C  CA  . TRP A 1 118 ? 20.804  -8.888  0.206   1.00 44.36  ? 118 TRP A CA  1 
ATOM   965  C  C   . TRP A 1 118 ? 19.848  -8.743  -0.957  1.00 46.06  ? 118 TRP A C   1 
ATOM   966  O  O   . TRP A 1 118 ? 19.970  -7.822  -1.767  1.00 55.69  ? 118 TRP A O   1 
ATOM   967  C  CB  . TRP A 1 118 ? 20.127  -8.380  1.475   1.00 39.59  ? 118 TRP A CB  1 
ATOM   968  C  CG  . TRP A 1 118 ? 19.587  -7.001  1.357   1.00 43.10  ? 118 TRP A CG  1 
ATOM   969  C  CD1 . TRP A 1 118 ? 20.280  -5.830  1.480   1.00 48.18  ? 118 TRP A CD1 1 
ATOM   970  C  CD2 . TRP A 1 118 ? 18.233  -6.642  1.105   1.00 37.63  ? 118 TRP A CD2 1 
ATOM   971  N  NE1 . TRP A 1 118 ? 19.434  -4.760  1.325   1.00 42.79  ? 118 TRP A NE1 1 
ATOM   972  C  CE2 . TRP A 1 118 ? 18.169  -5.233  1.091   1.00 42.26  ? 118 TRP A CE2 1 
ATOM   973  C  CE3 . TRP A 1 118 ? 17.060  -7.374  0.890   1.00 51.66  ? 118 TRP A CE3 1 
ATOM   974  C  CZ2 . TRP A 1 118 ? 16.978  -4.540  0.872   1.00 47.75  ? 118 TRP A CZ2 1 
ATOM   975  C  CZ3 . TRP A 1 118 ? 15.874  -6.683  0.673   1.00 58.45  ? 118 TRP A CZ3 1 
ATOM   976  C  CH2 . TRP A 1 118 ? 15.846  -5.279  0.666   1.00 48.93  ? 118 TRP A CH2 1 
ATOM   977  N  N   . GLN A 1 119 ? 18.892  -9.658  -1.043  1.00 53.01  ? 119 GLN A N   1 
ATOM   978  C  CA  . GLN A 1 119 ? 17.913  -9.626  -2.119  1.00 58.86  ? 119 GLN A CA  1 
ATOM   979  C  C   . GLN A 1 119 ? 16.496  -9.690  -1.604  1.00 57.40  ? 119 GLN A C   1 
ATOM   980  O  O   . GLN A 1 119 ? 16.156  -10.560 -0.795  1.00 48.96  ? 119 GLN A O   1 
ATOM   981  C  CB  . GLN A 1 119 ? 18.118  -10.792 -3.090  1.00 62.28  ? 119 GLN A CB  1 
ATOM   982  C  CG  . GLN A 1 119 ? 19.326  -10.655 -4.001  1.00 85.14  ? 119 GLN A CG  1 
ATOM   983  C  CD  . GLN A 1 119 ? 19.211  -11.524 -5.245  1.00 95.54  ? 119 GLN A CD  1 
ATOM   984  O  OE1 . GLN A 1 119 ? 19.100  -12.751 -5.160  1.00 99.06  ? 119 GLN A OE1 1 
ATOM   985  N  NE2 . GLN A 1 119 ? 19.228  -10.885 -6.412  1.00 85.67  ? 119 GLN A NE2 1 
ATOM   986  N  N   . LEU A 1 120 ? 15.667  -8.761  -2.067  1.00 43.53  ? 120 LEU A N   1 
ATOM   987  C  CA  . LEU A 1 120 ? 14.284  -8.786  -1.664  1.00 39.46  ? 120 LEU A CA  1 
ATOM   988  C  C   . LEU A 1 120 ? 13.731  -9.905  -2.508  1.00 38.97  ? 120 LEU A C   1 
ATOM   989  O  O   . LEU A 1 120 ? 14.042  -9.997  -3.690  1.00 57.74  ? 120 LEU A O   1 
ATOM   990  C  CB  . LEU A 1 120 ? 13.577  -7.473  -2.001  1.00 43.56  ? 120 LEU A CB  1 
ATOM   991  C  CG  . LEU A 1 120 ? 12.042  -7.496  -1.926  1.00 25.03  ? 120 LEU A CG  1 
ATOM   992  C  CD1 . LEU A 1 120 ? 11.580  -7.807  -0.521  1.00 35.19  ? 120 LEU A CD1 1 
ATOM   993  C  CD2 . LEU A 1 120 ? 11.510  -6.159  -2.380  1.00 45.68  ? 120 LEU A CD2 1 
ATOM   994  N  N   . VAL A 1 121 ? 12.921  -10.759 -1.901  1.00 52.12  ? 121 VAL A N   1 
ATOM   995  C  CA  . VAL A 1 121 ? 12.335  -11.885 -2.607  1.00 46.11  ? 121 VAL A CA  1 
ATOM   996  C  C   . VAL A 1 121 ? 10.817  -11.836 -2.637  1.00 53.82  ? 121 VAL A C   1 
ATOM   997  O  O   . VAL A 1 121 ? 10.196  -12.207 -3.634  1.00 64.62  ? 121 VAL A O   1 
ATOM   998  C  CB  . VAL A 1 121 ? 12.805  -13.216 -1.978  1.00 50.39  ? 121 VAL A CB  1 
ATOM   999  C  CG1 . VAL A 1 121 ? 11.797  -14.320 -2.242  1.00 45.77  ? 121 VAL A CG1 1 
ATOM   1000 C  CG2 . VAL A 1 121 ? 14.171  -13.597 -2.562  1.00 55.86  ? 121 VAL A CG2 1 
ATOM   1001 N  N   . GLY A 1 122 ? 10.215  -11.383 -1.545  1.00 59.12  ? 122 GLY A N   1 
ATOM   1002 C  CA  . GLY A 1 122 ? 8.767   -11.308 -1.498  1.00 51.77  ? 122 GLY A CA  1 
ATOM   1003 C  C   . GLY A 1 122 ? 8.316   -10.158 -0.636  1.00 55.46  ? 122 GLY A C   1 
ATOM   1004 O  O   . GLY A 1 122 ? 9.083   -9.648  0.176   1.00 49.69  ? 122 GLY A O   1 
ATOM   1005 N  N   . SER A 1 123 ? 7.072   -9.738  -0.814  1.00 64.33  ? 123 SER A N   1 
ATOM   1006 C  CA  . SER A 1 123 ? 6.540   -8.639  -0.029  1.00 71.51  ? 123 SER A CA  1 
ATOM   1007 C  C   . SER A 1 123 ? 5.039   -8.800  0.196   1.00 78.62  ? 123 SER A C   1 
ATOM   1008 O  O   . SER A 1 123 ? 4.452   -9.827  -0.148  1.00 92.41  ? 123 SER A O   1 
ATOM   1009 C  CB  . SER A 1 123 ? 6.829   -7.310  -0.722  1.00 68.59  ? 123 SER A CB  1 
ATOM   1010 O  OG  . SER A 1 123 ? 6.611   -6.229  0.164   1.00 77.49  ? 123 SER A OG  1 
ATOM   1011 N  N   . GLY A 1 124 ? 4.424   -7.776  0.771   1.00 82.82  ? 124 GLY A N   1 
ATOM   1012 C  CA  . GLY A 1 124 ? 3.004   -7.829  1.055   1.00 80.80  ? 124 GLY A CA  1 
ATOM   1013 C  C   . GLY A 1 124 ? 2.768   -7.399  2.488   1.00 76.07  ? 124 GLY A C   1 
ATOM   1014 O  O   . GLY A 1 124 ? 3.684   -7.395  3.309   1.00 65.84  ? 124 GLY A O   1 
ATOM   1015 N  N   . MET A 1 125 ? 1.536   -7.040  2.806   1.00 81.19  ? 125 MET A N   1 
ATOM   1016 C  CA  . MET A 1 125 ? 1.246   -6.594  4.153   1.00 81.16  ? 125 MET A CA  1 
ATOM   1017 C  C   . MET A 1 125 ? -0.171  -6.918  4.583   1.00 80.83  ? 125 MET A C   1 
ATOM   1018 O  O   . MET A 1 125 ? -1.071  -7.075  3.757   1.00 70.91  ? 125 MET A O   1 
ATOM   1019 C  CB  . MET A 1 125 ? 1.469   -5.086  4.240   1.00 79.16  ? 125 MET A CB  1 
ATOM   1020 C  CG  . MET A 1 125 ? 0.556   -4.307  3.314   1.00 82.43  ? 125 MET A CG  1 
ATOM   1021 S  SD  . MET A 1 125 ? 1.299   -2.805  2.684   1.00 86.42  ? 125 MET A SD  1 
ATOM   1022 C  CE  . MET A 1 125 ? 2.181   -3.467  1.260   1.00 103.79 ? 125 MET A CE  1 
ATOM   1023 N  N   . SER A 1 126 ? -0.345  -7.025  5.893   1.00 85.66  ? 126 SER A N   1 
ATOM   1024 C  CA  . SER A 1 126 ? -1.642  -7.291  6.488   1.00 78.76  ? 126 SER A CA  1 
ATOM   1025 C  C   . SER A 1 126 ? -2.126  -5.909  6.916   1.00 80.69  ? 126 SER A C   1 
ATOM   1026 O  O   . SER A 1 126 ? -1.501  -4.898  6.585   1.00 73.84  ? 126 SER A O   1 
ATOM   1027 C  CB  . SER A 1 126 ? -1.481  -8.212  7.700   1.00 80.38  ? 126 SER A CB  1 
ATOM   1028 O  OG  . SER A 1 126 ? -2.731  -8.665  8.190   1.00 82.79  ? 126 SER A OG  1 
ATOM   1029 N  N   . VAL A 1 127 ? -3.228  -5.858  7.649   1.00 88.16  ? 127 VAL A N   1 
ATOM   1030 C  CA  . VAL A 1 127 ? -3.767  -4.582  8.097   1.00 95.24  ? 127 VAL A CA  1 
ATOM   1031 C  C   . VAL A 1 127 ? -2.976  -4.072  9.297   1.00 98.68  ? 127 VAL A C   1 
ATOM   1032 O  O   . VAL A 1 127 ? -2.910  -2.869  9.543   1.00 101.45 ? 127 VAL A O   1 
ATOM   1033 C  CB  . VAL A 1 127 ? -5.259  -4.719  8.492   1.00 100.31 ? 127 VAL A CB  1 
ATOM   1034 C  CG1 . VAL A 1 127 ? -5.949  -5.714  7.562   1.00 103.96 ? 127 VAL A CG1 1 
ATOM   1035 C  CG2 . VAL A 1 127 ? -5.391  -5.158  9.948   1.00 95.66  ? 127 VAL A CG2 1 
ATOM   1036 N  N   . GLU A 1 128 ? -2.367  -4.995  10.035  1.00 102.25 ? 128 GLU A N   1 
ATOM   1037 C  CA  . GLU A 1 128 ? -1.600  -4.643  11.223  1.00 101.28 ? 128 GLU A CA  1 
ATOM   1038 C  C   . GLU A 1 128 ? -0.084  -4.689  11.024  1.00 103.47 ? 128 GLU A C   1 
ATOM   1039 O  O   . GLU A 1 128 ? 0.616   -3.721  11.323  1.00 103.36 ? 128 GLU A O   1 
ATOM   1040 C  CB  . GLU A 1 128 ? -1.982  -5.574  12.370  1.00 99.67  ? 128 GLU A CB  1 
ATOM   1041 C  CG  . GLU A 1 128 ? -1.763  -7.040  12.047  1.00 92.76  ? 128 GLU A CG  1 
ATOM   1042 C  CD  . GLU A 1 128 ? -2.005  -7.940  13.238  1.00 103.17 ? 128 GLU A CD  1 
ATOM   1043 O  OE1 . GLU A 1 128 ? -1.779  -9.163  13.106  1.00 92.73  ? 128 GLU A OE1 1 
ATOM   1044 O  OE2 . GLU A 1 128 ? -2.421  -7.428  14.302  1.00 103.47 ? 128 GLU A OE2 1 
ATOM   1045 N  N   . LYS A 1 129 ? 0.422   -5.812  10.523  1.00 98.08  ? 129 LYS A N   1 
ATOM   1046 C  CA  . LYS A 1 129 ? 1.858   -5.963  10.319  1.00 91.96  ? 129 LYS A CA  1 
ATOM   1047 C  C   . LYS A 1 129 ? 2.268   -5.997  8.859   1.00 85.84  ? 129 LYS A C   1 
ATOM   1048 O  O   . LYS A 1 129 ? 1.435   -6.162  7.971   1.00 92.87  ? 129 LYS A O   1 
ATOM   1049 C  CB  . LYS A 1 129 ? 2.351   -7.240  10.991  1.00 89.86  ? 129 LYS A CB  1 
ATOM   1050 C  CG  . LYS A 1 129 ? 1.743   -8.512  10.422  1.00 83.26  ? 129 LYS A CG  1 
ATOM   1051 C  CD  . LYS A 1 129 ? 2.428   -9.734  11.013  1.00 91.74  ? 129 LYS A CD  1 
ATOM   1052 C  CE  . LYS A 1 129 ? 1.864   -11.029 10.457  1.00 95.17  ? 129 LYS A CE  1 
ATOM   1053 N  NZ  . LYS A 1 129 ? 0.443   -11.216 10.844  1.00 109.50 ? 129 LYS A NZ  1 
ATOM   1054 N  N   . GLY A 1 130 ? 3.568   -5.839  8.629   1.00 75.21  ? 130 GLY A N   1 
ATOM   1055 C  CA  . GLY A 1 130 ? 4.108   -5.876  7.283   1.00 66.41  ? 130 GLY A CA  1 
ATOM   1056 C  C   . GLY A 1 130 ? 5.108   -7.018  7.183   1.00 71.21  ? 130 GLY A C   1 
ATOM   1057 O  O   . GLY A 1 130 ? 5.659   -7.452  8.198   1.00 57.60  ? 130 GLY A O   1 
ATOM   1058 N  N   . ARG A 1 131 ? 5.347   -7.517  5.972   1.00 70.24  ? 131 ARG A N   1 
ATOM   1059 C  CA  . ARG A 1 131 ? 6.294   -8.611  5.794   1.00 66.50  ? 131 ARG A CA  1 
ATOM   1060 C  C   . ARG A 1 131 ? 7.258   -8.323  4.659   1.00 64.86  ? 131 ARG A C   1 
ATOM   1061 O  O   . ARG A 1 131 ? 6.857   -7.862  3.596   1.00 75.18  ? 131 ARG A O   1 
ATOM   1062 C  CB  . ARG A 1 131 ? 5.555   -9.927  5.510   1.00 65.60  ? 131 ARG A CB  1 
ATOM   1063 C  CG  . ARG A 1 131 ? 5.233   -10.160 4.048   1.00 72.66  ? 131 ARG A CG  1 
ATOM   1064 C  CD  . ARG A 1 131 ? 4.144   -11.199 3.854   1.00 84.79  ? 131 ARG A CD  1 
ATOM   1065 N  NE  . ARG A 1 131 ? 3.942   -11.493 2.437   1.00 106.29 ? 131 ARG A NE  1 
ATOM   1066 C  CZ  . ARG A 1 131 ? 2.882   -12.127 1.941   1.00 112.88 ? 131 ARG A CZ  1 
ATOM   1067 N  NH1 . ARG A 1 131 ? 1.910   -12.538 2.746   1.00 117.55 ? 131 ARG A NH1 1 
ATOM   1068 N  NH2 . ARG A 1 131 ? 2.796   -12.352 0.636   1.00 113.80 ? 131 ARG A NH2 1 
ATOM   1069 N  N   . TYR A 1 132 ? 8.535   -8.589  4.900   1.00 65.00  ? 132 TYR A N   1 
ATOM   1070 C  CA  . TYR A 1 132 ? 9.573   -8.391  3.894   1.00 55.85  ? 132 TYR A CA  1 
ATOM   1071 C  C   . TYR A 1 132 ? 10.344  -9.694  3.859   1.00 54.59  ? 132 TYR A C   1 
ATOM   1072 O  O   . TYR A 1 132 ? 11.074  -10.004 4.795   1.00 57.58  ? 132 TYR A O   1 
ATOM   1073 C  CB  . TYR A 1 132 ? 10.520  -7.259  4.295   1.00 48.84  ? 132 TYR A CB  1 
ATOM   1074 C  CG  . TYR A 1 132 ? 10.750  -6.228  3.219   1.00 53.53  ? 132 TYR A CG  1 
ATOM   1075 C  CD1 . TYR A 1 132 ? 12.033  -5.923  2.785   1.00 54.45  ? 132 TYR A CD1 1 
ATOM   1076 C  CD2 . TYR A 1 132 ? 9.680   -5.549  2.639   1.00 63.56  ? 132 TYR A CD2 1 
ATOM   1077 C  CE1 . TYR A 1 132 ? 12.251  -4.969  1.797   1.00 61.85  ? 132 TYR A CE1 1 
ATOM   1078 C  CE2 . TYR A 1 132 ? 9.886   -4.594  1.650   1.00 63.22  ? 132 TYR A CE2 1 
ATOM   1079 C  CZ  . TYR A 1 132 ? 11.176  -4.309  1.230   1.00 70.87  ? 132 TYR A CZ  1 
ATOM   1080 O  OH  . TYR A 1 132 ? 11.390  -3.380  0.224   1.00 69.69  ? 132 TYR A OH  1 
ATOM   1081 N  N   . ASP A 1 133 ? 10.146  -10.478 2.804   1.00 56.20  ? 133 ASP A N   1 
ATOM   1082 C  CA  . ASP A 1 133 ? 10.852  -11.744 2.664   1.00 48.53  ? 133 ASP A CA  1 
ATOM   1083 C  C   . ASP A 1 133 ? 12.185  -11.444 1.971   1.00 56.58  ? 133 ASP A C   1 
ATOM   1084 O  O   . ASP A 1 133 ? 12.199  -10.825 0.899   1.00 52.85  ? 133 ASP A O   1 
ATOM   1085 C  CB  . ASP A 1 133 ? 10.014  -12.717 1.838   1.00 42.98  ? 133 ASP A CB  1 
ATOM   1086 C  CG  . ASP A 1 133 ? 8.819   -13.266 2.614   1.00 61.22  ? 133 ASP A CG  1 
ATOM   1087 O  OD1 . ASP A 1 133 ? 9.040   -13.909 3.659   1.00 60.98  ? 133 ASP A OD1 1 
ATOM   1088 O  OD2 . ASP A 1 133 ? 7.659   -13.062 2.184   1.00 64.72  ? 133 ASP A OD2 1 
ATOM   1089 N  N   . ILE A 1 134 ? 13.301  -11.848 2.585   1.00 30.32  ? 134 ILE A N   1 
ATOM   1090 C  CA  . ILE A 1 134 ? 14.591  -11.568 1.979   1.00 40.30  ? 134 ILE A CA  1 
ATOM   1091 C  C   . ILE A 1 134 ? 15.500  -12.762 1.920   1.00 46.16  ? 134 ILE A C   1 
ATOM   1092 O  O   . ILE A 1 134 ? 15.223  -13.802 2.511   1.00 56.81  ? 134 ILE A O   1 
ATOM   1093 C  CB  . ILE A 1 134 ? 15.358  -10.447 2.711   1.00 47.56  ? 134 ILE A CB  1 
ATOM   1094 C  CG1 . ILE A 1 134 ? 16.068  -11.013 3.938   1.00 58.65  ? 134 ILE A CG1 1 
ATOM   1095 C  CG2 . ILE A 1 134 ? 14.402  -9.335  3.119   1.00 38.78  ? 134 ILE A CG2 1 
ATOM   1096 C  CD1 . ILE A 1 134 ? 16.914  -9.990  4.656   1.00 64.21  ? 134 ILE A CD1 1 
ATOM   1097 N  N   . ALA A 1 135 ? 16.598  -12.594 1.191   1.00 48.51  ? 135 ALA A N   1 
ATOM   1098 C  CA  . ALA A 1 135 ? 17.593  -13.645 1.045   1.00 46.74  ? 135 ALA A CA  1 
ATOM   1099 C  C   . ALA A 1 135 ? 18.915  -13.046 1.455   1.00 45.50  ? 135 ALA A C   1 
ATOM   1100 O  O   . ALA A 1 135 ? 19.533  -12.309 0.700   1.00 55.08  ? 135 ALA A O   1 
ATOM   1101 C  CB  . ALA A 1 135 ? 17.657  -14.127 -0.395  1.00 39.23  ? 135 ALA A CB  1 
ATOM   1102 N  N   . TYR A 1 136 ? 19.336  -13.354 2.673   1.00 60.16  ? 136 TYR A N   1 
ATOM   1103 C  CA  . TYR A 1 136 ? 20.592  -12.849 3.203   1.00 57.33  ? 136 TYR A CA  1 
ATOM   1104 C  C   . TYR A 1 136 ? 21.247  -14.027 3.898   1.00 53.52  ? 136 TYR A C   1 
ATOM   1105 O  O   . TYR A 1 136 ? 20.575  -14.815 4.559   1.00 64.91  ? 136 TYR A O   1 
ATOM   1106 C  CB  . TYR A 1 136 ? 20.320  -11.724 4.195   1.00 51.63  ? 136 TYR A CB  1 
ATOM   1107 C  CG  . TYR A 1 136 ? 21.554  -11.124 4.813   1.00 51.08  ? 136 TYR A CG  1 
ATOM   1108 C  CD1 . TYR A 1 136 ? 22.364  -10.246 4.095   1.00 39.59  ? 136 TYR A CD1 1 
ATOM   1109 C  CD2 . TYR A 1 136 ? 21.896  -11.407 6.134   1.00 66.63  ? 136 TYR A CD2 1 
ATOM   1110 C  CE1 . TYR A 1 136 ? 23.480  -9.654  4.682   1.00 39.91  ? 136 TYR A CE1 1 
ATOM   1111 C  CE2 . TYR A 1 136 ? 23.010  -10.827 6.729   1.00 65.87  ? 136 TYR A CE2 1 
ATOM   1112 C  CZ  . TYR A 1 136 ? 23.796  -9.952  6.001   1.00 57.12  ? 136 TYR A CZ  1 
ATOM   1113 O  OH  . TYR A 1 136 ? 24.892  -9.379  6.603   1.00 61.12  ? 136 TYR A OH  1 
ATOM   1114 N  N   . PRO A 1 137 ? 22.567  -14.166 3.752   1.00 61.01  ? 137 PRO A N   1 
ATOM   1115 C  CA  . PRO A 1 137 ? 23.326  -15.263 4.361   1.00 65.37  ? 137 PRO A CA  1 
ATOM   1116 C  C   . PRO A 1 137 ? 23.313  -15.377 5.890   1.00 63.63  ? 137 PRO A C   1 
ATOM   1117 O  O   . PRO A 1 137 ? 23.083  -16.458 6.424   1.00 61.98  ? 137 PRO A O   1 
ATOM   1118 C  CB  . PRO A 1 137 ? 24.729  -15.063 3.795   1.00 60.39  ? 137 PRO A CB  1 
ATOM   1119 C  CG  . PRO A 1 137 ? 24.804  -13.575 3.601   1.00 58.93  ? 137 PRO A CG  1 
ATOM   1120 C  CD  . PRO A 1 137 ? 23.457  -13.264 3.002   1.00 65.73  ? 137 PRO A CD  1 
ATOM   1121 N  N   . GLU A 1 138 ? 23.553  -14.273 6.591   1.00 62.63  ? 138 GLU A N   1 
ATOM   1122 C  CA  . GLU A 1 138 ? 23.573  -14.302 8.051   1.00 66.70  ? 138 GLU A CA  1 
ATOM   1123 C  C   . GLU A 1 138 ? 22.178  -14.273 8.651   1.00 73.94  ? 138 GLU A C   1 
ATOM   1124 O  O   . GLU A 1 138 ? 21.262  -13.673 8.083   1.00 73.82  ? 138 GLU A O   1 
ATOM   1125 C  CB  . GLU A 1 138 ? 24.372  -13.122 8.598   1.00 65.87  ? 138 GLU A CB  1 
ATOM   1126 C  CG  . GLU A 1 138 ? 25.832  -13.130 8.203   1.00 66.50  ? 138 GLU A CG  1 
ATOM   1127 C  CD  . GLU A 1 138 ? 26.455  -11.758 8.312   1.00 81.48  ? 138 GLU A CD  1 
ATOM   1128 O  OE1 . GLU A 1 138 ? 26.485  -11.198 9.431   1.00 65.85  ? 138 GLU A OE1 1 
ATOM   1129 O  OE2 . GLU A 1 138 ? 26.910  -11.238 7.269   1.00 88.03  ? 138 GLU A OE2 1 
ATOM   1130 N  N   . ASN A 1 139 ? 22.028  -14.931 9.798   1.00 68.65  ? 139 ASN A N   1 
ATOM   1131 C  CA  . ASN A 1 139 ? 20.753  -14.975 10.501  1.00 68.25  ? 139 ASN A CA  1 
ATOM   1132 C  C   . ASN A 1 139 ? 20.447  -13.532 10.878  1.00 64.59  ? 139 ASN A C   1 
ATOM   1133 O  O   . ASN A 1 139 ? 21.073  -12.972 11.775  1.00 70.11  ? 139 ASN A O   1 
ATOM   1134 C  CB  . ASN A 1 139 ? 20.878  -15.844 11.757  1.00 74.29  ? 139 ASN A CB  1 
ATOM   1135 C  CG  . ASN A 1 139 ? 19.542  -16.085 12.450  1.00 77.07  ? 139 ASN A CG  1 
ATOM   1136 O  OD1 . ASN A 1 139 ? 18.809  -15.141 12.775  1.00 66.12  ? 139 ASN A OD1 1 
ATOM   1137 N  ND2 . ASN A 1 139 ? 19.228  -17.357 12.693  1.00 73.24  ? 139 ASN A ND2 1 
ATOM   1138 N  N   . LEU A 1 140 ? 19.487  -12.936 10.185  1.00 56.00  ? 140 LEU A N   1 
ATOM   1139 C  CA  . LEU A 1 140 ? 19.121  -11.545 10.419  1.00 60.79  ? 140 LEU A CA  1 
ATOM   1140 C  C   . LEU A 1 140 ? 19.101  -11.060 11.862  1.00 66.69  ? 140 LEU A C   1 
ATOM   1141 O  O   . LEU A 1 140 ? 19.560  -9.953  12.138  1.00 78.79  ? 140 LEU A O   1 
ATOM   1142 C  CB  . LEU A 1 140 ? 17.768  -11.242 9.769   1.00 56.63  ? 140 LEU A CB  1 
ATOM   1143 C  CG  . LEU A 1 140 ? 17.804  -11.199 8.241   1.00 43.91  ? 140 LEU A CG  1 
ATOM   1144 C  CD1 . LEU A 1 140 ? 16.418  -10.941 7.693   1.00 56.41  ? 140 LEU A CD1 1 
ATOM   1145 C  CD2 . LEU A 1 140 ? 18.761  -10.116 7.800   1.00 34.84  ? 140 LEU A CD2 1 
ATOM   1146 N  N   . ASN A 1 141 ? 18.589  -11.870 12.782  1.00 51.59  ? 141 ASN A N   1 
ATOM   1147 C  CA  . ASN A 1 141 ? 18.512  -11.443 14.173  1.00 59.96  ? 141 ASN A CA  1 
ATOM   1148 C  C   . ASN A 1 141 ? 19.678  -10.586 14.651  1.00 66.45  ? 141 ASN A C   1 
ATOM   1149 O  O   . ASN A 1 141 ? 19.480  -9.614  15.382  1.00 58.17  ? 141 ASN A O   1 
ATOM   1150 C  CB  . ASN A 1 141 ? 18.358  -12.645 15.097  1.00 64.61  ? 141 ASN A CB  1 
ATOM   1151 C  CG  . ASN A 1 141 ? 16.914  -12.991 15.348  1.00 56.92  ? 141 ASN A CG  1 
ATOM   1152 O  OD1 . ASN A 1 141 ? 16.089  -12.108 15.582  1.00 75.36  ? 141 ASN A OD1 1 
ATOM   1153 N  ND2 . ASN A 1 141 ? 16.597  -14.276 15.316  1.00 50.23  ? 141 ASN A ND2 1 
ATOM   1154 N  N   . LYS A 1 142 ? 20.889  -10.940 14.234  1.00 65.45  ? 142 LYS A N   1 
ATOM   1155 C  CA  . LYS A 1 142 ? 22.080  -10.200 14.629  1.00 62.54  ? 142 LYS A CA  1 
ATOM   1156 C  C   . LYS A 1 142 ? 22.061  -8.776  14.075  1.00 65.32  ? 142 LYS A C   1 
ATOM   1157 O  O   . LYS A 1 142 ? 23.096  -8.122  13.994  1.00 77.07  ? 142 LYS A O   1 
ATOM   1158 C  CB  . LYS A 1 142 ? 23.342  -10.924 14.141  1.00 58.31  ? 142 LYS A CB  1 
ATOM   1159 C  CG  . LYS A 1 142 ? 24.646  -10.353 14.709  1.00 79.72  ? 142 LYS A CG  1 
ATOM   1160 C  CD  . LYS A 1 142 ? 25.887  -11.007 14.109  1.00 88.70  ? 142 LYS A CD  1 
ATOM   1161 C  CE  . LYS A 1 142 ? 26.021  -10.697 12.623  1.00 91.81  ? 142 LYS A CE  1 
ATOM   1162 N  NZ  . LYS A 1 142 ? 27.282  -11.232 12.034  1.00 88.20  ? 142 LYS A NZ  1 
ATOM   1163 N  N   . TYR A 1 143 ? 20.885  -8.292  13.695  1.00 63.42  ? 143 TYR A N   1 
ATOM   1164 C  CA  . TYR A 1 143 ? 20.764  -6.941  13.148  1.00 63.03  ? 143 TYR A CA  1 
ATOM   1165 C  C   . TYR A 1 143 ? 19.463  -6.298  13.595  1.00 58.52  ? 143 TYR A C   1 
ATOM   1166 O  O   . TYR A 1 143 ? 19.251  -5.099  13.404  1.00 54.67  ? 143 TYR A O   1 
ATOM   1167 C  CB  . TYR A 1 143 ? 20.817  -6.988  11.620  1.00 57.06  ? 143 TYR A CB  1 
ATOM   1168 C  CG  . TYR A 1 143 ? 22.129  -7.490  11.094  1.00 54.48  ? 143 TYR A CG  1 
ATOM   1169 C  CD1 . TYR A 1 143 ? 23.266  -6.686  11.129  1.00 63.26  ? 143 TYR A CD1 1 
ATOM   1170 C  CD2 . TYR A 1 143 ? 22.252  -8.785  10.598  1.00 65.51  ? 143 TYR A CD2 1 
ATOM   1171 C  CE1 . TYR A 1 143 ? 24.503  -7.162  10.685  1.00 67.49  ? 143 TYR A CE1 1 
ATOM   1172 C  CE2 . TYR A 1 143 ? 23.483  -9.273  10.151  1.00 62.77  ? 143 TYR A CE2 1 
ATOM   1173 C  CZ  . TYR A 1 143 ? 24.600  -8.455  10.199  1.00 68.93  ? 143 TYR A CZ  1 
ATOM   1174 O  OH  . TYR A 1 143 ? 25.812  -8.932  9.769   1.00 79.36  ? 143 TYR A OH  1 
ATOM   1175 N  N   . LYS A 1 144 ? 18.595  -7.115  14.181  1.00 61.24  ? 144 LYS A N   1 
ATOM   1176 C  CA  . LYS A 1 144 ? 17.302  -6.665  14.673  1.00 60.09  ? 144 LYS A CA  1 
ATOM   1177 C  C   . LYS A 1 144 ? 17.426  -5.272  15.255  1.00 62.85  ? 144 LYS A C   1 
ATOM   1178 O  O   . LYS A 1 144 ? 16.923  -4.294  14.695  1.00 61.07  ? 144 LYS A O   1 
ATOM   1179 C  CB  . LYS A 1 144 ? 16.801  -7.611  15.763  1.00 52.74  ? 144 LYS A CB  1 
ATOM   1180 C  CG  . LYS A 1 144 ? 16.688  -9.061  15.324  1.00 74.75  ? 144 LYS A CG  1 
ATOM   1181 C  CD  . LYS A 1 144 ? 15.285  -9.390  14.855  1.00 89.57  ? 144 LYS A CD  1 
ATOM   1182 C  CE  . LYS A 1 144 ? 14.303  -9.388  16.023  1.00 100.22 ? 144 LYS A CE  1 
ATOM   1183 N  NZ  . LYS A 1 144 ? 14.605  -10.448 17.034  1.00 102.94 ? 144 LYS A NZ  1 
ATOM   1184 N  N   . GLU A 1 145 ? 18.137  -5.193  16.372  1.00 50.67  ? 145 GLU A N   1 
ATOM   1185 C  CA  . GLU A 1 145 ? 18.315  -3.941  17.076  1.00 64.05  ? 145 GLU A CA  1 
ATOM   1186 C  C   . GLU A 1 145 ? 18.962  -2.802  16.312  1.00 59.82  ? 145 GLU A C   1 
ATOM   1187 O  O   . GLU A 1 145 ? 18.581  -1.647  16.493  1.00 68.99  ? 145 GLU A O   1 
ATOM   1188 C  CB  . GLU A 1 145 ? 19.054  -4.201  18.392  1.00 79.27  ? 145 GLU A CB  1 
ATOM   1189 C  CG  . GLU A 1 145 ? 18.112  -4.378  19.601  1.00 90.70  ? 145 GLU A CG  1 
ATOM   1190 C  CD  . GLU A 1 145 ? 16.835  -5.158  19.274  1.00 93.92  ? 145 GLU A CD  1 
ATOM   1191 O  OE1 . GLU A 1 145 ? 16.936  -6.303  18.784  1.00 94.93  ? 145 GLU A OE1 1 
ATOM   1192 O  OE2 . GLU A 1 145 ? 15.728  -4.623  19.512  1.00 78.41  ? 145 GLU A OE2 1 
ATOM   1193 N  N   . GLN A 1 146 ? 19.929  -3.095  15.454  1.00 60.87  ? 146 GLN A N   1 
ATOM   1194 C  CA  . GLN A 1 146 ? 20.558  -2.011  14.716  1.00 56.47  ? 146 GLN A CA  1 
ATOM   1195 C  C   . GLN A 1 146 ? 19.568  -1.476  13.692  1.00 61.03  ? 146 GLN A C   1 
ATOM   1196 O  O   . GLN A 1 146 ? 19.557  -0.282  13.385  1.00 63.02  ? 146 GLN A O   1 
ATOM   1197 C  CB  . GLN A 1 146 ? 21.820  -2.484  13.990  1.00 57.57  ? 146 GLN A CB  1 
ATOM   1198 C  CG  . GLN A 1 146 ? 22.730  -1.323  13.602  1.00 72.23  ? 146 GLN A CG  1 
ATOM   1199 C  CD  . GLN A 1 146 ? 23.821  -1.707  12.620  1.00 84.64  ? 146 GLN A CD  1 
ATOM   1200 O  OE1 . GLN A 1 146 ? 24.517  -2.715  12.791  1.00 84.88  ? 146 GLN A OE1 1 
ATOM   1201 N  NE2 . GLN A 1 146 ? 23.986  -0.891  11.586  1.00 91.71  ? 146 GLN A NE2 1 
ATOM   1202 N  N   . ILE A 1 147 ? 18.733  -2.369  13.175  1.00 54.14  ? 147 ILE A N   1 
ATOM   1203 C  CA  . ILE A 1 147 ? 17.755  -2.002  12.164  1.00 60.87  ? 147 ILE A CA  1 
ATOM   1204 C  C   . ILE A 1 147 ? 16.685  -1.085  12.717  1.00 63.22  ? 147 ILE A C   1 
ATOM   1205 O  O   . ILE A 1 147 ? 16.435  -0.007  12.167  1.00 53.80  ? 147 ILE A O   1 
ATOM   1206 C  CB  . ILE A 1 147 ? 17.071  -3.251  11.577  1.00 65.06  ? 147 ILE A CB  1 
ATOM   1207 C  CG1 . ILE A 1 147 ? 18.098  -4.105  10.839  1.00 55.59  ? 147 ILE A CG1 1 
ATOM   1208 C  CG2 . ILE A 1 147 ? 15.958  -2.846  10.621  1.00 59.48  ? 147 ILE A CG2 1 
ATOM   1209 C  CD1 . ILE A 1 147 ? 17.575  -5.462  10.450  1.00 43.93  ? 147 ILE A CD1 1 
ATOM   1210 N  N   . ILE A 1 148 ? 16.063  -1.524  13.809  1.00 63.58  ? 148 ILE A N   1 
ATOM   1211 C  CA  . ILE A 1 148 ? 14.991  -0.771  14.451  1.00 65.11  ? 148 ILE A CA  1 
ATOM   1212 C  C   . ILE A 1 148 ? 15.410  0.638   14.841  1.00 65.70  ? 148 ILE A C   1 
ATOM   1213 O  O   . ILE A 1 148 ? 14.733  1.610   14.494  1.00 67.80  ? 148 ILE A O   1 
ATOM   1214 C  CB  . ILE A 1 148 ? 14.463  -1.509  15.704  1.00 59.62  ? 148 ILE A CB  1 
ATOM   1215 C  CG1 . ILE A 1 148 ? 13.880  -2.872  15.300  1.00 53.56  ? 148 ILE A CG1 1 
ATOM   1216 C  CG2 . ILE A 1 148 ? 13.404  -0.672  16.388  1.00 62.96  ? 148 ILE A CG2 1 
ATOM   1217 C  CD1 . ILE A 1 148 ? 13.278  -3.662  16.454  1.00 34.96  ? 148 ILE A CD1 1 
ATOM   1218 N  N   . SER A 1 149 ? 16.526  0.755   15.551  1.00 62.32  ? 149 SER A N   1 
ATOM   1219 C  CA  . SER A 1 149 ? 17.002  2.068   15.972  1.00 77.07  ? 149 SER A CA  1 
ATOM   1220 C  C   . SER A 1 149 ? 17.182  2.976   14.761  1.00 70.70  ? 149 SER A C   1 
ATOM   1221 O  O   . SER A 1 149 ? 16.852  4.162   14.803  1.00 76.72  ? 149 SER A O   1 
ATOM   1222 C  CB  . SER A 1 149 ? 18.322  1.938   16.749  1.00 76.45  ? 149 SER A CB  1 
ATOM   1223 O  OG  . SER A 1 149 ? 19.279  1.171   16.041  1.00 86.51  ? 149 SER A OG  1 
ATOM   1224 N  N   . LEU A 1 150 ? 17.691  2.405   13.676  1.00 72.21  ? 150 LEU A N   1 
ATOM   1225 C  CA  . LEU A 1 150 ? 17.913  3.158   12.446  1.00 78.12  ? 150 LEU A CA  1 
ATOM   1226 C  C   . LEU A 1 150 ? 16.581  3.512   11.764  1.00 79.02  ? 150 LEU A C   1 
ATOM   1227 O  O   . LEU A 1 150 ? 16.413  4.608   11.230  1.00 63.73  ? 150 LEU A O   1 
ATOM   1228 C  CB  . LEU A 1 150 ? 18.800  2.342   11.497  1.00 66.97  ? 150 LEU A CB  1 
ATOM   1229 C  CG  . LEU A 1 150 ? 19.153  2.999   10.162  1.00 55.29  ? 150 LEU A CG  1 
ATOM   1230 C  CD1 . LEU A 1 150 ? 19.891  4.295   10.398  1.00 38.42  ? 150 LEU A CD1 1 
ATOM   1231 C  CD2 . LEU A 1 150 ? 19.994  2.055   9.340   1.00 71.37  ? 150 LEU A CD2 1 
ATOM   1232 N  N   . PHE A 1 151 ? 15.637  2.577   11.778  1.00 80.27  ? 151 PHE A N   1 
ATOM   1233 C  CA  . PHE A 1 151 ? 14.332  2.819   11.177  1.00 78.64  ? 151 PHE A CA  1 
ATOM   1234 C  C   . PHE A 1 151 ? 13.734  4.019   11.883  1.00 76.02  ? 151 PHE A C   1 
ATOM   1235 O  O   . PHE A 1 151 ? 13.397  5.024   11.259  1.00 79.45  ? 151 PHE A O   1 
ATOM   1236 C  CB  . PHE A 1 151 ? 13.422  1.605   11.375  1.00 83.21  ? 151 PHE A CB  1 
ATOM   1237 C  CG  . PHE A 1 151 ? 12.028  1.795   10.848  1.00 84.67  ? 151 PHE A CG  1 
ATOM   1238 C  CD1 . PHE A 1 151 ? 11.798  1.941   9.484   1.00 89.23  ? 151 PHE A CD1 1 
ATOM   1239 C  CD2 . PHE A 1 151 ? 10.941  1.819   11.713  1.00 85.51  ? 151 PHE A CD2 1 
ATOM   1240 C  CE1 . PHE A 1 151 ? 10.504  2.103   8.990   1.00 88.43  ? 151 PHE A CE1 1 
ATOM   1241 C  CE2 . PHE A 1 151 ? 9.645   1.978   11.233  1.00 85.36  ? 151 PHE A CE2 1 
ATOM   1242 C  CZ  . PHE A 1 151 ? 9.426   2.120   9.867   1.00 88.35  ? 151 PHE A CZ  1 
ATOM   1243 N  N   . ASN A 1 152 ? 13.620  3.901   13.200  1.00 75.11  ? 152 ASN A N   1 
ATOM   1244 C  CA  . ASN A 1 152 ? 13.070  4.960   14.032  1.00 78.31  ? 152 ASN A CA  1 
ATOM   1245 C  C   . ASN A 1 152 ? 13.778  6.300   13.814  1.00 81.32  ? 152 ASN A C   1 
ATOM   1246 O  O   . ASN A 1 152 ? 13.132  7.297   13.487  1.00 80.72  ? 152 ASN A O   1 
ATOM   1247 C  CB  . ASN A 1 152 ? 13.157  4.543   15.497  1.00 75.04  ? 152 ASN A CB  1 
ATOM   1248 C  CG  . ASN A 1 152 ? 12.345  3.297   15.788  1.00 80.14  ? 152 ASN A CG  1 
ATOM   1249 O  OD1 . ASN A 1 152 ? 12.362  2.774   16.902  1.00 87.02  ? 152 ASN A OD1 1 
ATOM   1250 N  ND2 . ASN A 1 152 ? 11.621  2.816   14.784  1.00 80.10  ? 152 ASN A ND2 1 
ATOM   1251 N  N   . LYS A 1 153 ? 15.097  6.324   13.989  1.00 69.17  ? 153 LYS A N   1 
ATOM   1252 C  CA  . LYS A 1 153 ? 15.858  7.552   13.794  1.00 68.32  ? 153 LYS A CA  1 
ATOM   1253 C  C   . LYS A 1 153 ? 15.387  8.301   12.542  1.00 72.47  ? 153 LYS A C   1 
ATOM   1254 O  O   . LYS A 1 153 ? 15.174  9.515   12.582  1.00 76.54  ? 153 LYS A O   1 
ATOM   1255 C  CB  . LYS A 1 153 ? 17.350  7.239   13.684  1.00 62.44  ? 153 LYS A CB  1 
ATOM   1256 C  CG  . LYS A 1 153 ? 18.221  8.428   13.270  1.00 58.46  ? 153 LYS A CG  1 
ATOM   1257 C  CD  . LYS A 1 153 ? 19.652  7.969   12.984  1.00 74.41  ? 153 LYS A CD  1 
ATOM   1258 C  CE  . LYS A 1 153 ? 20.503  9.075   12.369  1.00 89.15  ? 153 LYS A CE  1 
ATOM   1259 N  NZ  . LYS A 1 153 ? 21.859  8.587   11.975  1.00 79.24  ? 153 LYS A NZ  1 
ATOM   1260 N  N   . TYR A 1 154 ? 15.220  7.579   11.436  1.00 73.16  ? 154 TYR A N   1 
ATOM   1261 C  CA  . TYR A 1 154 ? 14.767  8.199   10.191  1.00 73.41  ? 154 TYR A CA  1 
ATOM   1262 C  C   . TYR A 1 154 ? 13.375  8.769   10.396  1.00 70.75  ? 154 TYR A C   1 
ATOM   1263 O  O   . TYR A 1 154 ? 13.070  9.881   9.963   1.00 61.33  ? 154 TYR A O   1 
ATOM   1264 C  CB  . TYR A 1 154 ? 14.730  7.177   9.045   1.00 74.10  ? 154 TYR A CB  1 
ATOM   1265 C  CG  . TYR A 1 154 ? 16.094  6.763   8.530   1.00 77.95  ? 154 TYR A CG  1 
ATOM   1266 C  CD1 . TYR A 1 154 ? 17.024  7.715   8.110   1.00 70.33  ? 154 TYR A CD1 1 
ATOM   1267 C  CD2 . TYR A 1 154 ? 16.456  5.420   8.464   1.00 79.78  ? 154 TYR A CD2 1 
ATOM   1268 C  CE1 . TYR A 1 154 ? 18.277  7.340   7.646   1.00 60.62  ? 154 TYR A CE1 1 
ATOM   1269 C  CE2 . TYR A 1 154 ? 17.706  5.037   7.998   1.00 71.52  ? 154 TYR A CE2 1 
ATOM   1270 C  CZ  . TYR A 1 154 ? 18.610  6.001   7.595   1.00 71.15  ? 154 TYR A CZ  1 
ATOM   1271 O  OH  . TYR A 1 154 ? 19.854  5.623   7.155   1.00 86.10  ? 154 TYR A OH  1 
ATOM   1272 N  N   . VAL A 1 155 ? 12.534  7.989   11.061  1.00 71.83  ? 155 VAL A N   1 
ATOM   1273 C  CA  . VAL A 1 155 ? 11.172  8.402   11.338  1.00 81.96  ? 155 VAL A CA  1 
ATOM   1274 C  C   . VAL A 1 155 ? 11.160  9.789   11.966  1.00 89.46  ? 155 VAL A C   1 
ATOM   1275 O  O   . VAL A 1 155 ? 10.660  10.746  11.365  1.00 87.31  ? 155 VAL A O   1 
ATOM   1276 C  CB  . VAL A 1 155 ? 10.499  7.418   12.290  1.00 73.45  ? 155 VAL A CB  1 
ATOM   1277 C  CG1 . VAL A 1 155 ? 9.036   7.805   12.501  1.00 74.12  ? 155 VAL A CG1 1 
ATOM   1278 C  CG2 . VAL A 1 155 ? 10.624  6.015   11.726  1.00 80.11  ? 155 VAL A CG2 1 
ATOM   1279 N  N   . ASP A 1 156 ? 11.718  9.890   13.173  1.00 88.29  ? 156 ASP A N   1 
ATOM   1280 C  CA  . ASP A 1 156 ? 11.776  11.159  13.889  1.00 86.96  ? 156 ASP A CA  1 
ATOM   1281 C  C   . ASP A 1 156 ? 12.174  12.279  12.936  1.00 89.86  ? 156 ASP A C   1 
ATOM   1282 O  O   . ASP A 1 156 ? 11.432  13.244  12.758  1.00 100.91 ? 156 ASP A O   1 
ATOM   1283 C  CB  . ASP A 1 156 ? 12.778  11.087  15.051  1.00 89.38  ? 156 ASP A CB  1 
ATOM   1284 C  CG  . ASP A 1 156 ? 12.358  10.098  16.142  1.00 98.81  ? 156 ASP A CG  1 
ATOM   1285 O  OD1 . ASP A 1 156 ? 11.141  9.988   16.429  1.00 92.49  ? 156 ASP A OD1 1 
ATOM   1286 O  OD2 . ASP A 1 156 ? 13.252  9.444   16.729  1.00 82.48  ? 156 ASP A OD2 1 
ATOM   1287 N  N   . GLU A 1 157 ? 13.340  12.140  12.315  1.00 89.02  ? 157 GLU A N   1 
ATOM   1288 C  CA  . GLU A 1 157 ? 13.823  13.148  11.380  1.00 86.54  ? 157 GLU A CA  1 
ATOM   1289 C  C   . GLU A 1 157 ? 12.750  13.467  10.351  1.00 86.97  ? 157 GLU A C   1 
ATOM   1290 O  O   . GLU A 1 157 ? 12.605  14.612  9.922   1.00 92.04  ? 157 GLU A O   1 
ATOM   1291 C  CB  . GLU A 1 157 ? 15.069  12.647  10.653  1.00 89.40  ? 157 GLU A CB  1 
ATOM   1292 C  CG  . GLU A 1 157 ? 16.173  12.153  11.565  1.00 95.64  ? 157 GLU A CG  1 
ATOM   1293 C  CD  . GLU A 1 157 ? 17.377  11.656  10.790  1.00 103.88 ? 157 GLU A CD  1 
ATOM   1294 O  OE1 . GLU A 1 157 ? 18.299  11.093  11.421  1.00 106.87 ? 157 GLU A OE1 1 
ATOM   1295 O  OE2 . GLU A 1 157 ? 17.401  11.832  9.550   1.00 89.58  ? 157 GLU A OE2 1 
ATOM   1296 N  N   . GLY A 1 158 ? 11.992  12.448  9.963   1.00 83.99  ? 158 GLY A N   1 
ATOM   1297 C  CA  . GLY A 1 158 ? 10.957  12.651  8.972   1.00 72.85  ? 158 GLY A CA  1 
ATOM   1298 C  C   . GLY A 1 158 ? 11.596  12.937  7.626   1.00 79.75  ? 158 GLY A C   1 
ATOM   1299 O  O   . GLY A 1 158 ? 12.810  13.158  7.530   1.00 77.83  ? 158 GLY A O   1 
ATOM   1300 N  N   . GLY A 1 159 ? 10.780  12.926  6.579   1.00 71.42  ? 159 GLY A N   1 
ATOM   1301 C  CA  . GLY A 1 159 ? 11.285  13.189  5.247   1.00 69.54  ? 159 GLY A CA  1 
ATOM   1302 C  C   . GLY A 1 159 ? 10.160  13.103  4.240   1.00 81.99  ? 159 GLY A C   1 
ATOM   1303 O  O   . GLY A 1 159 ? 9.239   12.298  4.402   1.00 92.15  ? 159 GLY A O   1 
ATOM   1304 N  N   . GLU A 1 160 ? 10.219  13.925  3.198   1.00 68.69  ? 160 GLU A N   1 
ATOM   1305 C  CA  . GLU A 1 160 ? 9.171   13.906  2.191   1.00 76.97  ? 160 GLU A CA  1 
ATOM   1306 C  C   . GLU A 1 160 ? 9.221   12.652  1.328   1.00 76.82  ? 160 GLU A C   1 
ATOM   1307 O  O   . GLU A 1 160 ? 10.273  12.286  0.808   1.00 78.84  ? 160 GLU A O   1 
ATOM   1308 C  CB  . GLU A 1 160 ? 9.265   15.148  1.302   1.00 84.85  ? 160 GLU A CB  1 
ATOM   1309 C  CG  . GLU A 1 160 ? 8.249   15.176  0.169   1.00 88.17  ? 160 GLU A CG  1 
ATOM   1310 C  CD  . GLU A 1 160 ? 8.265   16.489  -0.594  1.00 104.68 ? 160 GLU A CD  1 
ATOM   1311 O  OE1 . GLU A 1 160 ? 7.680   16.545  -1.699  1.00 97.99  ? 160 GLU A OE1 1 
ATOM   1312 O  OE2 . GLU A 1 160 ? 8.856   17.467  -0.085  1.00 104.87 ? 160 GLU A OE2 1 
ATOM   1313 N  N   . VAL A 1 161 ? 8.077   11.996  1.183   1.00 73.66  ? 161 VAL A N   1 
ATOM   1314 C  CA  . VAL A 1 161 ? 7.981   10.797  0.361   1.00 66.94  ? 161 VAL A CA  1 
ATOM   1315 C  C   . VAL A 1 161 ? 7.393   11.215  -0.993  1.00 56.27  ? 161 VAL A C   1 
ATOM   1316 O  O   . VAL A 1 161 ? 6.220   10.986  -1.247  1.00 70.83  ? 161 VAL A O   1 
ATOM   1317 C  CB  . VAL A 1 161 ? 7.043   9.750   1.017   1.00 61.36  ? 161 VAL A CB  1 
ATOM   1318 C  CG1 . VAL A 1 161 ? 7.227   8.400   0.357   1.00 55.56  ? 161 VAL A CG1 1 
ATOM   1319 C  CG2 . VAL A 1 161 ? 7.320   9.657   2.501   1.00 54.89  ? 161 VAL A CG2 1 
ATOM   1320 N  N   . LYS A 1 162 ? 8.197   11.824  -1.862  1.00 62.23  ? 162 LYS A N   1 
ATOM   1321 C  CA  . LYS A 1 162 ? 7.667   12.272  -3.148  1.00 63.53  ? 162 LYS A CA  1 
ATOM   1322 C  C   . LYS A 1 162 ? 7.337   11.159  -4.124  1.00 61.56  ? 162 LYS A C   1 
ATOM   1323 O  O   . LYS A 1 162 ? 7.988   10.119  -4.138  1.00 77.06  ? 162 LYS A O   1 
ATOM   1324 C  CB  . LYS A 1 162 ? 8.596   13.303  -3.804  1.00 65.44  ? 162 LYS A CB  1 
ATOM   1325 C  CG  . LYS A 1 162 ? 10.019  12.870  -4.094  1.00 81.23  ? 162 LYS A CG  1 
ATOM   1326 C  CD  . LYS A 1 162 ? 10.794  14.041  -4.713  1.00 77.93  ? 162 LYS A CD  1 
ATOM   1327 C  CE  . LYS A 1 162 ? 12.240  13.680  -5.039  1.00 82.33  ? 162 LYS A CE  1 
ATOM   1328 N  NZ  . LYS A 1 162 ? 13.048  13.396  -3.824  1.00 76.70  ? 162 LYS A NZ  1 
ATOM   1329 N  N   . ILE A 1 163 ? 6.307   11.395  -4.935  1.00 64.17  ? 163 ILE A N   1 
ATOM   1330 C  CA  . ILE A 1 163 ? 5.826   10.424  -5.915  1.00 51.89  ? 163 ILE A CA  1 
ATOM   1331 C  C   . ILE A 1 163 ? 5.645   11.041  -7.304  1.00 60.77  ? 163 ILE A C   1 
ATOM   1332 O  O   . ILE A 1 163 ? 5.360   12.233  -7.415  1.00 75.61  ? 163 ILE A O   1 
ATOM   1333 C  CB  . ILE A 1 163 ? 4.487   9.860   -5.458  1.00 42.46  ? 163 ILE A CB  1 
ATOM   1334 C  CG1 . ILE A 1 163 ? 4.625   9.338   -4.023  1.00 47.53  ? 163 ILE A CG1 1 
ATOM   1335 C  CG2 . ILE A 1 163 ? 4.024   8.787   -6.412  1.00 47.96  ? 163 ILE A CG2 1 
ATOM   1336 C  CD1 . ILE A 1 163 ? 3.475   8.472   -3.544  1.00 45.38  ? 163 ILE A CD1 1 
ATOM   1337 N  N   . TRP A 1 164 ? 5.811   10.242  -8.360  1.00 57.75  ? 164 TRP A N   1 
ATOM   1338 C  CA  . TRP A 1 164 ? 5.649   10.762  -9.718  1.00 61.62  ? 164 TRP A CA  1 
ATOM   1339 C  C   . TRP A 1 164 ? 5.494   9.693   -10.789 1.00 62.49  ? 164 TRP A C   1 
ATOM   1340 O  O   . TRP A 1 164 ? 5.592   8.500   -10.506 1.00 73.55  ? 164 TRP A O   1 
ATOM   1341 C  CB  . TRP A 1 164 ? 6.820   11.672  -10.079 1.00 56.49  ? 164 TRP A CB  1 
ATOM   1342 C  CG  . TRP A 1 164 ? 8.085   10.952  -10.408 1.00 74.22  ? 164 TRP A CG  1 
ATOM   1343 C  CD1 . TRP A 1 164 ? 8.473   10.495  -11.634 1.00 70.34  ? 164 TRP A CD1 1 
ATOM   1344 C  CD2 . TRP A 1 164 ? 9.153   10.639  -9.508  1.00 80.13  ? 164 TRP A CD2 1 
ATOM   1345 N  NE1 . TRP A 1 164 ? 9.720   9.927   -11.555 1.00 73.20  ? 164 TRP A NE1 1 
ATOM   1346 C  CE2 . TRP A 1 164 ? 10.160  10.001  -10.261 1.00 73.28  ? 164 TRP A CE2 1 
ATOM   1347 C  CE3 . TRP A 1 164 ? 9.357   10.839  -8.136  1.00 84.51  ? 164 TRP A CE3 1 
ATOM   1348 C  CZ2 . TRP A 1 164 ? 11.356  9.561   -9.690  1.00 72.96  ? 164 TRP A CZ2 1 
ATOM   1349 C  CZ3 . TRP A 1 164 ? 10.549  10.399  -7.568  1.00 81.41  ? 164 TRP A CZ3 1 
ATOM   1350 C  CH2 . TRP A 1 164 ? 11.531  9.769   -8.346  1.00 75.30  ? 164 TRP A CH2 1 
ATOM   1351 N  N   . TRP A 1 165 ? 5.243   10.138  -12.020 1.00 60.61  ? 165 TRP A N   1 
ATOM   1352 C  CA  . TRP A 1 165 ? 5.056   9.250   -13.169 1.00 56.26  ? 165 TRP A CA  1 
ATOM   1353 C  C   . TRP A 1 165 ? 5.993   9.624   -14.302 1.00 58.50  ? 165 TRP A C   1 
ATOM   1354 O  O   . TRP A 1 165 ? 6.389   10.778  -14.431 1.00 64.50  ? 165 TRP A O   1 
ATOM   1355 C  CB  . TRP A 1 165 ? 3.630   9.345   -13.712 1.00 55.70  ? 165 TRP A CB  1 
ATOM   1356 C  CG  . TRP A 1 165 ? 2.571   8.920   -12.767 1.00 56.50  ? 165 TRP A CG  1 
ATOM   1357 C  CD1 . TRP A 1 165 ? 2.124   9.598   -11.661 1.00 45.32  ? 165 TRP A CD1 1 
ATOM   1358 C  CD2 . TRP A 1 165 ? 1.811   7.708   -12.833 1.00 38.60  ? 165 TRP A CD2 1 
ATOM   1359 N  NE1 . TRP A 1 165 ? 1.130   8.875   -11.038 1.00 54.35  ? 165 TRP A NE1 1 
ATOM   1360 C  CE2 . TRP A 1 165 ? 0.919   7.714   -11.737 1.00 35.85  ? 165 TRP A CE2 1 
ATOM   1361 C  CE3 . TRP A 1 165 ? 1.800   6.619   -13.709 1.00 47.25  ? 165 TRP A CE3 1 
ATOM   1362 C  CZ2 . TRP A 1 165 ? 0.023   6.673   -11.499 1.00 47.68  ? 165 TRP A CZ2 1 
ATOM   1363 C  CZ3 . TRP A 1 165 ? 0.907   5.576   -13.469 1.00 52.74  ? 165 TRP A CZ3 1 
ATOM   1364 C  CH2 . TRP A 1 165 ? 0.029   5.614   -12.372 1.00 46.76  ? 165 TRP A CH2 1 
ATOM   1365 N  N   . GLU A 1 166 ? 6.327   8.642   -15.131 1.00 59.85  ? 166 GLU A N   1 
ATOM   1366 C  CA  . GLU A 1 166 ? 7.199   8.861   -16.275 1.00 70.47  ? 166 GLU A CA  1 
ATOM   1367 C  C   . GLU A 1 166 ? 6.533   8.166   -17.450 1.00 77.52  ? 166 GLU A C   1 
ATOM   1368 O  O   . GLU A 1 166 ? 7.124   7.326   -18.133 1.00 88.96  ? 166 GLU A O   1 
ATOM   1369 C  CB  . GLU A 1 166 ? 8.595   8.282   -16.012 1.00 72.75  ? 166 GLU A CB  1 
ATOM   1370 C  CG  . GLU A 1 166 ? 9.440   9.116   -15.058 1.00 71.86  ? 166 GLU A CG  1 
ATOM   1371 C  CD  . GLU A 1 166 ? 10.853  8.577   -14.879 1.00 81.93  ? 166 GLU A CD  1 
ATOM   1372 O  OE1 . GLU A 1 166 ? 11.494  8.221   -15.894 1.00 81.34  ? 166 GLU A OE1 1 
ATOM   1373 O  OE2 . GLU A 1 166 ? 11.328  8.525   -13.722 1.00 60.77  ? 166 GLU A OE2 1 
ATOM   1374 N  N   . GLY A 1 167 ? 5.284   8.542   -17.679 1.00 76.48  ? 167 GLY A N   1 
ATOM   1375 C  CA  . GLY A 1 167 ? 4.517   7.939   -18.746 1.00 69.93  ? 167 GLY A CA  1 
ATOM   1376 C  C   . GLY A 1 167 ? 3.565   6.986   -18.058 1.00 66.01  ? 167 GLY A C   1 
ATOM   1377 O  O   . GLY A 1 167 ? 2.987   7.322   -17.026 1.00 62.49  ? 167 GLY A O   1 
ATOM   1378 N  N   . ASP A 1 168 ? 3.417   5.790   -18.607 1.00 59.55  ? 168 ASP A N   1 
ATOM   1379 C  CA  . ASP A 1 168 ? 2.526   4.803   -18.029 1.00 59.92  ? 168 ASP A CA  1 
ATOM   1380 C  C   . ASP A 1 168 ? 3.180   4.072   -16.833 1.00 65.12  ? 168 ASP A C   1 
ATOM   1381 O  O   . ASP A 1 168 ? 2.743   2.986   -16.447 1.00 61.55  ? 168 ASP A O   1 
ATOM   1382 C  CB  . ASP A 1 168 ? 2.127   3.818   -19.129 1.00 73.42  ? 168 ASP A CB  1 
ATOM   1383 C  CG  . ASP A 1 168 ? 0.844   3.085   -18.822 1.00 84.51  ? 168 ASP A CG  1 
ATOM   1384 O  OD1 . ASP A 1 168 ? 0.877   2.132   -18.016 1.00 90.17  ? 168 ASP A OD1 1 
ATOM   1385 O  OD2 . ASP A 1 168 ? -0.201  3.472   -19.385 1.00 96.96  ? 168 ASP A OD2 1 
ATOM   1386 N  N   . ARG A 1 169 ? 4.220   4.679   -16.252 1.00 67.59  ? 169 ARG A N   1 
ATOM   1387 C  CA  . ARG A 1 169 ? 4.951   4.101   -15.111 1.00 58.48  ? 169 ARG A CA  1 
ATOM   1388 C  C   . ARG A 1 169 ? 5.084   5.057   -13.929 1.00 55.99  ? 169 ARG A C   1 
ATOM   1389 O  O   . ARG A 1 169 ? 5.501   6.203   -14.086 1.00 63.11  ? 169 ARG A O   1 
ATOM   1390 C  CB  . ARG A 1 169 ? 6.353   3.671   -15.543 1.00 71.03  ? 169 ARG A CB  1 
ATOM   1391 C  CG  . ARG A 1 169 ? 6.507   2.188   -15.834 1.00 79.49  ? 169 ARG A CG  1 
ATOM   1392 C  CD  . ARG A 1 169 ? 7.909   1.889   -16.337 1.00 73.05  ? 169 ARG A CD  1 
ATOM   1393 N  NE  . ARG A 1 169 ? 8.133   2.379   -17.697 1.00 64.75  ? 169 ARG A NE  1 
ATOM   1394 C  CZ  . ARG A 1 169 ? 8.062   1.616   -18.784 1.00 65.54  ? 169 ARG A CZ  1 
ATOM   1395 N  NH1 . ARG A 1 169 ? 7.766   0.325   -18.669 1.00 51.67  ? 169 ARG A NH1 1 
ATOM   1396 N  NH2 . ARG A 1 169 ? 8.309   2.135   -19.980 1.00 47.79  ? 169 ARG A NH2 1 
ATOM   1397 N  N   . ARG A 1 170 ? 4.770   4.553   -12.739 1.00 59.54  ? 170 ARG A N   1 
ATOM   1398 C  CA  . ARG A 1 170 ? 4.802   5.332   -11.497 1.00 58.89  ? 170 ARG A CA  1 
ATOM   1399 C  C   . ARG A 1 170 ? 5.967   4.973   -10.562 1.00 64.61  ? 170 ARG A C   1 
ATOM   1400 O  O   . ARG A 1 170 ? 6.144   3.813   -10.186 1.00 77.32  ? 170 ARG A O   1 
ATOM   1401 C  CB  . ARG A 1 170 ? 3.447   5.138   -10.792 1.00 61.87  ? 170 ARG A CB  1 
ATOM   1402 C  CG  . ARG A 1 170 ? 3.324   5.525   -9.325  1.00 63.31  ? 170 ARG A CG  1 
ATOM   1403 C  CD  . ARG A 1 170 ? 1.885   5.220   -8.868  1.00 73.15  ? 170 ARG A CD  1 
ATOM   1404 N  NE  . ARG A 1 170 ? 1.773   4.869   -7.451  1.00 71.15  ? 170 ARG A NE  1 
ATOM   1405 C  CZ  . ARG A 1 170 ? 1.722   5.744   -6.451  1.00 54.26  ? 170 ARG A CZ  1 
ATOM   1406 N  NH1 . ARG A 1 170 ? 1.761   7.043   -6.689  1.00 58.54  ? 170 ARG A NH1 1 
ATOM   1407 N  NH2 . ARG A 1 170 ? 1.658   5.313   -5.202  1.00 54.85  ? 170 ARG A NH2 1 
ATOM   1408 N  N   . TYR A 1 171 ? 6.754   5.979   -10.188 1.00 64.23  ? 171 TYR A N   1 
ATOM   1409 C  CA  . TYR A 1 171 ? 7.898   5.793   -9.293  1.00 65.46  ? 171 TYR A CA  1 
ATOM   1410 C  C   . TYR A 1 171 ? 7.694   6.551   -7.981  1.00 69.01  ? 171 TYR A C   1 
ATOM   1411 O  O   . TYR A 1 171 ? 6.946   7.523   -7.935  1.00 84.00  ? 171 TYR A O   1 
ATOM   1412 C  CB  . TYR A 1 171 ? 9.179   6.317   -9.951  1.00 66.45  ? 171 TYR A CB  1 
ATOM   1413 C  CG  . TYR A 1 171 ? 9.598   5.608   -11.220 1.00 63.48  ? 171 TYR A CG  1 
ATOM   1414 C  CD1 . TYR A 1 171 ? 9.962   4.258   -11.212 1.00 62.07  ? 171 TYR A CD1 1 
ATOM   1415 C  CD2 . TYR A 1 171 ? 9.665   6.301   -12.425 1.00 68.31  ? 171 TYR A CD2 1 
ATOM   1416 C  CE1 . TYR A 1 171 ? 10.385  3.622   -12.381 1.00 70.97  ? 171 TYR A CE1 1 
ATOM   1417 C  CE2 . TYR A 1 171 ? 10.084  5.680   -13.591 1.00 79.52  ? 171 TYR A CE2 1 
ATOM   1418 C  CZ  . TYR A 1 171 ? 10.442  4.345   -13.566 1.00 76.00  ? 171 TYR A CZ  1 
ATOM   1419 O  OH  . TYR A 1 171 ? 10.851  3.751   -14.732 1.00 77.60  ? 171 TYR A OH  1 
ATOM   1420 N  N   . THR A 1 172 ? 8.360   6.117   -6.917  1.00 58.45  ? 172 THR A N   1 
ATOM   1421 C  CA  . THR A 1 172 ? 8.245   6.799   -5.633  1.00 66.42  ? 172 THR A CA  1 
ATOM   1422 C  C   . THR A 1 172 ? 9.623   6.861   -4.967  1.00 70.34  ? 172 THR A C   1 
ATOM   1423 O  O   . THR A 1 172 ? 10.546  6.155   -5.380  1.00 64.60  ? 172 THR A O   1 
ATOM   1424 C  CB  . THR A 1 172 ? 7.277   6.075   -4.703  1.00 65.78  ? 172 THR A CB  1 
ATOM   1425 O  OG1 . THR A 1 172 ? 7.959   4.994   -4.059  1.00 84.39  ? 172 THR A OG1 1 
ATOM   1426 C  CG2 . THR A 1 172 ? 6.105   5.515   -5.493  1.00 65.52  ? 172 THR A CG2 1 
ATOM   1427 N  N   . GLN A 1 173 ? 9.763   7.705   -3.947  1.00 63.92  ? 173 GLN A N   1 
ATOM   1428 C  CA  . GLN A 1 173 ? 11.036  7.859   -3.250  1.00 61.93  ? 173 GLN A CA  1 
ATOM   1429 C  C   . GLN A 1 173 ? 10.956  8.642   -1.929  1.00 69.95  ? 173 GLN A C   1 
ATOM   1430 O  O   . GLN A 1 173 ? 10.228  9.628   -1.815  1.00 75.62  ? 173 GLN A O   1 
ATOM   1431 C  CB  . GLN A 1 173 ? 12.052  8.543   -4.175  1.00 56.02  ? 173 GLN A CB  1 
ATOM   1432 C  CG  . GLN A 1 173 ? 13.316  9.040   -3.461  1.00 45.95  ? 173 GLN A CG  1 
ATOM   1433 C  CD  . GLN A 1 173 ? 14.307  9.712   -4.400  1.00 69.28  ? 173 GLN A CD  1 
ATOM   1434 O  OE1 . GLN A 1 173 ? 13.922  10.460  -5.316  1.00 48.98  ? 173 GLN A OE1 1 
ATOM   1435 N  NE2 . GLN A 1 173 ? 15.595  9.465   -4.169  1.00 66.72  ? 173 GLN A NE2 1 
ATOM   1436 N  N   . ILE A 1 174 ? 11.726  8.191   -0.942  1.00 65.35  ? 174 ILE A N   1 
ATOM   1437 C  CA  . ILE A 1 174 ? 11.791  8.829   0.370   1.00 50.30  ? 174 ILE A CA  1 
ATOM   1438 C  C   . ILE A 1 174 ? 13.083  9.649   0.468   1.00 59.17  ? 174 ILE A C   1 
ATOM   1439 O  O   . ILE A 1 174 ? 14.184  9.094   0.373   1.00 65.11  ? 174 ILE A O   1 
ATOM   1440 C  CB  . ILE A 1 174 ? 11.812  7.772   1.490   1.00 58.95  ? 174 ILE A CB  1 
ATOM   1441 C  CG1 . ILE A 1 174 ? 10.464  7.065   1.558   1.00 55.54  ? 174 ILE A CG1 1 
ATOM   1442 C  CG2 . ILE A 1 174 ? 12.163  8.414   2.825   1.00 53.96  ? 174 ILE A CG2 1 
ATOM   1443 C  CD1 . ILE A 1 174 ? 10.404  5.991   2.631   1.00 72.11  ? 174 ILE A CD1 1 
ATOM   1444 N  N   . ARG A 1 175 ? 12.949  10.959  0.668   1.00 46.69  ? 175 ARG A N   1 
ATOM   1445 C  CA  . ARG A 1 175 ? 14.110  11.838  0.777   1.00 41.12  ? 175 ARG A CA  1 
ATOM   1446 C  C   . ARG A 1 175 ? 15.030  11.592  -0.417  1.00 63.29  ? 175 ARG A C   1 
ATOM   1447 O  O   . ARG A 1 175 ? 14.609  11.708  -1.574  1.00 58.63  ? 175 ARG A O   1 
ATOM   1448 C  CB  . ARG A 1 175 ? 14.864  11.554  2.082   1.00 46.16  ? 175 ARG A CB  1 
ATOM   1449 C  CG  . ARG A 1 175 ? 14.032  11.795  3.332   1.00 61.20  ? 175 ARG A CG  1 
ATOM   1450 C  CD  . ARG A 1 175 ? 14.682  11.225  4.588   1.00 61.72  ? 175 ARG A CD  1 
ATOM   1451 N  NE  . ARG A 1 175 ? 16.052  11.693  4.754   1.00 65.96  ? 175 ARG A NE  1 
ATOM   1452 C  CZ  . ARG A 1 175 ? 16.767  11.541  5.865   1.00 69.32  ? 175 ARG A CZ  1 
ATOM   1453 N  NH1 . ARG A 1 175 ? 16.244  10.928  6.922   1.00 53.61  ? 175 ARG A NH1 1 
ATOM   1454 N  NH2 . ARG A 1 175 ? 18.009  12.006  5.916   1.00 57.96  ? 175 ARG A NH2 1 
ATOM   1455 N  N   . ASP A 1 176 ? 16.283  11.248  -0.139  1.00 68.47  ? 176 ASP A N   1 
ATOM   1456 C  CA  . ASP A 1 176 ? 17.235  10.976  -1.208  1.00 74.14  ? 176 ASP A CA  1 
ATOM   1457 C  C   . ASP A 1 176 ? 17.615  9.491   -1.229  1.00 69.97  ? 176 ASP A C   1 
ATOM   1458 O  O   . ASP A 1 176 ? 18.667  9.117   -1.745  1.00 66.68  ? 176 ASP A O   1 
ATOM   1459 C  CB  . ASP A 1 176 ? 18.486  11.858  -1.045  1.00 79.98  ? 176 ASP A CB  1 
ATOM   1460 C  CG  . ASP A 1 176 ? 19.256  11.572  0.237   1.00 88.14  ? 176 ASP A CG  1 
ATOM   1461 O  OD1 . ASP A 1 176 ? 18.676  11.717  1.336   1.00 80.80  ? 176 ASP A OD1 1 
ATOM   1462 O  OD2 . ASP A 1 176 ? 20.450  11.209  0.139   1.00 78.24  ? 176 ASP A OD2 1 
ATOM   1463 N  N   . PHE A 1 177 ? 16.739  8.649   -0.680  1.00 64.30  ? 177 PHE A N   1 
ATOM   1464 C  CA  . PHE A 1 177 ? 16.970  7.205   -0.622  1.00 54.69  ? 177 PHE A CA  1 
ATOM   1465 C  C   . PHE A 1 177 ? 16.699  6.495   -1.957  1.00 49.77  ? 177 PHE A C   1 
ATOM   1466 O  O   . PHE A 1 177 ? 16.822  7.094   -3.025  1.00 61.42  ? 177 PHE A O   1 
ATOM   1467 C  CB  . PHE A 1 177 ? 16.105  6.585   0.483   1.00 60.96  ? 177 PHE A CB  1 
ATOM   1468 C  CG  . PHE A 1 177 ? 16.360  7.156   1.859   1.00 54.61  ? 177 PHE A CG  1 
ATOM   1469 C  CD1 . PHE A 1 177 ? 15.527  6.820   2.929   1.00 72.80  ? 177 PHE A CD1 1 
ATOM   1470 C  CD2 . PHE A 1 177 ? 17.419  8.034   2.088   1.00 55.26  ? 177 PHE A CD2 1 
ATOM   1471 C  CE1 . PHE A 1 177 ? 15.741  7.352   4.213   1.00 61.98  ? 177 PHE A CE1 1 
ATOM   1472 C  CE2 . PHE A 1 177 ? 17.643  8.568   3.358   1.00 67.15  ? 177 PHE A CE2 1 
ATOM   1473 C  CZ  . PHE A 1 177 ? 16.798  8.225   4.427   1.00 64.47  ? 177 PHE A CZ  1 
ATOM   1474 N  N   . GLU A 1 178 ? 16.330  5.220   -1.893  1.00 46.90  ? 178 GLU A N   1 
ATOM   1475 C  CA  . GLU A 1 178 ? 16.068  4.435   -3.102  1.00 55.44  ? 178 GLU A CA  1 
ATOM   1476 C  C   . GLU A 1 178 ? 14.838  4.898   -3.856  1.00 57.90  ? 178 GLU A C   1 
ATOM   1477 O  O   . GLU A 1 178 ? 13.824  5.244   -3.255  1.00 71.29  ? 178 GLU A O   1 
ATOM   1478 C  CB  . GLU A 1 178 ? 15.890  2.947   -2.767  1.00 43.23  ? 178 GLU A CB  1 
ATOM   1479 C  CG  . GLU A 1 178 ? 17.079  2.314   -2.067  1.00 73.83  ? 178 GLU A CG  1 
ATOM   1480 C  CD  . GLU A 1 178 ? 17.259  2.810   -0.644  1.00 75.70  ? 178 GLU A CD  1 
ATOM   1481 O  OE1 . GLU A 1 178 ? 18.400  2.738   -0.129  1.00 68.17  ? 178 GLU A OE1 1 
ATOM   1482 O  OE2 . GLU A 1 178 ? 16.256  3.261   -0.045  1.00 71.81  ? 178 GLU A OE2 1 
ATOM   1483 N  N   . VAL A 1 179 ? 14.928  4.900   -5.179  1.00 50.46  ? 179 VAL A N   1 
ATOM   1484 C  CA  . VAL A 1 179 ? 13.795  5.281   -5.992  1.00 37.42  ? 179 VAL A CA  1 
ATOM   1485 C  C   . VAL A 1 179 ? 13.102  3.976   -6.297  1.00 46.59  ? 179 VAL A C   1 
ATOM   1486 O  O   . VAL A 1 179 ? 13.659  3.125   -6.985  1.00 51.68  ? 179 VAL A O   1 
ATOM   1487 C  CB  . VAL A 1 179 ? 14.224  5.954   -7.297  1.00 43.01  ? 179 VAL A CB  1 
ATOM   1488 C  CG1 . VAL A 1 179 ? 13.003  6.209   -8.164  1.00 51.28  ? 179 VAL A CG1 1 
ATOM   1489 C  CG2 . VAL A 1 179 ? 14.935  7.284   -6.994  1.00 43.33  ? 179 VAL A CG2 1 
ATOM   1490 N  N   . ILE A 1 180 ? 11.885  3.819   -5.782  1.00 50.81  ? 180 ILE A N   1 
ATOM   1491 C  CA  . ILE A 1 180 ? 11.135  2.586   -5.968  1.00 54.21  ? 180 ILE A CA  1 
ATOM   1492 C  C   . ILE A 1 180 ? 9.912   2.665   -6.882  1.00 58.66  ? 180 ILE A C   1 
ATOM   1493 O  O   . ILE A 1 180 ? 9.158   3.635   -6.850  1.00 70.53  ? 180 ILE A O   1 
ATOM   1494 C  CB  . ILE A 1 180 ? 10.716  2.024   -4.600  1.00 47.61  ? 180 ILE A CB  1 
ATOM   1495 C  CG1 . ILE A 1 180 ? 11.972  1.802   -3.743  1.00 53.39  ? 180 ILE A CG1 1 
ATOM   1496 C  CG2 . ILE A 1 180 ? 9.925   0.731   -4.785  1.00 48.96  ? 180 ILE A CG2 1 
ATOM   1497 C  CD1 . ILE A 1 180 ? 11.709  1.392   -2.306  1.00 55.22  ? 180 ILE A CD1 1 
ATOM   1498 N  N   . PRO A 1 181 ? 9.712   1.625   -7.711  1.00 64.63  ? 181 PRO A N   1 
ATOM   1499 C  CA  . PRO A 1 181 ? 8.626   1.451   -8.684  1.00 66.82  ? 181 PRO A CA  1 
ATOM   1500 C  C   . PRO A 1 181 ? 7.302   0.948   -8.104  1.00 63.44  ? 181 PRO A C   1 
ATOM   1501 O  O   . PRO A 1 181 ? 6.498   0.357   -8.821  1.00 65.44  ? 181 PRO A O   1 
ATOM   1502 C  CB  . PRO A 1 181 ? 9.202   0.430   -9.674  1.00 57.62  ? 181 PRO A CB  1 
ATOM   1503 C  CG  . PRO A 1 181 ? 10.671  0.450   -9.421  1.00 70.80  ? 181 PRO A CG  1 
ATOM   1504 C  CD  . PRO A 1 181 ? 10.755  0.616   -7.944  1.00 63.36  ? 181 PRO A CD  1 
ATOM   1505 N  N   . CYS A 1 182 ? 7.065   1.182   -6.822  1.00 73.57  ? 182 CYS A N   1 
ATOM   1506 C  CA  . CYS A 1 182 ? 5.836   0.707   -6.190  1.00 86.33  ? 182 CYS A CA  1 
ATOM   1507 C  C   . CYS A 1 182 ? 4.544   1.329   -6.736  1.00 92.35  ? 182 CYS A C   1 
ATOM   1508 O  O   . CYS A 1 182 ? 4.551   2.417   -7.324  1.00 89.81  ? 182 CYS A O   1 
ATOM   1509 C  CB  . CYS A 1 182 ? 5.908   0.933   -4.676  1.00 95.65  ? 182 CYS A CB  1 
ATOM   1510 S  SG  . CYS A 1 182 ? 4.647   0.055   -3.735  1.00 88.37  ? 182 CYS A SG  1 
ATOM   1511 N  N   . GLY A 1 183 ? 3.437   0.619   -6.528  1.00 92.58  ? 183 GLY A N   1 
ATOM   1512 C  CA  . GLY A 1 183 ? 2.138   1.085   -6.983  1.00 90.05  ? 183 GLY A CA  1 
ATOM   1513 C  C   . GLY A 1 183 ? 1.086   0.939   -5.896  1.00 92.72  ? 183 GLY A C   1 
ATOM   1514 O  O   . GLY A 1 183 ? 0.105   0.203   -6.052  1.00 84.63  ? 183 GLY A O   1 
ATOM   1515 N  N   . GLY A 1 184 ? 1.306   1.636   -4.785  1.00 90.39  ? 184 GLY A N   1 
ATOM   1516 C  CA  . GLY A 1 184 ? 0.381   1.597   -3.665  1.00 82.21  ? 184 GLY A CA  1 
ATOM   1517 C  C   . GLY A 1 184 ? 0.111   3.008   -3.179  1.00 82.44  ? 184 GLY A C   1 
ATOM   1518 O  O   . GLY A 1 184 ? 0.391   3.968   -3.887  1.00 83.84  ? 184 GLY A O   1 
ATOM   1519 N  N   . THR A 1 185 ? -0.423  3.149   -1.973  1.00 73.36  ? 185 THR A N   1 
ATOM   1520 C  CA  . THR A 1 185 ? -0.719  4.475   -1.440  1.00 72.87  ? 185 THR A CA  1 
ATOM   1521 C  C   . THR A 1 185 ? 0.165   4.771   -0.241  1.00 76.85  ? 185 THR A C   1 
ATOM   1522 O  O   . THR A 1 185 ? 0.131   4.056   0.764   1.00 86.04  ? 185 THR A O   1 
ATOM   1523 C  CB  . THR A 1 185 ? -2.195  4.568   -1.035  1.00 80.22  ? 185 THR A CB  1 
ATOM   1524 O  OG1 . THR A 1 185 ? -2.603  3.319   -0.464  1.00 79.54  ? 185 THR A OG1 1 
ATOM   1525 C  CG2 . THR A 1 185 ? -3.065  4.879   -2.250  1.00 75.44  ? 185 THR A CG2 1 
ATOM   1526 N  N   . HIS A 1 186 ? 0.948   5.836   -0.338  1.00 68.96  ? 186 HIS A N   1 
ATOM   1527 C  CA  . HIS A 1 186 ? 1.873   6.184   0.734   1.00 69.34  ? 186 HIS A CA  1 
ATOM   1528 C  C   . HIS A 1 186 ? 1.558   7.477   1.462   1.00 71.47  ? 186 HIS A C   1 
ATOM   1529 O  O   . HIS A 1 186 ? 0.881   8.360   0.939   1.00 68.13  ? 186 HIS A O   1 
ATOM   1530 C  CB  . HIS A 1 186 ? 3.297   6.283   0.175   1.00 67.55  ? 186 HIS A CB  1 
ATOM   1531 C  CG  . HIS A 1 186 ? 3.814   5.001   -0.394  1.00 59.89  ? 186 HIS A CG  1 
ATOM   1532 N  ND1 . HIS A 1 186 ? 4.276   3.969   0.395   1.00 68.14  ? 186 HIS A ND1 1 
ATOM   1533 C  CD2 . HIS A 1 186 ? 3.904   4.567   -1.674  1.00 50.04  ? 186 HIS A CD2 1 
ATOM   1534 C  CE1 . HIS A 1 186 ? 4.626   2.955   -0.374  1.00 81.96  ? 186 HIS A CE1 1 
ATOM   1535 N  NE2 . HIS A 1 186 ? 4.410   3.292   -1.634  1.00 82.83  ? 186 HIS A NE2 1 
ATOM   1536 N  N   . VAL A 1 187 ? 2.090   7.581   2.675   1.00 66.75  ? 187 VAL A N   1 
ATOM   1537 C  CA  . VAL A 1 187 ? 1.913   8.766   3.487   1.00 55.31  ? 187 VAL A CA  1 
ATOM   1538 C  C   . VAL A 1 187 ? 2.709   9.852   2.774   1.00 63.75  ? 187 VAL A C   1 
ATOM   1539 O  O   . VAL A 1 187 ? 3.462   9.555   1.844   1.00 68.28  ? 187 VAL A O   1 
ATOM   1540 C  CB  . VAL A 1 187 ? 2.470   8.538   4.901   1.00 59.83  ? 187 VAL A CB  1 
ATOM   1541 C  CG1 . VAL A 1 187 ? 2.063   7.153   5.384   1.00 61.85  ? 187 VAL A CG1 1 
ATOM   1542 C  CG2 . VAL A 1 187 ? 3.980   8.688   4.914   1.00 58.31  ? 187 VAL A CG2 1 
ATOM   1543 N  N   . LYS A 1 188 ? 2.547   11.105  3.185   1.00 59.92  ? 188 LYS A N   1 
ATOM   1544 C  CA  . LYS A 1 188 ? 3.267   12.185  2.529   1.00 65.73  ? 188 LYS A CA  1 
ATOM   1545 C  C   . LYS A 1 188 ? 4.610   12.407  3.202   1.00 73.79  ? 188 LYS A C   1 
ATOM   1546 O  O   . LYS A 1 188 ? 5.520   13.003  2.620   1.00 74.32  ? 188 LYS A O   1 
ATOM   1547 C  CB  . LYS A 1 188 ? 2.429   13.473  2.531   1.00 77.04  ? 188 LYS A CB  1 
ATOM   1548 C  CG  . LYS A 1 188 ? 2.018   13.987  3.908   1.00 90.83  ? 188 LYS A CG  1 
ATOM   1549 C  CD  . LYS A 1 188 ? 1.199   15.275  3.800   1.00 92.26  ? 188 LYS A CD  1 
ATOM   1550 C  CE  . LYS A 1 188 ? 0.923   15.905  5.172   1.00 98.74  ? 188 LYS A CE  1 
ATOM   1551 N  NZ  . LYS A 1 188 ? 0.045   15.078  6.055   1.00 89.14  ? 188 LYS A NZ  1 
ATOM   1552 N  N   . ASP A 1 189 ? 4.735   11.917  4.431   1.00 70.28  ? 189 ASP A N   1 
ATOM   1553 C  CA  . ASP A 1 189 ? 5.984   12.055  5.164   1.00 69.26  ? 189 ASP A CA  1 
ATOM   1554 C  C   . ASP A 1 189 ? 6.144   10.868  6.089   1.00 67.44  ? 189 ASP A C   1 
ATOM   1555 O  O   . ASP A 1 189 ? 5.203   10.481  6.777   1.00 70.41  ? 189 ASP A O   1 
ATOM   1556 C  CB  . ASP A 1 189 ? 6.003   13.359  5.956   1.00 72.71  ? 189 ASP A CB  1 
ATOM   1557 C  CG  . ASP A 1 189 ? 7.339   13.611  6.615   1.00 78.21  ? 189 ASP A CG  1 
ATOM   1558 O  OD1 . ASP A 1 189 ? 7.778   14.782  6.641   1.00 76.44  ? 189 ASP A OD1 1 
ATOM   1559 O  OD2 . ASP A 1 189 ? 7.946   12.635  7.111   1.00 75.10  ? 189 ASP A OD2 1 
ATOM   1560 N  N   . ILE A 1 190 ? 7.346   10.295  6.094   1.00 70.76  ? 190 ILE A N   1 
ATOM   1561 C  CA  . ILE A 1 190 ? 7.636   9.113   6.898   1.00 71.20  ? 190 ILE A CA  1 
ATOM   1562 C  C   . ILE A 1 190 ? 7.528   9.328   8.394   1.00 58.10  ? 190 ILE A C   1 
ATOM   1563 O  O   . ILE A 1 190 ? 7.414   8.363   9.148   1.00 62.12  ? 190 ILE A O   1 
ATOM   1564 C  CB  . ILE A 1 190 ? 9.038   8.518   6.578   1.00 64.14  ? 190 ILE A CB  1 
ATOM   1565 C  CG1 . ILE A 1 190 ? 10.137  9.499   6.980   1.00 62.26  ? 190 ILE A CG1 1 
ATOM   1566 C  CG2 . ILE A 1 190 ? 9.137   8.205   5.100   1.00 50.60  ? 190 ILE A CG2 1 
ATOM   1567 C  CD1 . ILE A 1 190 ? 11.518  8.913   6.925   1.00 62.31  ? 190 ILE A CD1 1 
ATOM   1568 N  N   . LYS A 1 191 ? 7.569   10.577  8.840   1.00 55.28  ? 191 LYS A N   1 
ATOM   1569 C  CA  . LYS A 1 191 ? 7.436   10.810  10.273  1.00 65.81  ? 191 LYS A CA  1 
ATOM   1570 C  C   . LYS A 1 191 ? 6.028   10.352  10.651  1.00 65.10  ? 191 LYS A C   1 
ATOM   1571 O  O   . LYS A 1 191 ? 5.741   10.075  11.820  1.00 65.07  ? 191 LYS A O   1 
ATOM   1572 C  CB  . LYS A 1 191 ? 7.655   12.291  10.624  1.00 68.58  ? 191 LYS A CB  1 
ATOM   1573 C  CG  . LYS A 1 191 ? 6.729   13.285  9.931   1.00 83.99  ? 191 LYS A CG  1 
ATOM   1574 C  CD  . LYS A 1 191 ? 7.150   14.734  10.210  1.00 65.87  ? 191 LYS A CD  1 
ATOM   1575 C  CE  . LYS A 1 191 ? 8.536   15.048  9.640   1.00 83.14  ? 191 LYS A CE  1 
ATOM   1576 N  NZ  . LYS A 1 191 ? 8.985   16.455  9.883   1.00 70.15  ? 191 LYS A NZ  1 
ATOM   1577 N  N   . GLU A 1 192 ? 5.174   10.247  9.633   1.00 57.19  ? 192 GLU A N   1 
ATOM   1578 C  CA  . GLU A 1 192 ? 3.790   9.814   9.788   1.00 57.80  ? 192 GLU A CA  1 
ATOM   1579 C  C   . GLU A 1 192 ? 3.686   8.306   9.828   1.00 70.34  ? 192 GLU A C   1 
ATOM   1580 O  O   . GLU A 1 192 ? 2.612   7.752   9.583   1.00 82.33  ? 192 GLU A O   1 
ATOM   1581 C  CB  . GLU A 1 192 ? 2.943   10.281  8.616   1.00 67.54  ? 192 GLU A CB  1 
ATOM   1582 C  CG  . GLU A 1 192 ? 2.622   11.739  8.568   1.00 74.55  ? 192 GLU A CG  1 
ATOM   1583 C  CD  . GLU A 1 192 ? 1.833   12.069  7.323   1.00 75.07  ? 192 GLU A CD  1 
ATOM   1584 O  OE1 . GLU A 1 192 ? 0.921   11.281  6.977   1.00 64.00  ? 192 GLU A OE1 1 
ATOM   1585 O  OE2 . GLU A 1 192 ? 2.122   13.110  6.697   1.00 71.39  ? 192 GLU A OE2 1 
ATOM   1586 N  N   . ILE A 1 193 ? 4.793   7.631   10.103  1.00 66.30  ? 193 ILE A N   1 
ATOM   1587 C  CA  . ILE A 1 193 ? 4.760   6.178   10.155  1.00 69.26  ? 193 ILE A CA  1 
ATOM   1588 C  C   . ILE A 1 193 ? 4.768   5.739   11.604  1.00 66.30  ? 193 ILE A C   1 
ATOM   1589 O  O   . ILE A 1 193 ? 3.844   5.070   12.070  1.00 54.92  ? 193 ILE A O   1 
ATOM   1590 C  CB  . ILE A 1 193 ? 5.977   5.558   9.425   1.00 76.13  ? 193 ILE A CB  1 
ATOM   1591 C  CG1 . ILE A 1 193 ? 5.898   5.869   7.931   1.00 65.31  ? 193 ILE A CG1 1 
ATOM   1592 C  CG2 . ILE A 1 193 ? 6.022   4.050   9.655   1.00 63.19  ? 193 ILE A CG2 1 
ATOM   1593 C  CD1 . ILE A 1 193 ? 7.052   5.307   7.135   1.00 84.95  ? 193 ILE A CD1 1 
ATOM   1594 N  N   . GLY A 1 194 ? 5.819   6.132   12.312  1.00 67.01  ? 194 GLY A N   1 
ATOM   1595 C  CA  . GLY A 1 194 ? 5.943   5.767   13.707  1.00 78.22  ? 194 GLY A CA  1 
ATOM   1596 C  C   . GLY A 1 194 ? 7.025   4.731   13.888  1.00 80.30  ? 194 GLY A C   1 
ATOM   1597 O  O   . GLY A 1 194 ? 7.375   4.022   12.948  1.00 89.18  ? 194 GLY A O   1 
ATOM   1598 N  N   . HIS A 1 195 ? 7.559   4.648   15.099  1.00 86.13  ? 195 HIS A N   1 
ATOM   1599 C  CA  . HIS A 1 195 ? 8.614   3.693   15.399  1.00 83.10  ? 195 HIS A CA  1 
ATOM   1600 C  C   . HIS A 1 195 ? 8.094   2.264   15.364  1.00 78.60  ? 195 HIS A C   1 
ATOM   1601 O  O   . HIS A 1 195 ? 6.890   2.026   15.398  1.00 74.00  ? 195 HIS A O   1 
ATOM   1602 C  CB  . HIS A 1 195 ? 9.218   3.983   16.776  1.00 83.10  ? 195 HIS A CB  1 
ATOM   1603 C  CG  . HIS A 1 195 ? 9.868   5.329   16.881  1.00 86.54  ? 195 HIS A CG  1 
ATOM   1604 N  ND1 . HIS A 1 195 ? 10.686  5.680   17.933  1.00 84.44  ? 195 HIS A ND1 1 
ATOM   1605 C  CD2 . HIS A 1 195 ? 9.831   6.403   16.057  1.00 80.30  ? 195 HIS A CD2 1 
ATOM   1606 C  CE1 . HIS A 1 195 ? 11.128  6.911   17.752  1.00 87.58  ? 195 HIS A CE1 1 
ATOM   1607 N  NE2 . HIS A 1 195 ? 10.625  7.373   16.622  1.00 82.76  ? 195 HIS A NE2 1 
ATOM   1608 N  N   . ILE A 1 196 ? 9.020   1.316   15.298  1.00 81.39  ? 196 ILE A N   1 
ATOM   1609 C  CA  . ILE A 1 196 ? 8.672   -0.094  15.270  1.00 76.56  ? 196 ILE A CA  1 
ATOM   1610 C  C   . ILE A 1 196 ? 8.015   -0.518  16.577  1.00 78.68  ? 196 ILE A C   1 
ATOM   1611 O  O   . ILE A 1 196 ? 8.435   -0.114  17.657  1.00 86.83  ? 196 ILE A O   1 
ATOM   1612 C  CB  . ILE A 1 196 ? 9.926   -0.975  15.072  1.00 83.68  ? 196 ILE A CB  1 
ATOM   1613 C  CG1 . ILE A 1 196 ? 10.563  -0.697  13.709  1.00 84.04  ? 196 ILE A CG1 1 
ATOM   1614 C  CG2 . ILE A 1 196 ? 9.556   -2.450  15.211  1.00 83.93  ? 196 ILE A CG2 1 
ATOM   1615 C  CD1 . ILE A 1 196 ? 9.722   -1.128  12.526  1.00 95.64  ? 196 ILE A CD1 1 
ATOM   1616 N  N   . LYS A 1 197 ? 6.977   -1.336  16.466  1.00 83.93  ? 197 LYS A N   1 
ATOM   1617 C  CA  . LYS A 1 197 ? 6.278   -1.864  17.626  1.00 88.95  ? 197 LYS A CA  1 
ATOM   1618 C  C   . LYS A 1 197 ? 6.931   -3.205  17.938  1.00 91.43  ? 197 LYS A C   1 
ATOM   1619 O  O   . LYS A 1 197 ? 7.008   -3.621  19.098  1.00 87.30  ? 197 LYS A O   1 
ATOM   1620 C  CB  . LYS A 1 197 ? 4.797   -2.062  17.294  1.00 98.01  ? 197 LYS A CB  1 
ATOM   1621 C  CG  . LYS A 1 197 ? 4.071   -3.118  18.126  1.00 101.28 ? 197 LYS A CG  1 
ATOM   1622 C  CD  . LYS A 1 197 ? 3.947   -2.748  19.593  1.00 99.86  ? 197 LYS A CD  1 
ATOM   1623 C  CE  . LYS A 1 197 ? 3.183   -3.830  20.352  1.00 98.27  ? 197 LYS A CE  1 
ATOM   1624 N  NZ  . LYS A 1 197 ? 3.090   -3.550  21.814  1.00 111.96 ? 197 LYS A NZ  1 
ATOM   1625 N  N   . LYS A 1 198 ? 7.415   -3.862  16.884  1.00 95.53  ? 198 LYS A N   1 
ATOM   1626 C  CA  . LYS A 1 198 ? 8.068   -5.168  16.990  1.00 90.94  ? 198 LYS A CA  1 
ATOM   1627 C  C   . LYS A 1 198 ? 8.593   -5.615  15.623  1.00 87.19  ? 198 LYS A C   1 
ATOM   1628 O  O   . LYS A 1 198 ? 7.945   -5.388  14.601  1.00 96.64  ? 198 LYS A O   1 
ATOM   1629 C  CB  . LYS A 1 198 ? 7.062   -6.194  17.516  1.00 88.64  ? 198 LYS A CB  1 
ATOM   1630 C  CG  . LYS A 1 198 ? 7.565   -7.624  17.593  1.00 93.54  ? 198 LYS A CG  1 
ATOM   1631 C  CD  . LYS A 1 198 ? 6.457   -8.536  18.107  1.00 89.38  ? 198 LYS A CD  1 
ATOM   1632 C  CE  . LYS A 1 198 ? 6.854   -9.999  18.045  1.00 95.63  ? 198 LYS A CE  1 
ATOM   1633 N  NZ  . LYS A 1 198 ? 5.750   -10.875 18.532  1.00 107.61 ? 198 LYS A NZ  1 
ATOM   1634 N  N   . LEU A 1 199 ? 9.766   -6.242  15.603  1.00 74.64  ? 199 LEU A N   1 
ATOM   1635 C  CA  . LEU A 1 199 ? 10.349  -6.730  14.354  1.00 56.95  ? 199 LEU A CA  1 
ATOM   1636 C  C   . LEU A 1 199 ? 10.767  -8.175  14.554  1.00 58.04  ? 199 LEU A C   1 
ATOM   1637 O  O   . LEU A 1 199 ? 11.813  -8.451  15.133  1.00 65.76  ? 199 LEU A O   1 
ATOM   1638 C  CB  . LEU A 1 199 ? 11.561  -5.896  13.965  1.00 59.16  ? 199 LEU A CB  1 
ATOM   1639 C  CG  . LEU A 1 199 ? 12.163  -6.145  12.583  1.00 56.93  ? 199 LEU A CG  1 
ATOM   1640 C  CD1 . LEU A 1 199 ? 11.076  -6.069  11.513  1.00 64.55  ? 199 LEU A CD1 1 
ATOM   1641 C  CD2 . LEU A 1 199 ? 13.242  -5.106  12.325  1.00 37.95  ? 199 LEU A CD2 1 
ATOM   1642 N  N   . LYS A 1 200 ? 9.936   -9.086  14.065  1.00 51.46  ? 200 LYS A N   1 
ATOM   1643 C  CA  . LYS A 1 200 ? 10.156  -10.516 14.199  1.00 44.32  ? 200 LYS A CA  1 
ATOM   1644 C  C   . LYS A 1 200 ? 10.849  -11.125 12.987  1.00 61.17  ? 200 LYS A C   1 
ATOM   1645 O  O   . LYS A 1 200 ? 10.513  -10.824 11.838  1.00 73.22  ? 200 LYS A O   1 
ATOM   1646 C  CB  . LYS A 1 200 ? 8.797   -11.197 14.429  1.00 51.14  ? 200 LYS A CB  1 
ATOM   1647 C  CG  . LYS A 1 200 ? 8.784   -12.720 14.363  1.00 49.69  ? 200 LYS A CG  1 
ATOM   1648 C  CD  . LYS A 1 200 ? 9.064   -13.378 15.698  1.00 75.07  ? 200 LYS A CD  1 
ATOM   1649 C  CE  . LYS A 1 200 ? 9.050   -14.896 15.549  1.00 89.99  ? 200 LYS A CE  1 
ATOM   1650 N  NZ  . LYS A 1 200 ? 7.780   -15.387 14.934  1.00 79.16  ? 200 LYS A NZ  1 
ATOM   1651 N  N   . ARG A 1 201 ? 11.827  -11.983 13.251  1.00 64.41  ? 201 ARG A N   1 
ATOM   1652 C  CA  . ARG A 1 201 ? 12.561  -12.664 12.194  1.00 64.88  ? 201 ARG A CA  1 
ATOM   1653 C  C   . ARG A 1 201 ? 12.164  -14.131 12.221  1.00 66.72  ? 201 ARG A C   1 
ATOM   1654 O  O   . ARG A 1 201 ? 11.925  -14.700 13.285  1.00 64.02  ? 201 ARG A O   1 
ATOM   1655 C  CB  . ARG A 1 201 ? 14.072  -12.540 12.410  1.00 57.67  ? 201 ARG A CB  1 
ATOM   1656 C  CG  . ARG A 1 201 ? 14.937  -13.381 11.461  1.00 66.28  ? 201 ARG A CG  1 
ATOM   1657 C  CD  . ARG A 1 201 ? 14.932  -14.877 11.796  1.00 56.15  ? 201 ARG A CD  1 
ATOM   1658 N  NE  . ARG A 1 201 ? 15.871  -15.630 10.964  1.00 74.68  ? 201 ARG A NE  1 
ATOM   1659 C  CZ  . ARG A 1 201 ? 16.226  -16.895 11.181  1.00 80.39  ? 201 ARG A CZ  1 
ATOM   1660 N  NH1 . ARG A 1 201 ? 17.091  -17.499 10.369  1.00 62.96  ? 201 ARG A NH1 1 
ATOM   1661 N  NH2 . ARG A 1 201 ? 15.724  -17.559 12.214  1.00 79.59  ? 201 ARG A NH2 1 
ATOM   1662 N  N   . SER A 1 202 ? 12.093  -14.740 11.044  1.00 67.05  ? 202 SER A N   1 
ATOM   1663 C  CA  . SER A 1 202 ? 11.733  -16.143 10.940  1.00 61.03  ? 202 SER A CA  1 
ATOM   1664 C  C   . SER A 1 202 ? 12.290  -16.677 9.645   1.00 55.47  ? 202 SER A C   1 
ATOM   1665 O  O   . SER A 1 202 ? 12.490  -15.918 8.704   1.00 63.44  ? 202 SER A O   1 
ATOM   1666 C  CB  . SER A 1 202 ? 10.215  -16.311 10.958  1.00 53.92  ? 202 SER A CB  1 
ATOM   1667 O  OG  . SER A 1 202 ? 9.592   -15.457 10.023  1.00 46.29  ? 202 SER A OG  1 
ATOM   1668 N  N   . SER A 1 203 ? 12.554  -17.979 9.614   1.00 54.32  ? 203 SER A N   1 
ATOM   1669 C  CA  . SER A 1 203 ? 13.092  -18.641 8.436   1.00 53.11  ? 203 SER A CA  1 
ATOM   1670 C  C   . SER A 1 203 ? 11.930  -19.211 7.649   1.00 53.50  ? 203 SER A C   1 
ATOM   1671 O  O   . SER A 1 203 ? 11.203  -20.073 8.149   1.00 52.76  ? 203 SER A O   1 
ATOM   1672 C  CB  . SER A 1 203 ? 14.035  -19.772 8.846   1.00 56.77  ? 203 SER A CB  1 
ATOM   1673 O  OG  . SER A 1 203 ? 14.451  -20.520 7.712   1.00 80.45  ? 203 SER A OG  1 
ATOM   1674 N  N   . ILE A 1 204 ? 11.749  -18.730 6.422   1.00 53.92  ? 204 ILE A N   1 
ATOM   1675 C  CA  . ILE A 1 204 ? 10.647  -19.206 5.593   1.00 58.87  ? 204 ILE A CA  1 
ATOM   1676 C  C   . ILE A 1 204 ? 11.037  -20.406 4.750   1.00 60.71  ? 204 ILE A C   1 
ATOM   1677 O  O   . ILE A 1 204 ? 10.184  -21.020 4.108   1.00 57.70  ? 204 ILE A O   1 
ATOM   1678 C  CB  . ILE A 1 204 ? 10.116  -18.109 4.659   1.00 52.05  ? 204 ILE A CB  1 
ATOM   1679 C  CG1 . ILE A 1 204 ? 11.282  -17.482 3.898   1.00 57.50  ? 204 ILE A CG1 1 
ATOM   1680 C  CG2 . ILE A 1 204 ? 9.331   -17.087 5.463   1.00 51.65  ? 204 ILE A CG2 1 
ATOM   1681 C  CD1 . ILE A 1 204 ? 10.886  -16.456 2.878   1.00 46.39  ? 204 ILE A CD1 1 
ATOM   1682 N  N   . GLY A 1 205 ? 12.324  -20.742 4.755   1.00 54.62  ? 205 GLY A N   1 
ATOM   1683 C  CA  . GLY A 1 205 ? 12.760  -21.893 3.992   1.00 62.90  ? 205 GLY A CA  1 
ATOM   1684 C  C   . GLY A 1 205 ? 13.597  -21.537 2.790   1.00 69.02  ? 205 GLY A C   1 
ATOM   1685 O  O   . GLY A 1 205 ? 13.670  -20.374 2.393   1.00 68.46  ? 205 GLY A O   1 
ATOM   1686 N  N   . ARG A 1 206 ? 14.233  -22.549 2.209   1.00 67.24  ? 206 ARG A N   1 
ATOM   1687 C  CA  . ARG A 1 206 ? 15.086  -22.350 1.051   1.00 66.27  ? 206 ARG A CA  1 
ATOM   1688 C  C   . ARG A 1 206 ? 16.209  -21.365 1.364   1.00 67.67  ? 206 ARG A C   1 
ATOM   1689 O  O   . ARG A 1 206 ? 16.915  -20.895 0.472   1.00 74.59  ? 206 ARG A O   1 
ATOM   1690 C  CB  . ARG A 1 206 ? 14.258  -21.856 -0.138  1.00 75.26  ? 206 ARG A CB  1 
ATOM   1691 C  CG  . ARG A 1 206 ? 13.324  -22.911 -0.734  1.00 83.00  ? 206 ARG A CG  1 
ATOM   1692 C  CD  . ARG A 1 206 ? 14.073  -24.218 -1.008  1.00 102.71 ? 206 ARG A CD  1 
ATOM   1693 N  NE  . ARG A 1 206 ? 15.389  -23.984 -1.604  1.00 117.52 ? 206 ARG A NE  1 
ATOM   1694 C  CZ  . ARG A 1 206 ? 16.276  -24.937 -1.874  1.00 116.91 ? 206 ARG A CZ  1 
ATOM   1695 N  NH1 . ARG A 1 206 ? 15.997  -26.208 -1.605  1.00 113.42 ? 206 ARG A NH1 1 
ATOM   1696 N  NH2 . ARG A 1 206 ? 17.450  -24.618 -2.406  1.00 117.50 ? 206 ARG A NH2 1 
ATOM   1697 N  N   . GLY A 1 207 ? 16.378  -21.058 2.644   1.00 59.87  ? 207 GLY A N   1 
ATOM   1698 C  CA  . GLY A 1 207 ? 17.428  -20.146 3.041   1.00 54.14  ? 207 GLY A CA  1 
ATOM   1699 C  C   . GLY A 1 207 ? 16.950  -18.720 3.018   1.00 58.08  ? 207 GLY A C   1 
ATOM   1700 O  O   . GLY A 1 207 ? 17.739  -17.789 3.177   1.00 63.55  ? 207 GLY A O   1 
ATOM   1701 N  N   . LYS A 1 208 ? 15.649  -18.552 2.822   1.00 55.48  ? 208 LYS A N   1 
ATOM   1702 C  CA  . LYS A 1 208 ? 15.059  -17.225 2.773   1.00 58.98  ? 208 LYS A CA  1 
ATOM   1703 C  C   . LYS A 1 208 ? 14.576  -16.840 4.154   1.00 64.04  ? 208 LYS A C   1 
ATOM   1704 O  O   . LYS A 1 208 ? 13.989  -17.651 4.868   1.00 83.80  ? 208 LYS A O   1 
ATOM   1705 C  CB  . LYS A 1 208 ? 13.890  -17.212 1.793   1.00 63.72  ? 208 LYS A CB  1 
ATOM   1706 C  CG  . LYS A 1 208 ? 14.244  -17.759 0.415   1.00 82.88  ? 208 LYS A CG  1 
ATOM   1707 C  CD  . LYS A 1 208 ? 15.293  -16.890 -0.263  1.00 95.61  ? 208 LYS A CD  1 
ATOM   1708 C  CE  . LYS A 1 208 ? 15.961  -17.604 -1.427  1.00 102.77 ? 208 LYS A CE  1 
ATOM   1709 N  NZ  . LYS A 1 208 ? 16.864  -18.694 -0.957  1.00 106.80 ? 208 LYS A NZ  1 
ATOM   1710 N  N   . GLN A 1 209 ? 14.837  -15.605 4.548   1.00 64.98  ? 209 GLN A N   1 
ATOM   1711 C  CA  . GLN A 1 209 ? 14.390  -15.152 5.853   1.00 62.75  ? 209 GLN A CA  1 
ATOM   1712 C  C   . GLN A 1 209 ? 13.229  -14.208 5.663   1.00 58.91  ? 209 GLN A C   1 
ATOM   1713 O  O   . GLN A 1 209 ? 13.039  -13.657 4.579   1.00 61.42  ? 209 GLN A O   1 
ATOM   1714 C  CB  . GLN A 1 209 ? 15.502  -14.425 6.593   1.00 65.89  ? 209 GLN A CB  1 
ATOM   1715 C  CG  . GLN A 1 209 ? 16.726  -15.254 6.857   1.00 63.44  ? 209 GLN A CG  1 
ATOM   1716 C  CD  . GLN A 1 209 ? 17.703  -14.507 7.712   1.00 75.93  ? 209 GLN A CD  1 
ATOM   1717 O  OE1 . GLN A 1 209 ? 17.413  -14.190 8.872   1.00 65.40  ? 209 GLN A OE1 1 
ATOM   1718 N  NE2 . GLN A 1 209 ? 18.869  -14.201 7.147   1.00 68.95  ? 209 GLN A NE2 1 
ATOM   1719 N  N   . ARG A 1 210 ? 12.459  -14.016 6.726   1.00 64.21  ? 210 ARG A N   1 
ATOM   1720 C  CA  . ARG A 1 210 ? 11.305  -13.139 6.671   1.00 65.06  ? 210 ARG A CA  1 
ATOM   1721 C  C   . ARG A 1 210 ? 11.219  -12.162 7.826   1.00 68.44  ? 210 ARG A C   1 
ATOM   1722 O  O   . ARG A 1 210 ? 11.160  -12.560 8.992   1.00 79.83  ? 210 ARG A O   1 
ATOM   1723 C  CB  . ARG A 1 210 ? 10.023  -13.962 6.628   1.00 58.00  ? 210 ARG A CB  1 
ATOM   1724 C  CG  . ARG A 1 210 ? 8.791   -13.171 7.002   1.00 41.30  ? 210 ARG A CG  1 
ATOM   1725 C  CD  . ARG A 1 210 ? 7.557   -14.023 6.875   1.00 36.41  ? 210 ARG A CD  1 
ATOM   1726 N  NE  . ARG A 1 210 ? 7.196   -14.221 5.479   1.00 45.14  ? 210 ARG A NE  1 
ATOM   1727 C  CZ  . ARG A 1 210 ? 6.431   -15.215 5.047   1.00 42.53  ? 210 ARG A CZ  1 
ATOM   1728 N  NH1 . ARG A 1 210 ? 5.950   -16.099 5.906   1.00 43.62  ? 210 ARG A NH1 1 
ATOM   1729 N  NH2 . ARG A 1 210 ? 6.162   -15.333 3.758   1.00 47.55  ? 210 ARG A NH2 1 
ATOM   1730 N  N   . LEU A 1 211 ? 11.209  -10.877 7.489   1.00 68.72  ? 211 LEU A N   1 
ATOM   1731 C  CA  . LEU A 1 211 ? 11.088  -9.833  8.491   1.00 60.95  ? 211 LEU A CA  1 
ATOM   1732 C  C   . LEU A 1 211 ? 9.638   -9.426  8.548   1.00 59.66  ? 211 LEU A C   1 
ATOM   1733 O  O   . LEU A 1 211 ? 9.062   -9.017  7.539   1.00 58.49  ? 211 LEU A O   1 
ATOM   1734 C  CB  . LEU A 1 211 ? 11.890  -8.588  8.120   1.00 49.45  ? 211 LEU A CB  1 
ATOM   1735 C  CG  . LEU A 1 211 ? 13.409  -8.641  8.124   1.00 53.47  ? 211 LEU A CG  1 
ATOM   1736 C  CD1 . LEU A 1 211 ? 13.946  -7.235  7.947   1.00 52.38  ? 211 LEU A CD1 1 
ATOM   1737 C  CD2 . LEU A 1 211 ? 13.896  -9.231  9.420   1.00 29.94  ? 211 LEU A CD2 1 
ATOM   1738 N  N   . GLU A 1 212 ? 9.034   -9.570  9.714   1.00 57.27  ? 212 GLU A N   1 
ATOM   1739 C  CA  . GLU A 1 212 ? 7.666   -9.129  9.877   1.00 59.45  ? 212 GLU A CA  1 
ATOM   1740 C  C   . GLU A 1 212 ? 7.836   -7.910  10.753  1.00 48.75  ? 212 GLU A C   1 
ATOM   1741 O  O   . GLU A 1 212 ? 8.624   -7.934  11.694  1.00 52.99  ? 212 GLU A O   1 
ATOM   1742 C  CB  . GLU A 1 212 ? 6.822   -10.186 10.585  1.00 66.25  ? 212 GLU A CB  1 
ATOM   1743 C  CG  . GLU A 1 212 ? 6.742   -11.489 9.810   1.00 71.38  ? 212 GLU A CG  1 
ATOM   1744 C  CD  . GLU A 1 212 ? 5.796   -12.488 10.432  1.00 65.96  ? 212 GLU A CD  1 
ATOM   1745 O  OE1 . GLU A 1 212 ? 4.580   -12.200 10.481  1.00 72.12  ? 212 GLU A OE1 1 
ATOM   1746 O  OE2 . GLU A 1 212 ? 6.270   -13.560 10.871  1.00 70.09  ? 212 GLU A OE2 1 
ATOM   1747 N  N   . MET A 1 213 ? 7.157   -6.824  10.421  1.00 44.97  ? 213 MET A N   1 
ATOM   1748 C  CA  . MET A 1 213 ? 7.272   -5.648  11.257  1.00 59.99  ? 213 MET A CA  1 
ATOM   1749 C  C   . MET A 1 213 ? 5.902   -5.160  11.733  1.00 68.93  ? 213 MET A C   1 
ATOM   1750 O  O   . MET A 1 213 ? 4.891   -5.305  11.036  1.00 64.85  ? 213 MET A O   1 
ATOM   1751 C  CB  . MET A 1 213 ? 8.016   -4.528  10.523  1.00 52.96  ? 213 MET A CB  1 
ATOM   1752 C  CG  . MET A 1 213 ? 7.167   -3.702  9.599   1.00 53.96  ? 213 MET A CG  1 
ATOM   1753 S  SD  . MET A 1 213 ? 7.985   -2.150  9.242   1.00 62.38  ? 213 MET A SD  1 
ATOM   1754 C  CE  . MET A 1 213 ? 8.925   -2.595  7.851   1.00 73.44  ? 213 MET A CE  1 
ATOM   1755 N  N   . TRP A 1 214 ? 5.886   -4.609  12.943  1.00 74.35  ? 214 TRP A N   1 
ATOM   1756 C  CA  . TRP A 1 214 ? 4.676   -4.073  13.562  1.00 70.22  ? 214 TRP A CA  1 
ATOM   1757 C  C   . TRP A 1 214 ? 4.971   -2.632  13.926  1.00 65.79  ? 214 TRP A C   1 
ATOM   1758 O  O   . TRP A 1 214 ? 6.095   -2.314  14.288  1.00 73.80  ? 214 TRP A O   1 
ATOM   1759 C  CB  . TRP A 1 214 ? 4.339   -4.847  14.833  1.00 58.73  ? 214 TRP A CB  1 
ATOM   1760 C  CG  . TRP A 1 214 ? 3.768   -6.201  14.592  1.00 49.22  ? 214 TRP A CG  1 
ATOM   1761 C  CD1 . TRP A 1 214 ? 2.440   -6.539  14.514  1.00 49.40  ? 214 TRP A CD1 1 
ATOM   1762 C  CD2 . TRP A 1 214 ? 4.502   -7.416  14.433  1.00 48.53  ? 214 TRP A CD2 1 
ATOM   1763 N  NE1 . TRP A 1 214 ? 2.305   -7.896  14.325  1.00 44.30  ? 214 TRP A NE1 1 
ATOM   1764 C  CE2 . TRP A 1 214 ? 3.556   -8.459  14.272  1.00 50.19  ? 214 TRP A CE2 1 
ATOM   1765 C  CE3 . TRP A 1 214 ? 5.870   -7.728  14.411  1.00 49.83  ? 214 TRP A CE3 1 
ATOM   1766 C  CZ2 . TRP A 1 214 ? 3.938   -9.795  14.092  1.00 49.67  ? 214 TRP A CZ2 1 
ATOM   1767 C  CZ3 . TRP A 1 214 ? 6.253   -9.060  14.233  1.00 52.11  ? 214 TRP A CZ3 1 
ATOM   1768 C  CH2 . TRP A 1 214 ? 5.286   -10.076 14.076  1.00 66.43  ? 214 TRP A CH2 1 
ATOM   1769 N  N   . LEU A 1 215 ? 3.974   -1.763  13.828  1.00 65.75  ? 215 LEU A N   1 
ATOM   1770 C  CA  . LEU A 1 215 ? 4.164   -0.357  14.159  1.00 73.30  ? 215 LEU A CA  1 
ATOM   1771 C  C   . LEU A 1 215 ? 3.431   0.003   15.442  1.00 84.28  ? 215 LEU A C   1 
ATOM   1772 O  O   . LEU A 1 215 ? 2.377   -0.570  15.745  1.00 71.22  ? 215 LEU A O   1 
ATOM   1773 C  CB  . LEU A 1 215 ? 3.650   0.538   13.030  1.00 61.35  ? 215 LEU A CB  1 
ATOM   1774 C  CG  . LEU A 1 215 ? 4.390   0.513   11.698  1.00 64.85  ? 215 LEU A CG  1 
ATOM   1775 C  CD1 . LEU A 1 215 ? 3.728   1.501   10.750  1.00 82.75  ? 215 LEU A CD1 1 
ATOM   1776 C  CD2 . LEU A 1 215 ? 5.843   0.882   11.901  1.00 58.77  ? 215 LEU A CD2 1 
ATOM   1777 N  N   . GLU A 1 216 ? 3.990   0.957   16.188  1.00 91.35  ? 216 GLU A N   1 
ATOM   1778 C  CA  . GLU A 1 216 ? 3.385   1.411   17.438  1.00 100.31 ? 216 GLU A CA  1 
ATOM   1779 C  C   . GLU A 1 216 ? 2.046   2.081   17.137  1.00 101.11 ? 216 GLU A C   1 
ATOM   1780 O  O   . GLU A 1 216 ? 1.762   2.294   15.938  1.00 99.02  ? 216 GLU A O   1 
ATOM   1781 C  CB  . GLU A 1 216 ? 4.303   2.413   18.155  1.00 99.77  ? 216 GLU A CB  1 
ATOM   1782 C  CG  . GLU A 1 216 ? 5.676   1.867   18.546  1.00 100.45 ? 216 GLU A CG  1 
ATOM   1783 C  CD  . GLU A 1 216 ? 6.551   2.911   19.227  1.00 100.28 ? 216 GLU A CD  1 
ATOM   1784 O  OE1 . GLU A 1 216 ? 6.633   4.049   18.707  1.00 97.03  ? 216 GLU A OE1 1 
ATOM   1785 O  OE2 . GLU A 1 216 ? 7.164   2.594   20.272  1.00 80.18  ? 216 GLU A OE2 1 
ATOM   1786 O  OXT . GLU A 1 216 ? 1.306   2.391   18.097  1.00 97.52  ? 216 GLU A OXT 1 
HETATM 1787 ZN ZN  . ZN  B 2 .   ? 5.876   -1.958  -2.158  1.00 131.48 ? 300 ZN  A ZN  1 
# 
